data_9B3Y
#
_entry.id   9B3Y
#
_cell.length_a   1.00
_cell.length_b   1.00
_cell.length_c   1.00
_cell.angle_alpha   90.00
_cell.angle_beta   90.00
_cell.angle_gamma   90.00
#
_symmetry.space_group_name_H-M   'P 1'
#
loop_
_entity.id
_entity.type
_entity.pdbx_description
1 polymer 'Transient receptor potential cation channel subfamily V member 2'
2 non-polymer 1,2-DIDECANOYL-SN-GLYCERO-3-PHOSPHOETHANOLAMINE
3 non-polymer '4-(dipropylsulfamoyl)benzoic acid'
#
_entity_poly.entity_id   1
_entity_poly.type   'polypeptide(L)'
_entity_poly.pdbx_seq_one_letter_code
;MTSASSPPAFRLETSDGDEEGNAEVNKGKQEPPPMESPFQREDRNSSPQIKVNLNFIKRPPKNTSAPSQQEPDRFDRDRL
FSVVSRGVPEELTGLLEYLRWNSKYLTDSAYTEGSTGKTCLMKAVLNLQDGVNACIMPLLQIDKDSGNPKLLVNAQCTDE
FYQGHSALHIAIEKRSLQCVKLLVENGADVHLRACGRFFQKHQGTCFYFGELPLSLAACTKQWDVVTYLLENPHQPASLE
ATDSLGNTVLHALVMIADNSPENSALVIHMYDGLLQMGARLCPTVQLEEISNHQGLTPLKLAAKEGKIEIFRHILQREFS
GPYQPLSRKFTEWCYGPVRVSLYDLSSVDSWEKNSVLEIIAFHCKSPNRHRMVVLEPLNKLLQEKWDRLVSRFFFNFACY
LVYMFIFTVVAYHQPSLDQPAIPSSKATFGESMLLLGHILILLGGIYLLLGQLWYFWRRRLFIWISFMDSYFEILFLLQA
LLTVLSQVLRFMETEWYLPLLVLSLVLGWLNLLYYTRGFQHTGIYSVMIQKVILRDLLRFLLVYLVFLFGFAVALVSLSR
EARSPKAPEDNNSTVTEQPTVGQEEEPAPYRSILDASLELFKFTIGMGELAFQEQLRFRGVVLLLLLAYVLLTYVLLLNM
LIALMSETVNHVADNSWSIWKLQKAISVLEMENGYWWCRRKKHREGRLLKVGTRGDGTPDERWCFRVEEVNWAAWEKTLP
TLSAAPSGPGITGNKKNPTSKPGKNSASEEDHLPLQVLQSP
;
_entity_poly.pdbx_strand_id   A,B,C,D
#
loop_
_chem_comp.id
_chem_comp.type
_chem_comp.name
_chem_comp.formula
PEX non-polymer 1,2-DIDECANOYL-SN-GLYCERO-3-PHOSPHOETHANOLAMINE 'C25 H49 N O8 P -1'
RTO non-polymer '4-(dipropylsulfamoyl)benzoic acid' 'C13 H19 N O4 S'
#
# COMPACT_ATOMS: atom_id res chain seq x y z
N ARG A 74 -5.37 -71.65 -13.38
CA ARG A 74 -4.00 -71.62 -12.80
C ARG A 74 -4.04 -70.92 -11.44
N PHE A 75 -4.70 -69.77 -11.27
CA PHE A 75 -4.66 -68.97 -10.03
C PHE A 75 -3.24 -68.58 -9.56
N ASP A 76 -2.51 -68.15 -10.48
CA ASP A 76 -1.32 -67.35 -10.18
C ASP A 76 -1.71 -65.93 -9.70
N ARG A 77 -0.68 -65.14 -9.32
CA ARG A 77 -0.90 -63.77 -8.79
C ARG A 77 -1.56 -62.87 -9.82
N ASP A 78 -1.16 -62.96 -11.09
CA ASP A 78 -1.63 -62.04 -12.12
C ASP A 78 -3.10 -62.30 -12.51
N ARG A 79 -3.59 -63.56 -12.45
CA ARG A 79 -5.04 -63.83 -12.45
C ARG A 79 -5.70 -63.23 -11.22
N LEU A 80 -5.23 -63.54 -10.02
CA LEU A 80 -5.92 -63.10 -8.80
C LEU A 80 -6.01 -61.56 -8.70
N PHE A 81 -4.91 -60.86 -8.96
CA PHE A 81 -4.86 -59.39 -8.91
C PHE A 81 -5.76 -58.74 -9.97
N SER A 82 -5.92 -59.36 -11.14
CA SER A 82 -6.87 -58.85 -12.14
C SER A 82 -8.33 -59.23 -11.80
N VAL A 83 -8.58 -60.38 -11.17
CA VAL A 83 -9.92 -60.78 -10.66
C VAL A 83 -10.43 -59.83 -9.57
N VAL A 84 -9.69 -59.61 -8.49
CA VAL A 84 -10.14 -58.74 -7.39
C VAL A 84 -10.28 -57.27 -7.80
N SER A 85 -9.59 -56.84 -8.87
CA SER A 85 -9.74 -55.48 -9.40
C SER A 85 -11.08 -55.24 -10.12
N ARG A 86 -11.71 -56.32 -10.62
CA ARG A 86 -13.00 -56.20 -11.38
C ARG A 86 -14.20 -56.11 -10.42
N GLY A 87 -14.06 -56.60 -9.20
CA GLY A 87 -15.13 -56.62 -8.20
C GLY A 87 -16.13 -57.77 -8.35
N VAL A 88 -15.86 -58.75 -9.21
CA VAL A 88 -16.71 -59.95 -9.41
C VAL A 88 -16.19 -61.10 -8.54
N PRO A 89 -16.94 -61.55 -7.51
CA PRO A 89 -16.44 -62.56 -6.57
C PRO A 89 -16.41 -63.98 -7.17
N GLU A 90 -17.26 -64.27 -8.15
CA GLU A 90 -17.47 -65.63 -8.66
C GLU A 90 -16.24 -66.20 -9.41
N GLU A 91 -15.41 -65.33 -10.00
CA GLU A 91 -14.18 -65.71 -10.71
C GLU A 91 -13.07 -66.25 -9.78
N LEU A 92 -13.24 -66.18 -8.45
CA LEU A 92 -12.39 -66.82 -7.46
C LEU A 92 -12.64 -68.35 -7.35
N THR A 93 -13.65 -68.89 -8.04
CA THR A 93 -14.03 -70.31 -7.97
C THR A 93 -12.86 -71.24 -8.34
N GLY A 94 -12.40 -72.05 -7.39
CA GLY A 94 -11.24 -72.95 -7.53
C GLY A 94 -9.94 -72.45 -6.90
N LEU A 95 -9.87 -71.21 -6.41
CA LEU A 95 -8.69 -70.69 -5.71
C LEU A 95 -8.36 -71.49 -4.44
N LEU A 96 -9.39 -71.94 -3.71
CA LEU A 96 -9.21 -72.81 -2.53
C LEU A 96 -8.48 -74.09 -2.90
N GLU A 97 -8.91 -74.77 -3.97
CA GLU A 97 -8.31 -76.03 -4.41
C GLU A 97 -6.85 -75.86 -4.85
N TYR A 98 -6.54 -74.79 -5.58
CA TYR A 98 -5.17 -74.53 -6.03
C TYR A 98 -4.23 -74.22 -4.85
N LEU A 99 -4.65 -73.37 -3.90
CA LEU A 99 -3.87 -73.05 -2.71
C LEU A 99 -3.60 -74.30 -1.86
N ARG A 100 -4.64 -75.11 -1.59
CA ARG A 100 -4.52 -76.37 -0.83
C ARG A 100 -3.65 -77.41 -1.53
N TRP A 101 -3.81 -77.59 -2.85
CA TRP A 101 -3.04 -78.59 -3.62
C TRP A 101 -1.55 -78.25 -3.71
N ASN A 102 -1.20 -76.96 -3.82
CA ASN A 102 0.18 -76.48 -3.76
C ASN A 102 0.72 -76.32 -2.32
N SER A 103 -0.15 -76.33 -1.30
CA SER A 103 0.12 -76.01 0.12
C SER A 103 0.59 -74.56 0.36
N LYS A 104 0.18 -73.61 -0.49
CA LYS A 104 0.59 -72.20 -0.45
C LYS A 104 -0.48 -71.30 0.18
N TYR A 105 -0.08 -70.08 0.55
CA TYR A 105 -0.93 -69.08 1.22
C TYR A 105 -0.94 -67.74 0.46
N LEU A 106 -2.05 -66.99 0.53
CA LEU A 106 -2.19 -65.68 -0.12
C LEU A 106 -1.24 -64.59 0.42
N THR A 107 -0.57 -64.83 1.56
CA THR A 107 0.45 -63.94 2.14
C THR A 107 1.89 -64.41 1.91
N ASP A 108 2.11 -65.50 1.15
CA ASP A 108 3.44 -65.89 0.69
C ASP A 108 3.91 -64.97 -0.47
N SER A 109 5.23 -64.83 -0.66
CA SER A 109 5.83 -63.90 -1.63
C SER A 109 5.27 -64.04 -3.05
N ALA A 110 4.96 -65.27 -3.48
CA ALA A 110 4.37 -65.58 -4.78
C ALA A 110 3.05 -64.82 -5.10
N TYR A 111 2.32 -64.34 -4.08
CA TYR A 111 1.06 -63.58 -4.24
C TYR A 111 1.21 -62.09 -3.90
N THR A 112 2.40 -61.51 -4.04
CA THR A 112 2.69 -60.10 -3.72
C THR A 112 3.18 -59.29 -4.92
N GLU A 113 2.84 -58.00 -4.98
CA GLU A 113 3.32 -57.09 -6.03
C GLU A 113 4.84 -56.85 -5.94
N GLY A 114 5.49 -56.55 -7.07
CA GLY A 114 6.94 -56.43 -7.17
C GLY A 114 7.55 -55.26 -6.37
N SER A 115 8.75 -55.47 -5.83
CA SER A 115 9.52 -54.50 -5.04
C SER A 115 8.83 -53.98 -3.77
N THR A 116 7.86 -54.73 -3.25
CA THR A 116 7.10 -54.42 -2.02
C THR A 116 6.54 -55.72 -1.40
N GLY A 117 5.60 -55.64 -0.45
CA GLY A 117 4.89 -56.79 0.14
C GLY A 117 3.38 -56.81 -0.15
N LYS A 118 2.91 -55.89 -0.99
CA LYS A 118 1.51 -55.57 -1.26
C LYS A 118 0.72 -56.79 -1.74
N THR A 119 -0.33 -57.16 -1.01
CA THR A 119 -1.10 -58.40 -1.22
C THR A 119 -2.34 -58.19 -2.10
N CYS A 120 -2.97 -59.30 -2.49
CA CYS A 120 -4.27 -59.31 -3.16
C CYS A 120 -5.37 -58.56 -2.41
N LEU A 121 -5.37 -58.56 -1.06
CA LEU A 121 -6.34 -57.79 -0.28
C LEU A 121 -6.11 -56.28 -0.43
N MET A 122 -4.87 -55.81 -0.48
CA MET A 122 -4.60 -54.40 -0.76
C MET A 122 -5.07 -54.04 -2.19
N LYS A 123 -4.80 -54.90 -3.18
CA LYS A 123 -5.30 -54.76 -4.56
C LYS A 123 -6.84 -54.70 -4.64
N ALA A 124 -7.54 -55.47 -3.80
CA ALA A 124 -8.99 -55.45 -3.66
C ALA A 124 -9.51 -54.15 -3.04
N VAL A 125 -8.92 -53.70 -1.92
CA VAL A 125 -9.34 -52.48 -1.20
C VAL A 125 -8.98 -51.20 -1.95
N LEU A 126 -7.97 -51.18 -2.82
CA LEU A 126 -7.71 -50.07 -3.73
C LEU A 126 -8.78 -49.88 -4.82
N ASN A 127 -9.66 -50.87 -5.04
CA ASN A 127 -10.64 -50.93 -6.13
C ASN A 127 -12.08 -51.04 -5.62
N LEU A 128 -12.46 -50.26 -4.60
CA LEU A 128 -13.85 -50.18 -4.12
C LEU A 128 -14.77 -49.56 -5.17
N GLN A 129 -16.00 -50.08 -5.29
CA GLN A 129 -17.04 -49.62 -6.21
C GLN A 129 -18.23 -49.13 -5.38
N ASP A 130 -18.62 -47.86 -5.51
CA ASP A 130 -19.67 -47.25 -4.69
C ASP A 130 -19.48 -47.43 -3.16
N GLY A 131 -18.22 -47.49 -2.72
CA GLY A 131 -17.83 -47.64 -1.31
C GLY A 131 -17.51 -49.07 -0.82
N VAL A 132 -17.67 -50.12 -1.65
CA VAL A 132 -17.39 -51.52 -1.24
C VAL A 132 -16.85 -52.38 -2.41
N ASN A 133 -16.06 -53.43 -2.13
CA ASN A 133 -15.67 -54.44 -3.12
C ASN A 133 -16.22 -55.82 -2.69
N ALA A 134 -17.07 -56.42 -3.52
CA ALA A 134 -17.72 -57.70 -3.22
C ALA A 134 -16.76 -58.90 -3.09
N CYS A 135 -15.52 -58.79 -3.57
CA CYS A 135 -14.51 -59.85 -3.46
C CYS A 135 -13.91 -59.99 -2.06
N ILE A 136 -13.95 -58.96 -1.20
CA ILE A 136 -13.22 -58.97 0.08
C ILE A 136 -13.74 -60.07 1.01
N MET A 137 -15.05 -60.17 1.21
CA MET A 137 -15.64 -61.20 2.08
C MET A 137 -15.26 -62.64 1.65
N PRO A 138 -15.44 -63.07 0.38
CA PRO A 138 -14.98 -64.39 -0.05
C PRO A 138 -13.46 -64.53 -0.08
N LEU A 139 -12.68 -63.50 -0.42
CA LEU A 139 -11.21 -63.58 -0.37
C LEU A 139 -10.70 -63.84 1.06
N LEU A 140 -11.31 -63.19 2.05
CA LEU A 140 -11.01 -63.44 3.47
C LEU A 140 -11.48 -64.82 3.93
N GLN A 141 -12.60 -65.30 3.41
CA GLN A 141 -12.94 -66.71 3.77
C GLN A 141 -11.86 -67.61 3.15
N ILE A 142 -11.56 -67.43 1.87
CA ILE A 142 -10.58 -68.29 1.18
C ILE A 142 -9.26 -68.35 1.97
N ASP A 143 -8.75 -67.23 2.49
CA ASP A 143 -7.58 -67.23 3.37
C ASP A 143 -7.83 -68.03 4.66
N LYS A 144 -8.99 -67.82 5.29
CA LYS A 144 -9.43 -68.49 6.52
C LYS A 144 -9.60 -70.01 6.34
N ASP A 145 -10.11 -70.44 5.18
CA ASP A 145 -10.22 -71.84 4.78
C ASP A 145 -8.89 -72.44 4.31
N SER A 146 -7.92 -71.64 3.86
CA SER A 146 -6.58 -72.12 3.50
C SER A 146 -5.71 -72.47 4.71
N GLY A 147 -6.07 -72.05 5.93
CA GLY A 147 -5.33 -72.42 7.15
C GLY A 147 -4.02 -71.65 7.35
N ASN A 148 -3.98 -70.40 6.87
CA ASN A 148 -2.80 -69.54 6.86
C ASN A 148 -2.31 -69.19 8.29
N PRO A 149 -1.03 -69.39 8.64
CA PRO A 149 -0.46 -68.98 9.93
C PRO A 149 -0.21 -67.46 10.06
N LYS A 150 -0.26 -66.71 8.96
CA LYS A 150 0.00 -65.25 8.88
C LYS A 150 -1.14 -64.57 8.12
N LEU A 151 -2.25 -64.31 8.83
CA LEU A 151 -3.56 -63.93 8.27
C LEU A 151 -3.49 -62.74 7.29
N LEU A 152 -4.29 -62.80 6.22
CA LEU A 152 -4.27 -61.84 5.12
C LEU A 152 -4.61 -60.39 5.52
N VAL A 153 -5.46 -60.20 6.53
CA VAL A 153 -5.76 -58.87 7.08
C VAL A 153 -4.59 -58.23 7.84
N ASN A 154 -3.68 -59.03 8.40
CA ASN A 154 -2.55 -58.56 9.22
C ASN A 154 -1.22 -58.53 8.46
N ALA A 155 -1.16 -59.03 7.23
CA ALA A 155 -0.02 -58.88 6.34
C ALA A 155 0.17 -57.41 5.92
N GLN A 156 1.43 -57.01 5.74
CA GLN A 156 1.82 -55.61 5.54
C GLN A 156 2.87 -55.50 4.42
N CYS A 157 3.00 -54.31 3.82
CA CYS A 157 4.13 -54.00 2.96
C CYS A 157 5.46 -54.03 3.73
N THR A 158 6.57 -54.32 3.06
CA THR A 158 7.86 -54.69 3.67
C THR A 158 9.06 -53.88 3.19
N ASP A 159 8.93 -53.09 2.14
CA ASP A 159 10.02 -52.26 1.59
C ASP A 159 10.28 -51.00 2.44
N GLU A 160 11.44 -50.37 2.27
CA GLU A 160 11.87 -49.25 3.12
C GLU A 160 10.96 -48.02 3.08
N PHE A 161 10.12 -47.84 2.05
CA PHE A 161 9.18 -46.72 1.97
C PHE A 161 7.83 -47.07 2.58
N TYR A 162 7.24 -48.22 2.25
CA TYR A 162 5.87 -48.55 2.67
C TYR A 162 5.80 -49.55 3.82
N GLN A 163 6.89 -49.84 4.53
CA GLN A 163 6.91 -50.83 5.61
C GLN A 163 5.75 -50.67 6.60
N GLY A 164 5.05 -51.76 6.91
CA GLY A 164 3.96 -51.77 7.88
C GLY A 164 2.61 -51.25 7.35
N HIS A 165 2.56 -50.71 6.15
CA HIS A 165 1.31 -50.34 5.49
C HIS A 165 0.41 -51.56 5.28
N SER A 166 -0.90 -51.42 5.52
CA SER A 166 -1.83 -52.54 5.55
C SER A 166 -3.14 -52.20 4.86
N ALA A 167 -3.92 -53.22 4.53
CA ALA A 167 -5.23 -53.05 3.91
C ALA A 167 -6.17 -52.14 4.73
N LEU A 168 -6.07 -52.15 6.06
CA LEU A 168 -6.86 -51.27 6.93
C LEU A 168 -6.46 -49.79 6.77
N HIS A 169 -5.17 -49.47 6.65
CA HIS A 169 -4.75 -48.11 6.31
C HIS A 169 -5.21 -47.66 4.92
N ILE A 170 -5.33 -48.59 3.95
CA ILE A 170 -5.92 -48.29 2.64
C ILE A 170 -7.41 -48.00 2.79
N ALA A 171 -8.14 -48.86 3.50
CA ALA A 171 -9.58 -48.71 3.73
C ALA A 171 -9.94 -47.37 4.39
N ILE A 172 -9.14 -46.92 5.35
CA ILE A 172 -9.36 -45.64 6.02
C ILE A 172 -9.01 -44.48 5.09
N GLU A 173 -7.90 -44.50 4.35
CA GLU A 173 -7.58 -43.40 3.44
C GLU A 173 -8.58 -43.26 2.29
N LYS A 174 -9.07 -44.38 1.75
CA LYS A 174 -10.18 -44.45 0.78
C LYS A 174 -11.55 -44.09 1.38
N ARG A 175 -11.63 -43.73 2.66
CA ARG A 175 -12.82 -43.26 3.40
C ARG A 175 -14.00 -44.23 3.49
N SER A 176 -13.78 -45.54 3.35
CA SER A 176 -14.87 -46.52 3.42
C SER A 176 -15.06 -47.08 4.82
N LEU A 177 -16.02 -46.54 5.58
CA LEU A 177 -16.44 -47.12 6.85
C LEU A 177 -16.93 -48.56 6.66
N GLN A 178 -17.61 -48.86 5.55
CA GLN A 178 -18.10 -50.20 5.23
C GLN A 178 -16.94 -51.20 5.11
N CYS A 179 -15.84 -50.80 4.49
CA CYS A 179 -14.65 -51.66 4.37
C CYS A 179 -13.88 -51.75 5.69
N VAL A 180 -13.76 -50.66 6.46
CA VAL A 180 -13.16 -50.70 7.81
C VAL A 180 -13.89 -51.70 8.71
N LYS A 181 -15.22 -51.63 8.75
CA LYS A 181 -16.06 -52.60 9.46
C LYS A 181 -15.78 -54.03 8.98
N LEU A 182 -15.84 -54.29 7.67
CA LEU A 182 -15.62 -55.63 7.12
C LEU A 182 -14.24 -56.22 7.49
N LEU A 183 -13.19 -55.40 7.46
CA LEU A 183 -11.84 -55.81 7.85
C LEU A 183 -11.71 -56.08 9.35
N VAL A 184 -12.19 -55.18 10.20
CA VAL A 184 -12.11 -55.31 11.66
C VAL A 184 -13.00 -56.45 12.19
N GLU A 185 -14.18 -56.66 11.61
CA GLU A 185 -15.04 -57.82 11.89
C GLU A 185 -14.34 -59.16 11.57
N ASN A 186 -13.48 -59.20 10.56
CA ASN A 186 -12.65 -60.36 10.23
C ASN A 186 -11.29 -60.39 10.96
N GLY A 187 -11.09 -59.53 11.95
CA GLY A 187 -9.91 -59.58 12.84
C GLY A 187 -8.69 -58.79 12.38
N ALA A 188 -8.85 -57.80 11.50
CA ALA A 188 -7.76 -56.90 11.13
C ALA A 188 -7.23 -56.14 12.35
N ASP A 189 -5.94 -56.25 12.63
CA ASP A 189 -5.33 -55.64 13.81
C ASP A 189 -5.35 -54.10 13.73
N VAL A 190 -6.12 -53.48 14.60
CA VAL A 190 -6.31 -52.03 14.67
C VAL A 190 -5.03 -51.29 15.11
N HIS A 191 -3.99 -51.97 15.61
CA HIS A 191 -2.76 -51.36 16.10
C HIS A 191 -1.53 -51.57 15.20
N LEU A 192 -1.72 -51.95 13.94
CA LEU A 192 -0.64 -52.05 12.95
C LEU A 192 -0.04 -50.68 12.66
N ARG A 193 1.29 -50.55 12.66
CA ARG A 193 1.99 -49.29 12.42
C ARG A 193 2.54 -49.21 11.00
N ALA A 194 1.98 -48.32 10.19
CA ALA A 194 2.55 -47.93 8.90
C ALA A 194 3.78 -47.04 9.14
N CYS A 195 4.97 -47.63 9.19
CA CYS A 195 6.16 -47.03 9.77
C CYS A 195 7.34 -46.83 8.80
N GLY A 196 7.24 -47.30 7.56
CA GLY A 196 8.23 -47.07 6.52
C GLY A 196 8.40 -45.59 6.14
N ARG A 197 9.50 -45.23 5.47
CA ARG A 197 9.88 -43.80 5.24
C ARG A 197 8.83 -42.93 4.59
N PHE A 198 7.92 -43.49 3.81
CA PHE A 198 6.85 -42.66 3.27
C PHE A 198 5.95 -42.07 4.38
N PHE A 199 5.79 -42.76 5.49
CA PHE A 199 4.93 -42.38 6.61
C PHE A 199 5.64 -41.63 7.72
N GLN A 200 6.95 -41.52 7.67
CA GLN A 200 7.74 -40.70 8.59
C GLN A 200 7.66 -39.22 8.19
N LYS A 201 8.03 -38.29 9.08
CA LYS A 201 8.03 -36.85 8.77
C LYS A 201 9.44 -36.40 8.35
N HIS A 202 9.56 -35.91 7.11
CA HIS A 202 10.80 -35.44 6.48
C HIS A 202 10.53 -34.47 5.33
N GLN A 203 11.57 -33.84 4.79
CA GLN A 203 11.48 -32.82 3.76
C GLN A 203 11.11 -33.30 2.34
N GLY A 204 11.10 -34.60 2.09
CA GLY A 204 10.76 -35.22 0.80
C GLY A 204 9.27 -35.48 0.60
N THR A 205 8.97 -36.42 -0.29
CA THR A 205 7.61 -36.96 -0.47
C THR A 205 7.25 -37.88 0.67
N CYS A 206 6.32 -37.45 1.52
CA CYS A 206 5.84 -38.22 2.67
C CYS A 206 4.42 -37.79 3.06
N PHE A 207 3.79 -38.61 3.91
CA PHE A 207 2.49 -38.36 4.53
C PHE A 207 2.50 -38.90 5.97
N TYR A 208 2.91 -38.07 6.93
CA TYR A 208 2.80 -38.40 8.35
C TYR A 208 1.36 -38.21 8.84
N PHE A 209 0.81 -39.24 9.48
CA PHE A 209 -0.52 -39.24 10.10
C PHE A 209 -0.46 -39.83 11.52
N GLY A 210 0.70 -39.83 12.15
CA GLY A 210 1.02 -40.86 13.14
C GLY A 210 1.42 -42.12 12.37
N GLU A 211 1.18 -43.30 12.91
CA GLU A 211 1.38 -44.57 12.16
C GLU A 211 0.19 -45.53 12.25
N LEU A 212 -0.78 -45.26 13.11
CA LEU A 212 -1.85 -46.18 13.47
C LEU A 212 -3.14 -45.87 12.69
N PRO A 213 -4.00 -46.88 12.45
CA PRO A 213 -5.35 -46.70 11.94
C PRO A 213 -6.16 -45.61 12.64
N LEU A 214 -6.15 -45.52 13.98
CA LEU A 214 -6.88 -44.47 14.69
C LEU A 214 -6.34 -43.05 14.40
N SER A 215 -5.02 -42.90 14.32
CA SER A 215 -4.40 -41.62 14.01
C SER A 215 -4.64 -41.22 12.55
N LEU A 216 -4.66 -42.17 11.60
CA LEU A 216 -5.07 -41.93 10.23
C LEU A 216 -6.52 -41.45 10.14
N ALA A 217 -7.45 -42.12 10.82
CA ALA A 217 -8.86 -41.75 10.83
C ALA A 217 -9.09 -40.35 11.41
N ALA A 218 -8.37 -39.97 12.47
CA ALA A 218 -8.40 -38.62 13.02
C ALA A 218 -7.82 -37.57 12.05
N CYS A 219 -6.66 -37.81 11.44
CA CYS A 219 -6.02 -36.84 10.57
C CYS A 219 -6.73 -36.64 9.22
N THR A 220 -7.41 -37.68 8.72
CA THR A 220 -8.34 -37.62 7.58
C THR A 220 -9.75 -37.16 7.96
N LYS A 221 -9.99 -36.77 9.22
CA LYS A 221 -11.23 -36.12 9.71
C LYS A 221 -12.48 -36.98 9.66
N GLN A 222 -12.38 -38.27 9.98
CA GLN A 222 -13.47 -39.23 9.87
C GLN A 222 -14.08 -39.59 11.23
N TRP A 223 -15.00 -38.79 11.72
CA TRP A 223 -15.50 -39.14 13.06
C TRP A 223 -16.09 -40.56 13.05
N ASP A 224 -16.98 -40.89 12.12
CA ASP A 224 -17.65 -42.19 12.12
C ASP A 224 -16.65 -43.36 12.17
N VAL A 225 -15.56 -43.28 11.41
CA VAL A 225 -14.46 -44.26 11.48
C VAL A 225 -13.72 -44.17 12.81
N VAL A 226 -13.44 -42.97 13.32
CA VAL A 226 -12.81 -42.78 14.65
C VAL A 226 -13.68 -43.38 15.75
N THR A 227 -14.98 -43.10 15.74
CA THR A 227 -15.94 -43.69 16.67
C THR A 227 -15.94 -45.21 16.54
N TYR A 228 -16.01 -45.75 15.32
CA TYR A 228 -16.00 -47.21 15.13
C TYR A 228 -14.70 -47.84 15.64
N LEU A 229 -13.53 -47.33 15.25
CA LEU A 229 -12.26 -47.86 15.71
C LEU A 229 -12.15 -47.79 17.24
N LEU A 230 -12.59 -46.70 17.89
CA LEU A 230 -12.54 -46.54 19.34
C LEU A 230 -13.48 -47.45 20.13
N GLU A 231 -14.70 -47.72 19.64
CA GLU A 231 -15.73 -48.41 20.44
C GLU A 231 -16.47 -49.57 19.76
N ASN A 232 -15.91 -50.16 18.70
CA ASN A 232 -16.33 -51.48 18.21
C ASN A 232 -16.04 -52.60 19.24
N PRO A 233 -16.80 -53.70 19.26
CA PRO A 233 -16.61 -54.79 20.22
C PRO A 233 -15.51 -55.79 19.86
N HIS A 234 -14.97 -55.76 18.63
CA HIS A 234 -14.02 -56.76 18.12
C HIS A 234 -12.59 -56.51 18.58
N GLN A 235 -12.17 -55.24 18.40
CA GLN A 235 -10.84 -54.79 18.84
C GLN A 235 -10.91 -53.26 18.94
N PRO A 236 -11.17 -52.66 20.12
CA PRO A 236 -11.18 -51.22 20.29
C PRO A 236 -9.75 -50.64 20.19
N ALA A 237 -9.60 -49.56 19.45
CA ALA A 237 -8.37 -48.80 19.36
C ALA A 237 -8.04 -48.19 20.73
N SER A 238 -6.85 -48.44 21.27
CA SER A 238 -6.41 -47.79 22.49
C SER A 238 -6.01 -46.35 22.21
N LEU A 239 -6.62 -45.39 22.91
CA LEU A 239 -6.17 -43.98 22.89
C LEU A 239 -4.78 -43.82 23.49
N GLU A 240 -4.27 -44.79 24.24
CA GLU A 240 -2.91 -44.80 24.78
C GLU A 240 -1.86 -45.30 23.77
N ALA A 241 -2.25 -45.83 22.61
CA ALA A 241 -1.33 -46.42 21.64
C ALA A 241 -0.44 -45.37 20.96
N THR A 242 0.80 -45.75 20.66
CA THR A 242 1.85 -44.85 20.18
C THR A 242 2.53 -45.34 18.90
N ASP A 243 2.92 -44.41 18.03
CA ASP A 243 3.76 -44.69 16.87
C ASP A 243 5.26 -44.91 17.22
N SER A 244 6.13 -45.06 16.21
CA SER A 244 7.58 -45.25 16.40
C SER A 244 8.32 -44.07 17.06
N LEU A 245 7.76 -42.86 17.05
CA LEU A 245 8.28 -41.69 17.77
C LEU A 245 7.69 -41.58 19.18
N GLY A 246 6.81 -42.50 19.56
CA GLY A 246 6.04 -42.45 20.81
C GLY A 246 4.83 -41.51 20.73
N ASN A 247 4.50 -40.95 19.58
CA ASN A 247 3.37 -40.04 19.43
C ASN A 247 2.05 -40.80 19.56
N THR A 248 1.18 -40.32 20.45
CA THR A 248 -0.23 -40.69 20.56
C THR A 248 -1.04 -39.94 19.50
N VAL A 249 -2.32 -40.25 19.28
CA VAL A 249 -3.17 -39.52 18.31
C VAL A 249 -3.22 -38.01 18.55
N LEU A 250 -3.06 -37.55 19.80
CA LEU A 250 -3.03 -36.13 20.16
C LEU A 250 -1.71 -35.45 19.78
N HIS A 251 -0.59 -36.16 19.86
CA HIS A 251 0.66 -35.69 19.26
C HIS A 251 0.58 -35.68 17.74
N ALA A 252 -0.06 -36.68 17.13
CA ALA A 252 -0.24 -36.74 15.68
C ALA A 252 -1.06 -35.55 15.17
N LEU A 253 -2.19 -35.22 15.81
CA LEU A 253 -2.98 -34.04 15.48
C LEU A 253 -2.21 -32.73 15.67
N VAL A 254 -1.37 -32.61 16.70
CA VAL A 254 -0.48 -31.45 16.86
C VAL A 254 0.58 -31.38 15.75
N MET A 255 1.14 -32.51 15.31
CA MET A 255 2.09 -32.54 14.21
C MET A 255 1.46 -32.08 12.87
N ILE A 256 0.18 -32.36 12.68
CA ILE A 256 -0.58 -32.13 11.45
C ILE A 256 -1.33 -30.80 11.41
N ALA A 257 -1.43 -30.10 12.54
CA ALA A 257 -1.95 -28.74 12.58
C ALA A 257 -1.12 -27.80 11.70
N ASP A 258 -1.78 -27.00 10.88
CA ASP A 258 -1.24 -25.82 10.20
C ASP A 258 -1.99 -24.60 10.73
N ASN A 259 -1.34 -23.45 10.76
CA ASN A 259 -1.88 -22.26 11.42
C ASN A 259 -2.95 -21.52 10.59
N SER A 260 -3.46 -22.13 9.51
CA SER A 260 -4.57 -21.61 8.72
C SER A 260 -5.91 -21.82 9.43
N PRO A 261 -6.93 -20.99 9.20
CA PRO A 261 -8.19 -21.06 9.95
C PRO A 261 -9.00 -22.32 9.63
N GLU A 262 -8.89 -22.85 8.42
CA GLU A 262 -9.62 -24.06 7.99
C GLU A 262 -9.02 -25.34 8.59
N ASN A 263 -7.70 -25.52 8.56
CA ASN A 263 -7.05 -26.66 9.19
C ASN A 263 -7.19 -26.59 10.71
N SER A 264 -6.76 -25.49 11.33
CA SER A 264 -6.69 -25.40 12.78
C SER A 264 -8.06 -25.56 13.45
N ALA A 265 -9.14 -24.96 12.93
CA ALA A 265 -10.47 -25.13 13.51
C ALA A 265 -10.93 -26.60 13.47
N LEU A 266 -10.65 -27.33 12.40
CA LEU A 266 -11.03 -28.73 12.26
C LEU A 266 -10.13 -29.68 13.09
N VAL A 267 -8.83 -29.38 13.22
CA VAL A 267 -7.93 -30.10 14.14
C VAL A 267 -8.33 -29.88 15.60
N ILE A 268 -8.74 -28.67 15.98
CA ILE A 268 -9.24 -28.35 17.32
C ILE A 268 -10.50 -29.16 17.65
N HIS A 269 -11.45 -29.28 16.72
CA HIS A 269 -12.61 -30.14 16.93
C HIS A 269 -12.25 -31.62 17.04
N MET A 270 -11.37 -32.10 16.16
CA MET A 270 -10.91 -33.50 16.20
C MET A 270 -10.16 -33.83 17.49
N TYR A 271 -9.32 -32.92 17.96
CA TYR A 271 -8.59 -33.04 19.23
C TYR A 271 -9.54 -33.07 20.43
N ASP A 272 -10.47 -32.12 20.53
CA ASP A 272 -11.44 -32.05 21.62
C ASP A 272 -12.34 -33.28 21.69
N GLY A 273 -12.90 -33.76 20.59
CA GLY A 273 -13.75 -34.94 20.64
C GLY A 273 -12.98 -36.21 21.02
N LEU A 274 -11.72 -36.37 20.62
CA LEU A 274 -10.88 -37.48 21.07
C LEU A 274 -10.55 -37.38 22.56
N LEU A 275 -10.28 -36.18 23.06
CA LEU A 275 -10.06 -35.94 24.48
C LEU A 275 -11.33 -36.19 25.32
N GLN A 276 -12.49 -35.71 24.87
CA GLN A 276 -13.79 -36.03 25.47
C GLN A 276 -14.13 -37.52 25.40
N MET A 277 -13.76 -38.24 24.33
CA MET A 277 -13.91 -39.70 24.26
C MET A 277 -12.94 -40.43 25.19
N GLY A 278 -11.72 -39.94 25.38
CA GLY A 278 -10.80 -40.44 26.40
C GLY A 278 -11.39 -40.43 27.81
N ALA A 279 -12.23 -39.44 28.15
CA ALA A 279 -12.93 -39.41 29.45
C ALA A 279 -14.02 -40.50 29.59
N ARG A 280 -14.54 -41.06 28.49
CA ARG A 280 -15.43 -42.23 28.52
C ARG A 280 -14.66 -43.55 28.51
N LEU A 281 -13.72 -43.68 27.57
CA LEU A 281 -13.05 -44.93 27.20
C LEU A 281 -11.82 -45.25 28.06
N CYS A 282 -11.14 -44.23 28.57
CA CYS A 282 -9.91 -44.30 29.34
C CYS A 282 -10.00 -43.39 30.60
N PRO A 283 -11.03 -43.53 31.45
CA PRO A 283 -11.42 -42.47 32.39
C PRO A 283 -10.36 -42.14 33.44
N THR A 284 -9.53 -43.10 33.81
CA THR A 284 -8.40 -42.93 34.75
C THR A 284 -7.12 -42.40 34.10
N VAL A 285 -7.07 -42.24 32.78
CA VAL A 285 -5.84 -41.92 32.04
C VAL A 285 -5.81 -40.45 31.62
N GLN A 286 -4.73 -39.76 31.98
CA GLN A 286 -4.46 -38.38 31.57
C GLN A 286 -3.76 -38.38 30.20
N LEU A 287 -4.53 -38.39 29.11
CA LEU A 287 -4.01 -38.55 27.74
C LEU A 287 -3.01 -37.45 27.32
N GLU A 288 -3.16 -36.27 27.88
CA GLU A 288 -2.27 -35.13 27.70
C GLU A 288 -1.08 -35.12 28.65
N GLU A 289 -0.93 -36.11 29.52
CA GLU A 289 0.28 -36.35 30.31
C GLU A 289 1.13 -37.50 29.74
N ILE A 290 0.67 -38.14 28.66
CA ILE A 290 1.44 -39.15 27.92
C ILE A 290 2.56 -38.44 27.16
N SER A 291 3.79 -38.90 27.31
CA SER A 291 4.99 -38.31 26.71
C SER A 291 5.50 -39.14 25.53
N ASN A 292 5.83 -38.51 24.41
CA ASN A 292 6.50 -39.20 23.30
C ASN A 292 7.99 -39.48 23.64
N HIS A 293 8.77 -40.04 22.71
CA HIS A 293 10.18 -40.38 22.97
C HIS A 293 11.10 -39.17 23.16
N GLN A 294 10.66 -37.96 22.81
CA GLN A 294 11.34 -36.70 23.16
C GLN A 294 10.93 -36.15 24.54
N GLY A 295 10.07 -36.85 25.29
CA GLY A 295 9.55 -36.42 26.57
C GLY A 295 8.44 -35.37 26.50
N LEU A 296 7.88 -35.12 25.32
CA LEU A 296 6.90 -34.07 25.08
C LEU A 296 5.47 -34.63 25.21
N THR A 297 4.64 -33.94 25.99
CA THR A 297 3.18 -34.07 25.94
C THR A 297 2.63 -33.32 24.73
N PRO A 298 1.34 -33.48 24.33
CA PRO A 298 0.77 -32.74 23.23
C PRO A 298 0.89 -31.20 23.34
N LEU A 299 0.72 -30.61 24.53
CA LEU A 299 0.89 -29.16 24.75
C LEU A 299 2.35 -28.72 24.55
N LYS A 300 3.32 -29.48 25.08
CA LYS A 300 4.75 -29.21 24.92
C LYS A 300 5.19 -29.39 23.47
N LEU A 301 4.65 -30.37 22.76
CA LEU A 301 4.91 -30.55 21.33
C LEU A 301 4.34 -29.41 20.49
N ALA A 302 3.17 -28.85 20.82
CA ALA A 302 2.62 -27.71 20.12
C ALA A 302 3.49 -26.44 20.25
N ALA A 303 4.18 -26.27 21.38
CA ALA A 303 5.17 -25.23 21.62
C ALA A 303 6.48 -25.45 20.85
N LYS A 304 7.03 -26.68 20.85
CA LYS A 304 8.26 -26.99 20.14
C LYS A 304 8.12 -26.89 18.63
N GLU A 305 6.99 -27.36 18.09
CA GLU A 305 6.64 -27.26 16.67
C GLU A 305 6.05 -25.89 16.29
N GLY A 306 5.79 -25.00 17.24
CA GLY A 306 5.35 -23.62 16.99
C GLY A 306 3.93 -23.49 16.46
N LYS A 307 3.03 -24.42 16.78
CA LYS A 307 1.68 -24.48 16.25
C LYS A 307 0.74 -23.59 17.04
N ILE A 308 0.74 -22.27 16.82
CA ILE A 308 0.08 -21.31 17.73
C ILE A 308 -1.41 -21.61 17.93
N GLU A 309 -2.15 -22.01 16.90
CA GLU A 309 -3.60 -22.15 16.99
C GLU A 309 -4.05 -23.31 17.89
N ILE A 310 -3.48 -24.50 17.69
CA ILE A 310 -3.73 -25.64 18.59
C ILE A 310 -3.07 -25.44 19.96
N PHE A 311 -1.92 -24.76 20.04
CA PHE A 311 -1.27 -24.41 21.31
C PHE A 311 -2.17 -23.52 22.16
N ARG A 312 -2.62 -22.37 21.61
CA ARG A 312 -3.58 -21.45 22.23
C ARG A 312 -4.84 -22.17 22.66
N HIS A 313 -5.41 -23.03 21.81
CA HIS A 313 -6.62 -23.76 22.17
C HIS A 313 -6.40 -24.67 23.37
N ILE A 314 -5.38 -25.53 23.39
CA ILE A 314 -5.12 -26.43 24.53
C ILE A 314 -4.91 -25.61 25.80
N LEU A 315 -4.05 -24.59 25.72
CA LEU A 315 -3.61 -23.75 26.83
C LEU A 315 -4.76 -23.01 27.53
N GLN A 316 -5.75 -22.54 26.78
CA GLN A 316 -6.87 -21.73 27.25
C GLN A 316 -8.21 -22.50 27.32
N ARG A 317 -8.20 -23.82 27.16
CA ARG A 317 -9.41 -24.65 26.99
C ARG A 317 -10.34 -24.61 28.18
N GLU A 318 -11.64 -24.39 27.94
CA GLU A 318 -12.68 -24.37 28.97
C GLU A 318 -13.91 -25.16 28.51
N PHE A 319 -14.48 -25.99 29.40
CA PHE A 319 -15.68 -26.77 29.16
C PHE A 319 -16.66 -26.66 30.34
N SER A 320 -17.93 -26.98 30.09
CA SER A 320 -19.01 -27.03 31.09
C SER A 320 -19.67 -28.42 31.14
N GLY A 321 -20.24 -28.79 32.28
CA GLY A 321 -20.90 -30.08 32.45
C GLY A 321 -19.91 -31.24 32.60
N PRO A 322 -20.13 -32.41 31.97
CA PRO A 322 -19.34 -33.63 32.19
C PRO A 322 -17.83 -33.48 32.00
N TYR A 323 -17.43 -32.58 31.11
CA TYR A 323 -16.07 -32.40 30.64
C TYR A 323 -15.30 -31.28 31.35
N GLN A 324 -15.81 -30.67 32.41
CA GLN A 324 -15.11 -29.59 33.10
C GLN A 324 -13.65 -29.93 33.52
N PRO A 325 -13.31 -31.12 34.05
CA PRO A 325 -11.93 -31.51 34.37
C PRO A 325 -10.95 -31.55 33.19
N LEU A 326 -11.46 -31.61 31.96
CA LEU A 326 -10.66 -31.48 30.74
C LEU A 326 -10.29 -30.03 30.43
N SER A 327 -10.82 -29.04 31.17
CA SER A 327 -10.41 -27.65 31.05
C SER A 327 -8.99 -27.41 31.55
N ARG A 328 -8.32 -26.43 30.96
CA ARG A 328 -7.14 -25.77 31.55
C ARG A 328 -7.48 -24.38 32.09
N LYS A 329 -8.57 -23.75 31.66
CA LYS A 329 -9.07 -22.45 32.11
C LYS A 329 -10.39 -22.63 32.84
N PHE A 330 -10.54 -22.05 34.02
CA PHE A 330 -11.79 -22.05 34.79
C PHE A 330 -12.21 -20.61 35.07
N THR A 331 -13.33 -20.14 34.54
CA THR A 331 -13.87 -18.82 34.90
C THR A 331 -14.30 -18.81 36.37
N GLU A 332 -13.71 -17.96 37.19
CA GLU A 332 -14.02 -17.81 38.61
C GLU A 332 -15.26 -16.93 38.82
N TRP A 333 -15.28 -15.75 38.21
CA TRP A 333 -16.44 -14.87 38.12
C TRP A 333 -16.37 -13.99 36.87
N CYS A 334 -17.52 -13.50 36.44
CA CYS A 334 -17.66 -12.57 35.34
C CYS A 334 -18.66 -11.48 35.75
N TYR A 335 -18.32 -10.22 35.49
CA TYR A 335 -19.15 -9.07 35.85
C TYR A 335 -18.90 -7.92 34.88
N GLY A 336 -19.88 -7.61 34.03
CA GLY A 336 -19.75 -6.62 32.99
C GLY A 336 -18.64 -7.03 32.02
N PRO A 337 -17.75 -6.12 31.60
CA PRO A 337 -16.67 -6.40 30.68
C PRO A 337 -15.52 -7.22 31.31
N VAL A 338 -15.62 -7.57 32.60
CA VAL A 338 -14.52 -8.17 33.36
C VAL A 338 -14.76 -9.66 33.56
N ARG A 339 -13.79 -10.49 33.14
CA ARG A 339 -13.72 -11.91 33.46
C ARG A 339 -12.53 -12.18 34.34
N VAL A 340 -12.70 -12.93 35.42
CA VAL A 340 -11.59 -13.47 36.21
C VAL A 340 -11.52 -14.98 36.01
N SER A 341 -10.36 -15.49 35.60
CA SER A 341 -10.16 -16.90 35.25
C SER A 341 -8.94 -17.47 35.95
N LEU A 342 -9.04 -18.69 36.45
CA LEU A 342 -7.91 -19.51 36.88
C LEU A 342 -7.38 -20.31 35.70
N TYR A 343 -6.10 -20.20 35.38
CA TYR A 343 -5.44 -21.00 34.36
C TYR A 343 -4.50 -22.03 35.01
N ASP A 344 -4.56 -23.28 34.56
CA ASP A 344 -3.75 -24.40 35.03
C ASP A 344 -2.30 -24.35 34.48
N LEU A 345 -1.31 -24.23 35.36
CA LEU A 345 0.10 -24.06 35.00
C LEU A 345 0.93 -25.36 34.96
N SER A 346 0.33 -26.54 34.99
CA SER A 346 1.03 -27.82 35.21
C SER A 346 2.30 -28.05 34.38
N SER A 347 2.23 -28.05 33.05
CA SER A 347 3.37 -28.14 32.14
C SER A 347 4.04 -26.79 31.83
N VAL A 348 3.53 -25.67 32.37
CA VAL A 348 3.77 -24.32 31.87
C VAL A 348 4.81 -23.54 32.68
N ASP A 349 4.71 -23.58 34.01
CA ASP A 349 5.60 -22.82 34.87
C ASP A 349 7.03 -23.37 34.81
N SER A 350 8.00 -22.47 34.71
CA SER A 350 9.42 -22.73 34.57
C SER A 350 10.08 -23.35 35.81
N TRP A 351 9.33 -23.53 36.89
CA TRP A 351 9.68 -24.37 38.03
C TRP A 351 9.92 -25.83 37.63
N GLU A 352 9.17 -26.34 36.65
CA GLU A 352 9.40 -27.65 36.03
C GLU A 352 10.51 -27.60 34.96
N LYS A 353 11.42 -28.58 34.97
CA LYS A 353 12.42 -28.78 33.91
C LYS A 353 11.76 -29.22 32.61
N ASN A 354 12.19 -28.72 31.45
CA ASN A 354 11.55 -28.99 30.16
C ASN A 354 10.07 -28.58 30.12
N SER A 355 9.74 -27.41 30.68
CA SER A 355 8.41 -26.80 30.64
C SER A 355 8.16 -26.01 29.36
N VAL A 356 6.91 -25.64 29.11
CA VAL A 356 6.47 -24.90 27.91
C VAL A 356 7.19 -23.57 27.72
N LEU A 357 7.49 -22.85 28.81
CA LEU A 357 8.24 -21.60 28.72
C LEU A 357 9.69 -21.82 28.28
N GLU A 358 10.37 -22.83 28.83
CA GLU A 358 11.71 -23.23 28.40
C GLU A 358 11.74 -23.66 26.93
N ILE A 359 10.74 -24.43 26.50
CA ILE A 359 10.55 -24.88 25.12
C ILE A 359 10.39 -23.73 24.14
N ILE A 360 9.49 -22.77 24.37
CA ILE A 360 9.30 -21.63 23.46
C ILE A 360 10.58 -20.80 23.35
N ALA A 361 11.23 -20.55 24.48
CA ALA A 361 12.45 -19.78 24.51
C ALA A 361 13.60 -20.50 23.79
N PHE A 362 13.85 -21.78 24.12
CA PHE A 362 15.13 -22.43 23.82
C PHE A 362 15.05 -23.67 22.91
N HIS A 363 13.90 -24.34 22.76
CA HIS A 363 13.80 -25.57 21.96
C HIS A 363 12.98 -25.42 20.67
N CYS A 364 12.14 -24.39 20.59
CA CYS A 364 11.34 -24.07 19.41
C CYS A 364 12.19 -23.40 18.32
N LYS A 365 12.14 -23.87 17.06
CA LYS A 365 12.86 -23.26 15.91
C LYS A 365 12.10 -22.16 15.17
N SER A 366 10.80 -22.04 15.39
CA SER A 366 9.87 -21.39 14.45
C SER A 366 9.86 -19.85 14.50
N PRO A 367 9.42 -19.16 13.43
CA PRO A 367 9.12 -17.74 13.46
C PRO A 367 8.06 -17.34 14.50
N ASN A 368 7.21 -18.29 14.91
CA ASN A 368 6.02 -18.07 15.73
C ASN A 368 6.30 -17.83 17.22
N ARG A 369 7.53 -17.99 17.73
CA ARG A 369 7.83 -17.93 19.17
C ARG A 369 7.39 -16.63 19.83
N HIS A 370 7.58 -15.51 19.15
CA HIS A 370 7.19 -14.21 19.70
C HIS A 370 5.67 -14.04 19.82
N ARG A 371 4.87 -14.73 18.99
CA ARG A 371 3.40 -14.77 19.09
C ARG A 371 2.91 -15.67 20.22
N MET A 372 3.68 -16.69 20.60
CA MET A 372 3.34 -17.61 21.69
C MET A 372 3.55 -17.03 23.09
N VAL A 373 4.57 -16.21 23.33
CA VAL A 373 4.79 -15.65 24.66
C VAL A 373 3.79 -14.54 25.04
N VAL A 374 3.07 -13.98 24.07
CA VAL A 374 2.06 -12.94 24.30
C VAL A 374 0.63 -13.49 24.48
N LEU A 375 0.42 -14.81 24.52
CA LEU A 375 -0.86 -15.44 24.91
C LEU A 375 -1.09 -15.45 26.42
N GLU A 376 -2.32 -15.41 26.92
CA GLU A 376 -2.59 -15.74 28.32
C GLU A 376 -2.63 -17.27 28.55
N PRO A 377 -2.17 -17.78 29.71
CA PRO A 377 -1.64 -17.06 30.86
C PRO A 377 -0.17 -16.60 30.72
N LEU A 378 0.55 -17.01 29.67
CA LEU A 378 2.00 -16.80 29.50
C LEU A 378 2.42 -15.34 29.59
N ASN A 379 1.68 -14.42 28.99
CA ASN A 379 1.90 -12.98 29.04
C ASN A 379 1.90 -12.43 30.48
N LYS A 380 0.81 -12.63 31.26
CA LYS A 380 0.79 -12.21 32.67
C LYS A 380 1.77 -12.99 33.54
N LEU A 381 1.99 -14.29 33.27
CA LEU A 381 2.95 -15.11 34.00
C LEU A 381 4.42 -14.66 33.80
N LEU A 382 4.80 -14.24 32.59
CA LEU A 382 6.12 -13.70 32.30
C LEU A 382 6.25 -12.26 32.78
N GLN A 383 5.17 -11.46 32.81
CA GLN A 383 5.19 -10.15 33.46
C GLN A 383 5.39 -10.26 34.97
N GLU A 384 4.69 -11.17 35.63
CA GLU A 384 4.86 -11.48 37.06
C GLU A 384 6.28 -11.92 37.40
N LYS A 385 6.89 -12.79 36.59
CA LYS A 385 8.30 -13.18 36.75
C LYS A 385 9.24 -12.02 36.48
N TRP A 386 9.02 -11.22 35.44
CA TRP A 386 9.82 -10.05 35.11
C TRP A 386 9.82 -9.02 36.24
N ASP A 387 8.66 -8.69 36.81
CA ASP A 387 8.52 -7.79 37.95
C ASP A 387 9.29 -8.27 39.20
N ARG A 388 9.36 -9.57 39.44
CA ARG A 388 10.18 -10.17 40.51
C ARG A 388 11.68 -10.14 40.23
N LEU A 389 12.10 -9.92 38.98
CA LEU A 389 13.50 -10.04 38.54
C LEU A 389 14.08 -8.76 37.91
N VAL A 390 13.30 -7.72 37.66
CA VAL A 390 13.76 -6.46 37.04
C VAL A 390 14.86 -5.77 37.85
N SER A 391 14.85 -5.87 39.17
CA SER A 391 15.94 -5.40 40.04
C SER A 391 17.21 -6.23 39.93
N ARG A 392 17.11 -7.53 39.61
CA ARG A 392 18.26 -8.40 39.31
C ARG A 392 18.81 -8.11 37.92
N PHE A 393 17.96 -7.82 36.95
CA PHE A 393 18.34 -7.39 35.61
C PHE A 393 19.15 -6.10 35.65
N PHE A 394 18.70 -5.08 36.38
CA PHE A 394 19.42 -3.82 36.48
C PHE A 394 20.62 -3.84 37.44
N PHE A 395 20.65 -4.72 38.44
CA PHE A 395 21.87 -5.02 39.18
C PHE A 395 22.94 -5.64 38.26
N ASN A 396 22.57 -6.63 37.45
CA ASN A 396 23.47 -7.25 36.47
C ASN A 396 24.02 -6.24 35.44
N PHE A 397 23.20 -5.30 34.99
CA PHE A 397 23.58 -4.15 34.17
C PHE A 397 24.55 -3.20 34.87
N ALA A 398 24.30 -2.84 36.14
CA ALA A 398 25.18 -1.96 36.92
C ALA A 398 26.55 -2.59 37.20
N CYS A 399 26.64 -3.90 37.49
CA CYS A 399 27.92 -4.60 37.57
C CYS A 399 28.68 -4.54 36.24
N TYR A 400 27.97 -4.70 35.13
CA TYR A 400 28.59 -4.67 33.81
C TYR A 400 29.00 -3.24 33.42
N LEU A 401 28.26 -2.20 33.80
CA LEU A 401 28.70 -0.81 33.69
C LEU A 401 29.98 -0.54 34.49
N VAL A 402 30.06 -0.99 35.73
CA VAL A 402 31.25 -0.83 36.59
C VAL A 402 32.45 -1.58 36.02
N TYR A 403 32.25 -2.81 35.54
CA TYR A 403 33.27 -3.56 34.81
C TYR A 403 33.72 -2.82 33.54
N MET A 404 32.80 -2.29 32.73
CA MET A 404 33.15 -1.51 31.55
C MET A 404 33.75 -0.12 31.83
N PHE A 405 33.43 0.51 32.96
CA PHE A 405 34.11 1.71 33.44
C PHE A 405 35.57 1.41 33.78
N ILE A 406 35.83 0.39 34.61
CA ILE A 406 37.17 -0.09 34.97
C ILE A 406 37.93 -0.51 33.71
N PHE A 407 37.31 -1.26 32.78
CA PHE A 407 37.91 -1.63 31.51
C PHE A 407 38.38 -0.40 30.73
N THR A 408 37.55 0.64 30.68
CA THR A 408 37.84 1.87 29.92
C THR A 408 38.95 2.71 30.57
N VAL A 409 38.91 2.89 31.88
CA VAL A 409 39.88 3.62 32.72
C VAL A 409 41.24 2.92 32.78
N VAL A 410 41.31 1.63 32.44
CA VAL A 410 42.54 0.83 32.32
C VAL A 410 43.04 0.68 30.88
N ALA A 411 42.16 0.73 29.88
CA ALA A 411 42.56 0.74 28.47
C ALA A 411 43.02 2.15 28.02
N TYR A 412 42.28 3.19 28.40
CA TYR A 412 42.86 4.52 28.59
C TYR A 412 43.83 4.44 29.80
N HIS A 413 44.80 5.32 29.94
CA HIS A 413 45.87 5.21 30.96
C HIS A 413 46.77 3.95 30.88
N GLN A 414 46.82 3.23 29.75
CA GLN A 414 47.90 2.27 29.51
C GLN A 414 49.26 2.98 29.45
N PRO A 415 50.35 2.36 29.93
CA PRO A 415 51.71 2.89 29.81
C PRO A 415 52.24 2.76 28.37
N SER A 416 53.33 3.45 28.08
CA SER A 416 54.06 3.31 26.81
C SER A 416 54.58 1.88 26.61
N LEU A 417 54.65 1.42 25.36
CA LEU A 417 54.80 0.01 25.01
C LEU A 417 55.72 -0.15 23.79
N PHE A 429 51.14 5.63 43.46
CA PHE A 429 49.78 5.12 43.69
C PHE A 429 49.09 4.77 42.36
N GLY A 430 49.30 5.55 41.31
CA GLY A 430 48.68 5.31 40.00
C GLY A 430 49.08 3.96 39.39
N GLU A 431 50.31 3.50 39.59
CA GLU A 431 50.80 2.23 39.08
C GLU A 431 50.20 1.01 39.81
N SER A 432 50.01 1.06 41.14
CA SER A 432 49.35 -0.02 41.87
C SER A 432 47.84 -0.05 41.64
N MET A 433 47.19 1.11 41.48
CA MET A 433 45.79 1.17 41.03
C MET A 433 45.61 0.68 39.59
N LEU A 434 46.57 0.90 38.69
CA LEU A 434 46.56 0.29 37.35
C LEU A 434 46.68 -1.24 37.45
N LEU A 435 47.58 -1.77 38.27
CA LEU A 435 47.69 -3.21 38.49
C LEU A 435 46.40 -3.82 39.05
N LEU A 436 45.78 -3.17 40.06
CA LEU A 436 44.47 -3.57 40.58
C LEU A 436 43.43 -3.60 39.46
N GLY A 437 43.37 -2.57 38.61
CA GLY A 437 42.49 -2.52 37.46
C GLY A 437 42.66 -3.70 36.52
N HIS A 438 43.90 -4.09 36.21
CA HIS A 438 44.17 -5.29 35.40
C HIS A 438 43.70 -6.58 36.06
N ILE A 439 43.86 -6.74 37.38
CA ILE A 439 43.36 -7.91 38.10
C ILE A 439 41.83 -7.93 38.14
N LEU A 440 41.16 -6.81 38.39
CA LEU A 440 39.70 -6.74 38.30
C LEU A 440 39.18 -7.05 36.90
N ILE A 441 39.87 -6.64 35.83
CA ILE A 441 39.52 -7.01 34.45
C ILE A 441 39.76 -8.49 34.19
N LEU A 442 40.84 -9.08 34.69
CA LEU A 442 41.08 -10.53 34.59
C LEU A 442 39.96 -11.32 35.29
N LEU A 443 39.61 -10.96 36.52
CA LEU A 443 38.56 -11.62 37.28
C LEU A 443 37.16 -11.42 36.66
N GLY A 444 36.81 -10.22 36.21
CA GLY A 444 35.58 -9.98 35.45
C GLY A 444 35.54 -10.74 34.12
N GLY A 445 36.69 -10.89 33.44
CA GLY A 445 36.80 -11.66 32.21
C GLY A 445 36.69 -13.16 32.43
N ILE A 446 37.29 -13.71 33.48
CA ILE A 446 37.11 -15.12 33.87
C ILE A 446 35.68 -15.36 34.34
N TYR A 447 35.09 -14.49 35.15
CA TYR A 447 33.70 -14.62 35.58
C TYR A 447 32.74 -14.69 34.41
N LEU A 448 32.84 -13.76 33.45
CA LEU A 448 32.02 -13.78 32.24
C LEU A 448 32.35 -14.97 31.34
N LEU A 449 33.61 -15.39 31.22
CA LEU A 449 33.96 -16.59 30.45
C LEU A 449 33.30 -17.82 31.05
N LEU A 450 33.34 -18.03 32.38
CA LEU A 450 32.66 -19.15 33.04
C LEU A 450 31.13 -19.07 32.95
N GLY A 451 30.54 -17.89 33.14
CA GLY A 451 29.11 -17.69 32.98
C GLY A 451 28.57 -18.00 31.59
N GLN A 452 29.30 -17.65 30.52
CA GLN A 452 28.88 -17.99 29.16
C GLN A 452 29.19 -19.44 28.76
N LEU A 453 30.28 -20.04 29.24
CA LEU A 453 30.49 -21.48 29.04
C LEU A 453 29.42 -22.31 29.77
N TRP A 454 28.95 -21.88 30.94
CA TRP A 454 27.80 -22.50 31.60
C TRP A 454 26.51 -22.36 30.78
N TYR A 455 26.24 -21.20 30.18
CA TYR A 455 25.10 -21.03 29.28
C TYR A 455 25.13 -22.02 28.10
N PHE A 456 26.23 -22.10 27.36
CA PHE A 456 26.33 -23.03 26.24
C PHE A 456 26.42 -24.50 26.67
N TRP A 457 26.89 -24.81 27.88
CA TRP A 457 26.78 -26.16 28.43
C TRP A 457 25.33 -26.55 28.73
N ARG A 458 24.56 -25.63 29.33
CA ARG A 458 23.12 -25.90 29.65
C ARG A 458 22.30 -26.02 28.36
N ARG A 459 22.61 -25.21 27.36
CA ARG A 459 21.90 -25.14 26.07
C ARG A 459 22.43 -26.08 24.98
N ARG A 460 23.40 -26.94 25.36
CA ARG A 460 24.12 -27.90 24.44
C ARG A 460 23.23 -28.61 23.41
N LEU A 461 22.10 -29.17 23.83
CA LEU A 461 21.25 -29.99 22.95
C LEU A 461 20.54 -29.19 21.84
N PHE A 462 20.38 -27.89 22.04
CA PHE A 462 19.63 -26.98 21.15
C PHE A 462 20.44 -25.70 20.94
N ILE A 463 21.75 -25.86 20.75
CA ILE A 463 22.71 -24.77 20.90
C ILE A 463 22.51 -23.66 19.87
N TRP A 464 22.23 -24.01 18.60
CA TRP A 464 21.92 -23.05 17.54
C TRP A 464 20.61 -22.30 17.81
N ILE A 465 19.58 -22.99 18.29
CA ILE A 465 18.30 -22.38 18.71
C ILE A 465 18.52 -21.39 19.86
N SER A 466 19.47 -21.70 20.73
CA SER A 466 19.82 -20.87 21.88
C SER A 466 20.77 -19.70 21.55
N PHE A 467 21.10 -19.45 20.27
CA PHE A 467 21.80 -18.24 19.84
C PHE A 467 21.28 -17.59 18.55
N MET A 468 20.39 -18.22 17.77
CA MET A 468 19.92 -17.71 16.46
C MET A 468 19.36 -16.28 16.52
N ASP A 469 18.53 -15.98 17.51
CA ASP A 469 18.07 -14.61 17.83
C ASP A 469 18.95 -13.95 18.91
N SER A 470 19.49 -14.76 19.82
CA SER A 470 20.21 -14.39 21.02
C SER A 470 21.72 -14.27 20.75
N TYR A 471 22.09 -13.48 19.75
CA TYR A 471 23.47 -13.29 19.31
C TYR A 471 24.40 -12.70 20.38
N PHE A 472 23.89 -11.95 21.35
CA PHE A 472 24.68 -11.45 22.47
C PHE A 472 25.30 -12.57 23.31
N GLU A 473 24.73 -13.77 23.37
CA GLU A 473 25.33 -14.84 24.18
C GLU A 473 26.68 -15.31 23.60
N ILE A 474 26.89 -15.15 22.28
CA ILE A 474 28.17 -15.34 21.60
C ILE A 474 29.09 -14.13 21.83
N LEU A 475 28.58 -12.90 21.71
CA LEU A 475 29.39 -11.68 21.87
C LEU A 475 29.90 -11.47 23.29
N PHE A 476 29.18 -11.89 24.32
CA PHE A 476 29.69 -11.93 25.68
C PHE A 476 30.77 -13.02 25.87
N LEU A 477 30.69 -14.15 25.16
CA LEU A 477 31.69 -15.21 25.25
C LEU A 477 32.97 -14.75 24.54
N LEU A 478 32.83 -14.14 23.38
CA LEU A 478 33.91 -13.55 22.62
C LEU A 478 34.61 -12.41 23.40
N GLN A 479 33.87 -11.48 23.98
CA GLN A 479 34.47 -10.42 24.81
C GLN A 479 35.22 -10.99 26.01
N ALA A 480 34.70 -12.02 26.65
CA ALA A 480 35.35 -12.68 27.77
C ALA A 480 36.61 -13.46 27.35
N LEU A 481 36.56 -14.21 26.24
CA LEU A 481 37.74 -14.89 25.69
C LEU A 481 38.85 -13.88 25.36
N LEU A 482 38.53 -12.79 24.65
CA LEU A 482 39.49 -11.75 24.30
C LEU A 482 40.00 -10.98 25.50
N THR A 483 39.22 -10.84 26.57
CA THR A 483 39.68 -10.28 27.84
C THR A 483 40.69 -11.20 28.52
N VAL A 484 40.43 -12.51 28.59
CA VAL A 484 41.38 -13.46 29.16
C VAL A 484 42.63 -13.57 28.29
N LEU A 485 42.50 -13.70 26.96
CA LEU A 485 43.64 -13.72 26.04
C LEU A 485 44.49 -12.45 26.14
N SER A 486 43.90 -11.25 26.19
CA SER A 486 44.69 -10.02 26.30
C SER A 486 45.44 -9.93 27.63
N GLN A 487 44.87 -10.34 28.77
CA GLN A 487 45.66 -10.39 30.00
C GLN A 487 46.75 -11.48 29.95
N VAL A 488 46.50 -12.63 29.32
CA VAL A 488 47.52 -13.67 29.07
C VAL A 488 48.67 -13.14 28.21
N LEU A 489 48.39 -12.48 27.09
CA LEU A 489 49.42 -11.86 26.26
C LEU A 489 50.17 -10.74 27.00
N ARG A 490 49.50 -10.00 27.91
CA ARG A 490 50.16 -9.00 28.76
C ARG A 490 51.08 -9.63 29.80
N PHE A 491 50.72 -10.76 30.40
CA PHE A 491 51.63 -11.53 31.26
C PHE A 491 52.81 -12.14 30.47
N MET A 492 52.60 -12.52 29.21
CA MET A 492 53.67 -12.88 28.26
C MET A 492 54.49 -11.66 27.78
N GLU A 493 54.06 -10.44 28.09
CA GLU A 493 54.65 -9.17 27.65
C GLU A 493 54.73 -8.95 26.13
N THR A 494 54.01 -9.72 25.31
CA THR A 494 53.94 -9.50 23.86
C THR A 494 53.00 -8.34 23.52
N GLU A 495 53.45 -7.40 22.69
CA GLU A 495 52.75 -6.13 22.45
C GLU A 495 51.40 -6.29 21.73
N TRP A 496 51.16 -7.45 21.11
CA TRP A 496 49.85 -7.84 20.58
C TRP A 496 48.76 -8.00 21.64
N TYR A 497 49.07 -7.88 22.94
CA TYR A 497 48.04 -7.77 23.97
C TYR A 497 47.17 -6.51 23.77
N LEU A 498 47.72 -5.38 23.30
CA LEU A 498 46.97 -4.13 23.24
C LEU A 498 45.85 -4.14 22.18
N PRO A 499 46.04 -4.59 20.93
CA PRO A 499 44.94 -4.70 19.99
C PRO A 499 43.85 -5.73 20.40
N LEU A 500 44.16 -6.73 21.21
CA LEU A 500 43.13 -7.60 21.82
C LEU A 500 42.39 -6.91 22.97
N LEU A 501 43.08 -6.15 23.82
CA LEU A 501 42.45 -5.39 24.89
C LEU A 501 41.51 -4.34 24.31
N VAL A 502 41.93 -3.65 23.26
CA VAL A 502 41.13 -2.64 22.57
C VAL A 502 39.95 -3.26 21.80
N LEU A 503 40.09 -4.42 21.17
CA LEU A 503 38.95 -5.12 20.57
C LEU A 503 37.91 -5.53 21.62
N SER A 504 38.36 -6.09 22.75
CA SER A 504 37.46 -6.47 23.85
C SER A 504 36.89 -5.28 24.60
N LEU A 505 37.50 -4.09 24.55
CA LEU A 505 36.89 -2.83 24.98
C LEU A 505 35.76 -2.39 24.05
N VAL A 506 35.93 -2.47 22.72
CA VAL A 506 34.86 -2.16 21.76
C VAL A 506 33.70 -3.12 21.94
N LEU A 507 33.93 -4.43 21.85
CA LEU A 507 32.90 -5.44 22.11
C LEU A 507 32.26 -5.22 23.48
N GLY A 508 33.03 -4.85 24.49
CA GLY A 508 32.52 -4.56 25.82
C GLY A 508 31.44 -3.50 25.84
N TRP A 509 31.61 -2.39 25.13
CA TRP A 509 30.60 -1.34 25.02
C TRP A 509 29.48 -1.70 24.05
N LEU A 510 29.75 -2.39 22.94
CA LEU A 510 28.69 -2.88 22.06
C LEU A 510 27.75 -3.85 22.79
N ASN A 511 28.30 -4.74 23.62
CA ASN A 511 27.55 -5.64 24.49
C ASN A 511 26.67 -4.90 25.50
N LEU A 512 26.95 -3.65 25.83
CA LEU A 512 26.12 -2.84 26.71
C LEU A 512 24.73 -2.58 26.10
N LEU A 513 24.59 -2.69 24.78
CA LEU A 513 23.31 -2.61 24.10
C LEU A 513 22.41 -3.80 24.38
N TYR A 514 22.89 -4.91 24.94
CA TYR A 514 22.02 -6.01 25.37
C TYR A 514 20.92 -5.49 26.31
N TYR A 515 21.30 -4.69 27.29
CA TYR A 515 20.42 -4.24 28.38
C TYR A 515 19.37 -3.22 27.95
N THR A 516 19.38 -2.76 26.70
CA THR A 516 18.32 -1.88 26.17
C THR A 516 16.93 -2.53 26.21
N ARG A 517 16.85 -3.87 26.26
CA ARG A 517 15.60 -4.65 26.41
C ARG A 517 14.92 -4.52 27.76
N GLY A 518 15.54 -3.92 28.76
CA GLY A 518 14.94 -3.78 30.10
C GLY A 518 13.78 -2.79 30.16
N PHE A 519 13.72 -1.83 29.23
CA PHE A 519 12.63 -0.85 29.13
C PHE A 519 11.90 -1.01 27.81
N GLN A 520 10.59 -0.79 27.81
CA GLN A 520 9.77 -0.91 26.61
C GLN A 520 10.26 -0.01 25.47
N HIS A 521 10.55 1.26 25.74
CA HIS A 521 10.86 2.21 24.67
C HIS A 521 12.18 1.92 23.98
N THR A 522 13.28 1.77 24.69
CA THR A 522 14.57 1.34 24.10
C THR A 522 14.53 -0.11 23.60
N GLY A 523 13.80 -1.00 24.29
CA GLY A 523 13.77 -2.44 24.02
C GLY A 523 12.95 -2.83 22.80
N ILE A 524 11.87 -2.11 22.52
CA ILE A 524 11.14 -2.21 21.25
C ILE A 524 11.94 -1.57 20.11
N TYR A 525 12.66 -0.47 20.32
CA TYR A 525 13.45 0.13 19.24
C TYR A 525 14.62 -0.74 18.81
N SER A 526 15.33 -1.37 19.76
CA SER A 526 16.33 -2.39 19.45
C SER A 526 15.79 -3.56 18.62
N VAL A 527 14.48 -3.77 18.60
CA VAL A 527 13.77 -4.75 17.76
C VAL A 527 13.25 -4.16 16.44
N MET A 528 12.87 -2.89 16.41
CA MET A 528 12.49 -2.19 15.17
C MET A 528 13.67 -2.08 14.18
N ILE A 529 14.83 -1.74 14.72
CA ILE A 529 16.02 -1.41 13.95
C ILE A 529 16.69 -2.66 13.34
N GLN A 530 17.03 -3.69 14.12
CA GLN A 530 17.71 -4.89 13.60
C GLN A 530 16.74 -5.79 12.82
N LYS A 531 17.04 -6.11 11.55
CA LYS A 531 16.13 -6.84 10.65
C LYS A 531 16.81 -7.52 9.45
N VAL A 532 15.99 -7.91 8.46
CA VAL A 532 16.31 -8.54 7.15
C VAL A 532 17.45 -7.86 6.37
N ILE A 533 17.78 -6.61 6.68
CA ILE A 533 18.96 -5.90 6.17
C ILE A 533 20.25 -6.70 6.42
N LEU A 534 20.40 -7.41 7.53
CA LEU A 534 21.59 -8.23 7.80
C LEU A 534 21.75 -9.42 6.83
N ARG A 535 20.61 -9.89 6.27
CA ARG A 535 20.59 -11.04 5.31
C ARG A 535 21.00 -10.57 3.91
N ASP A 536 20.46 -9.43 3.48
CA ASP A 536 20.69 -8.92 2.12
C ASP A 536 21.97 -8.12 1.95
N LEU A 537 22.45 -7.41 2.97
CA LEU A 537 23.77 -6.77 2.87
C LEU A 537 24.90 -7.78 2.70
N LEU A 538 24.81 -8.97 3.31
CA LEU A 538 25.76 -10.06 3.09
C LEU A 538 25.69 -10.63 1.66
N ARG A 539 24.59 -10.34 0.94
CA ARG A 539 24.46 -10.77 -0.49
C ARG A 539 25.03 -9.64 -1.38
N PHE A 540 24.68 -8.39 -1.10
CA PHE A 540 25.21 -7.20 -1.78
C PHE A 540 26.73 -7.10 -1.64
N LEU A 541 27.29 -7.49 -0.51
CA LEU A 541 28.73 -7.46 -0.24
C LEU A 541 29.52 -8.32 -1.24
N LEU A 542 28.98 -9.44 -1.71
CA LEU A 542 29.63 -10.22 -2.77
C LEU A 542 29.71 -9.45 -4.09
N VAL A 543 28.64 -8.76 -4.48
CA VAL A 543 28.62 -7.92 -5.70
C VAL A 543 29.54 -6.71 -5.55
N TYR A 544 29.48 -6.02 -4.41
CA TYR A 544 30.33 -4.88 -4.10
C TYR A 544 31.82 -5.24 -4.05
N LEU A 545 32.21 -6.39 -3.48
CA LEU A 545 33.61 -6.83 -3.42
C LEU A 545 34.14 -7.36 -4.76
N VAL A 546 33.33 -7.93 -5.64
CA VAL A 546 33.79 -8.25 -7.01
C VAL A 546 34.01 -6.98 -7.82
N PHE A 547 33.15 -5.97 -7.69
CA PHE A 547 33.42 -4.64 -8.25
C PHE A 547 34.70 -4.05 -7.66
N LEU A 548 34.79 -3.93 -6.34
CA LEU A 548 35.90 -3.27 -5.67
C LEU A 548 37.24 -3.92 -5.98
N PHE A 549 37.37 -5.25 -5.85
CA PHE A 549 38.62 -5.92 -6.21
C PHE A 549 38.89 -5.88 -7.72
N GLY A 550 37.89 -6.09 -8.57
CA GLY A 550 38.05 -6.07 -10.02
C GLY A 550 38.58 -4.75 -10.56
N PHE A 551 38.09 -3.62 -10.03
CA PHE A 551 38.60 -2.29 -10.35
C PHE A 551 39.92 -1.96 -9.62
N ALA A 552 40.18 -2.45 -8.41
CA ALA A 552 41.43 -2.19 -7.70
C ALA A 552 42.65 -2.81 -8.39
N VAL A 553 42.60 -4.09 -8.80
CA VAL A 553 43.73 -4.71 -9.55
C VAL A 553 43.97 -4.00 -10.88
N ALA A 554 42.95 -3.36 -11.46
CA ALA A 554 43.02 -2.66 -12.72
C ALA A 554 43.64 -1.28 -12.61
N LEU A 555 43.18 -0.46 -11.67
CA LEU A 555 43.76 0.86 -11.42
C LEU A 555 45.21 0.76 -10.97
N VAL A 556 45.57 -0.24 -10.16
CA VAL A 556 46.97 -0.51 -9.79
C VAL A 556 47.83 -0.88 -11.00
N SER A 557 47.33 -1.74 -11.89
CA SER A 557 48.05 -2.16 -13.09
C SER A 557 48.29 -1.01 -14.08
N LEU A 558 47.33 -0.10 -14.20
CA LEU A 558 47.39 1.01 -15.17
C LEU A 558 48.08 2.27 -14.64
N SER A 559 48.00 2.53 -13.33
CA SER A 559 48.68 3.66 -12.67
C SER A 559 50.18 3.43 -12.45
N ARG A 560 50.72 2.30 -12.89
CA ARG A 560 52.14 1.93 -12.78
C ARG A 560 53.06 2.72 -13.72
N GLU A 561 52.54 3.26 -14.83
CA GLU A 561 53.33 3.94 -15.86
C GLU A 561 53.22 5.48 -15.76
N ALA A 562 54.35 6.17 -15.65
CA ALA A 562 54.46 7.63 -15.69
C ALA A 562 54.58 8.19 -17.12
N ARG A 563 54.15 9.43 -17.34
CA ARG A 563 54.06 10.06 -18.65
C ARG A 563 55.43 10.35 -19.27
N PRO A 589 48.04 7.99 -4.97
CA PRO A 589 47.03 6.95 -5.09
C PRO A 589 47.48 5.72 -5.91
N TYR A 590 46.74 4.62 -5.76
CA TYR A 590 46.81 3.41 -6.59
C TYR A 590 48.18 2.70 -6.60
N ARG A 591 48.95 2.81 -5.51
CA ARG A 591 50.28 2.19 -5.39
C ARG A 591 50.26 0.69 -5.12
N SER A 592 49.18 0.17 -4.53
CA SER A 592 49.04 -1.24 -4.12
C SER A 592 47.58 -1.67 -4.12
N ILE A 593 47.30 -2.97 -4.06
CA ILE A 593 45.92 -3.49 -4.02
C ILE A 593 45.16 -2.94 -2.79
N LEU A 594 45.82 -2.84 -1.63
CA LEU A 594 45.24 -2.26 -0.42
C LEU A 594 44.93 -0.77 -0.61
N ASP A 595 45.88 0.02 -1.08
CA ASP A 595 45.68 1.45 -1.29
C ASP A 595 44.60 1.75 -2.32
N ALA A 596 44.56 1.03 -3.45
CA ALA A 596 43.51 1.18 -4.45
C ALA A 596 42.14 0.70 -3.93
N SER A 597 42.08 -0.39 -3.17
CA SER A 597 40.84 -0.81 -2.50
C SER A 597 40.35 0.25 -1.52
N LEU A 598 41.24 0.93 -0.81
CA LEU A 598 40.89 1.97 0.14
C LEU A 598 40.46 3.27 -0.55
N GLU A 599 41.16 3.72 -1.59
CA GLU A 599 40.74 4.87 -2.41
C GLU A 599 39.41 4.65 -3.11
N LEU A 600 39.19 3.47 -3.68
CA LEU A 600 37.90 3.07 -4.23
C LEU A 600 36.83 2.88 -3.16
N PHE A 601 37.18 2.46 -1.94
CA PHE A 601 36.19 2.37 -0.88
C PHE A 601 35.78 3.78 -0.40
N LYS A 602 36.70 4.74 -0.35
CA LYS A 602 36.38 6.10 0.06
C LYS A 602 35.27 6.76 -0.77
N PHE A 603 35.02 6.36 -2.01
CA PHE A 603 33.87 6.85 -2.79
C PHE A 603 32.50 6.54 -2.19
N THR A 604 32.37 5.50 -1.37
CA THR A 604 31.10 5.15 -0.71
C THR A 604 30.87 5.93 0.57
N ILE A 605 31.92 6.43 1.24
CA ILE A 605 31.78 7.35 2.38
C ILE A 605 31.72 8.84 1.97
N GLY A 606 31.70 9.14 0.66
CA GLY A 606 31.65 10.49 0.12
C GLY A 606 33.00 11.22 0.01
N MET A 607 34.15 10.53 0.14
CA MET A 607 35.50 11.11 0.14
C MET A 607 36.31 10.73 -1.11
N GLY A 608 35.69 10.71 -2.28
CA GLY A 608 36.18 10.05 -3.48
C GLY A 608 37.54 10.45 -4.06
N GLU A 609 37.94 11.73 -3.99
CA GLU A 609 39.22 12.21 -4.58
C GLU A 609 39.34 11.90 -6.10
N LEU A 610 38.25 12.11 -6.83
CA LEU A 610 38.12 11.91 -8.29
C LEU A 610 38.83 13.02 -9.09
N ALA A 611 39.88 12.69 -9.84
CA ALA A 611 40.73 13.69 -10.52
C ALA A 611 41.41 13.16 -11.80
N PHE A 612 41.75 14.08 -12.70
CA PHE A 612 42.57 13.82 -13.89
C PHE A 612 44.06 13.89 -13.52
N GLN A 613 44.64 12.77 -13.08
CA GLN A 613 46.00 12.69 -12.53
C GLN A 613 47.06 13.13 -13.55
N GLU A 614 47.82 14.20 -13.30
CA GLU A 614 48.67 14.79 -14.34
C GLU A 614 49.88 13.92 -14.75
N GLN A 615 50.47 13.17 -13.82
CA GLN A 615 51.74 12.46 -14.01
C GLN A 615 51.63 11.07 -14.64
N LEU A 616 50.45 10.44 -14.60
CA LEU A 616 50.22 9.09 -15.14
C LEU A 616 50.18 9.11 -16.67
N ARG A 617 50.74 8.08 -17.33
CA ARG A 617 50.76 8.02 -18.82
C ARG A 617 49.35 7.82 -19.37
N PHE A 618 48.58 6.93 -18.75
CA PHE A 618 47.20 6.58 -19.12
C PHE A 618 46.16 7.34 -18.30
N ARG A 619 46.43 8.57 -17.88
CA ARG A 619 45.54 9.34 -16.95
C ARG A 619 44.09 9.49 -17.42
N GLY A 620 43.82 9.60 -18.71
CA GLY A 620 42.43 9.61 -19.21
C GLY A 620 41.73 8.27 -19.03
N VAL A 621 42.45 7.15 -19.19
CA VAL A 621 41.88 5.81 -19.00
C VAL A 621 41.71 5.49 -17.52
N VAL A 622 42.63 5.93 -16.66
CA VAL A 622 42.48 5.87 -15.19
C VAL A 622 41.26 6.66 -14.73
N LEU A 623 41.03 7.88 -15.24
CA LEU A 623 39.79 8.63 -14.96
C LEU A 623 38.53 7.93 -15.49
N LEU A 624 38.53 7.38 -16.69
CA LEU A 624 37.42 6.58 -17.20
C LEU A 624 37.17 5.32 -16.36
N LEU A 625 38.19 4.65 -15.82
CA LEU A 625 38.02 3.54 -14.88
C LEU A 625 37.37 4.00 -13.56
N LEU A 626 37.73 5.17 -13.03
CA LEU A 626 37.04 5.72 -11.86
C LEU A 626 35.59 6.09 -12.16
N LEU A 627 35.32 6.73 -13.30
CA LEU A 627 33.95 7.07 -13.70
C LEU A 627 33.10 5.83 -13.96
N ALA A 628 33.67 4.77 -14.54
CA ALA A 628 33.02 3.46 -14.63
C ALA A 628 32.74 2.87 -13.24
N TYR A 629 33.70 2.85 -12.32
CA TYR A 629 33.47 2.35 -10.96
C TYR A 629 32.39 3.15 -10.22
N VAL A 630 32.42 4.48 -10.26
CA VAL A 630 31.44 5.35 -9.60
C VAL A 630 30.04 5.09 -10.13
N LEU A 631 29.85 5.11 -11.45
CA LEU A 631 28.53 4.91 -12.04
C LEU A 631 28.01 3.50 -11.75
N LEU A 632 28.80 2.45 -11.93
CA LEU A 632 28.39 1.09 -11.61
C LEU A 632 28.07 0.90 -10.13
N THR A 633 28.87 1.45 -9.24
CA THR A 633 28.66 1.37 -7.79
C THR A 633 27.45 2.16 -7.33
N TYR A 634 27.15 3.32 -7.89
CA TYR A 634 26.00 4.11 -7.47
C TYR A 634 24.70 3.54 -8.07
N VAL A 635 24.73 2.94 -9.26
CA VAL A 635 23.65 2.08 -9.78
C VAL A 635 23.43 0.86 -8.88
N LEU A 636 24.49 0.19 -8.42
CA LEU A 636 24.40 -0.92 -7.48
C LEU A 636 23.82 -0.49 -6.12
N LEU A 637 24.26 0.61 -5.52
CA LEU A 637 23.71 1.11 -4.26
C LEU A 637 22.23 1.52 -4.41
N LEU A 638 21.85 2.10 -5.54
CA LEU A 638 20.48 2.45 -5.88
C LEU A 638 19.59 1.20 -6.05
N ASN A 639 20.07 0.16 -6.75
CA ASN A 639 19.44 -1.16 -6.79
C ASN A 639 19.31 -1.80 -5.40
N MET A 640 20.34 -1.70 -4.57
CA MET A 640 20.37 -2.28 -3.23
C MET A 640 19.37 -1.61 -2.28
N LEU A 641 19.31 -0.28 -2.22
CA LEU A 641 18.34 0.45 -1.40
C LEU A 641 16.91 0.18 -1.85
N ILE A 642 16.62 0.20 -3.14
CA ILE A 642 15.28 -0.08 -3.67
C ILE A 642 14.87 -1.54 -3.46
N ALA A 643 15.78 -2.51 -3.60
CA ALA A 643 15.51 -3.90 -3.25
C ALA A 643 15.16 -4.05 -1.75
N LEU A 644 15.91 -3.45 -0.84
CA LEU A 644 15.62 -3.43 0.59
C LEU A 644 14.26 -2.77 0.90
N MET A 645 13.95 -1.61 0.34
CA MET A 645 12.63 -0.99 0.51
C MET A 645 11.50 -1.90 0.04
N SER A 646 11.65 -2.55 -1.13
CA SER A 646 10.62 -3.41 -1.67
C SER A 646 10.25 -4.59 -0.75
N GLU A 647 11.20 -5.20 -0.02
CA GLU A 647 10.88 -6.27 0.93
C GLU A 647 10.48 -5.75 2.32
N THR A 648 11.13 -4.70 2.83
CA THR A 648 10.95 -4.25 4.22
C THR A 648 9.86 -3.19 4.43
N VAL A 649 9.44 -2.45 3.41
CA VAL A 649 8.34 -1.45 3.53
C VAL A 649 7.10 -2.12 2.98
N ASN A 650 6.56 -3.08 3.72
CA ASN A 650 5.43 -3.87 3.17
C ASN A 650 4.10 -3.52 3.83
N HIS A 651 4.07 -2.72 4.90
CA HIS A 651 2.80 -2.43 5.63
C HIS A 651 2.43 -3.50 6.66
N VAL A 652 3.16 -4.63 6.74
CA VAL A 652 2.92 -5.60 7.80
C VAL A 652 2.87 -4.85 9.14
N ALA A 653 1.87 -5.14 9.98
CA ALA A 653 1.71 -4.47 11.27
C ALA A 653 2.88 -4.79 12.21
N ASP A 654 3.38 -3.81 12.95
CA ASP A 654 4.67 -3.91 13.63
C ASP A 654 4.69 -5.00 14.73
N ASN A 655 5.55 -6.01 14.57
CA ASN A 655 5.60 -7.16 15.54
C ASN A 655 6.76 -6.99 16.52
N SER A 656 7.18 -5.76 16.81
CA SER A 656 8.26 -5.45 17.74
C SER A 656 7.93 -5.55 19.23
N TRP A 657 6.71 -5.19 19.65
CA TRP A 657 6.30 -5.37 21.06
C TRP A 657 6.36 -6.82 21.52
N SER A 658 5.93 -7.74 20.65
CA SER A 658 5.92 -9.18 20.92
C SER A 658 7.32 -9.81 20.83
N ILE A 659 8.18 -9.35 19.92
CA ILE A 659 9.57 -9.82 19.87
C ILE A 659 10.32 -9.31 21.10
N TRP A 660 10.02 -8.10 21.59
CA TRP A 660 10.51 -7.61 22.87
C TRP A 660 10.00 -8.42 24.07
N LYS A 661 8.71 -8.79 24.11
CA LYS A 661 8.18 -9.72 25.12
C LYS A 661 8.89 -11.07 25.11
N LEU A 662 9.29 -11.61 23.96
CA LEU A 662 10.12 -12.81 23.89
C LEU A 662 11.55 -12.59 24.40
N GLN A 663 12.17 -11.45 24.11
CA GLN A 663 13.48 -11.10 24.67
C GLN A 663 13.43 -11.04 26.20
N LYS A 664 12.38 -10.43 26.78
CA LYS A 664 12.13 -10.46 28.22
C LYS A 664 11.84 -11.85 28.77
N ALA A 665 11.13 -12.71 28.05
CA ALA A 665 10.93 -14.11 28.43
C ALA A 665 12.24 -14.90 28.49
N ILE A 666 13.10 -14.81 27.47
CA ILE A 666 14.41 -15.46 27.45
C ILE A 666 15.30 -14.97 28.61
N SER A 667 15.27 -13.65 28.88
CA SER A 667 15.97 -13.02 29.99
C SER A 667 15.51 -13.55 31.35
N VAL A 668 14.19 -13.60 31.58
CA VAL A 668 13.58 -14.17 32.80
C VAL A 668 14.00 -15.60 33.03
N LEU A 669 13.84 -16.46 32.03
CA LEU A 669 14.08 -17.89 32.18
C LEU A 669 15.55 -18.23 32.42
N GLU A 670 16.47 -17.36 32.02
CA GLU A 670 17.86 -17.40 32.43
C GLU A 670 18.10 -16.88 33.85
N MET A 671 17.55 -15.73 34.22
CA MET A 671 17.68 -15.16 35.57
C MET A 671 17.11 -16.04 36.68
N GLU A 672 16.07 -16.82 36.43
CA GLU A 672 15.48 -17.72 37.42
C GLU A 672 16.44 -18.81 37.92
N ASN A 673 17.50 -19.15 37.17
CA ASN A 673 18.53 -20.10 37.60
C ASN A 673 19.57 -19.48 38.53
N GLY A 674 19.55 -18.16 38.73
CA GLY A 674 20.61 -17.44 39.43
C GLY A 674 21.87 -17.37 38.58
N TYR A 675 23.01 -17.67 39.18
CA TYR A 675 24.33 -17.57 38.56
C TYR A 675 25.05 -18.92 38.60
N TRP A 676 26.05 -19.12 37.75
CA TRP A 676 26.80 -20.39 37.65
C TRP A 676 27.39 -20.86 38.99
N TRP A 677 27.73 -19.94 39.89
CA TRP A 677 28.27 -20.14 41.24
C TRP A 677 27.21 -20.17 42.37
N CYS A 678 25.97 -19.76 42.10
CA CYS A 678 24.90 -19.60 43.09
C CYS A 678 23.55 -19.88 42.41
N ARG A 679 23.25 -21.18 42.27
CA ARG A 679 22.13 -21.70 41.49
C ARG A 679 20.85 -21.61 42.31
N ARG A 680 20.00 -20.64 41.97
CA ARG A 680 18.81 -20.19 42.71
C ARG A 680 17.74 -21.29 42.84
N LYS A 681 17.14 -21.43 44.01
CA LYS A 681 15.97 -22.27 44.23
C LYS A 681 14.72 -21.62 43.63
N LYS A 682 14.06 -22.28 42.67
CA LYS A 682 12.92 -21.71 41.94
C LYS A 682 11.64 -21.64 42.78
N HIS A 683 11.06 -20.45 42.86
CA HIS A 683 9.71 -20.20 43.37
C HIS A 683 8.65 -20.71 42.38
N ARG A 684 7.51 -21.20 42.89
CA ARG A 684 6.42 -21.79 42.09
C ARG A 684 5.25 -20.82 41.97
N GLU A 685 4.81 -20.55 40.74
CA GLU A 685 3.80 -19.53 40.44
C GLU A 685 2.37 -20.04 40.66
N GLY A 686 1.43 -19.14 40.91
CA GLY A 686 0.04 -19.49 41.20
C GLY A 686 -0.17 -20.08 42.60
N ARG A 687 -1.36 -20.65 42.83
CA ARG A 687 -1.80 -21.24 44.09
C ARG A 687 -2.37 -22.64 43.85
N LEU A 688 -2.19 -23.56 44.78
CA LEU A 688 -2.88 -24.85 44.76
C LEU A 688 -4.36 -24.66 45.11
N LEU A 689 -5.25 -24.78 44.14
CA LEU A 689 -6.69 -24.54 44.28
C LEU A 689 -7.50 -25.75 43.82
N LYS A 690 -8.58 -26.07 44.53
CA LYS A 690 -9.61 -27.03 44.09
C LYS A 690 -10.46 -26.38 42.99
N VAL A 691 -10.40 -26.93 41.78
CA VAL A 691 -11.22 -26.48 40.64
C VAL A 691 -12.47 -27.35 40.42
N GLY A 692 -12.51 -28.54 41.01
CA GLY A 692 -13.63 -29.48 40.89
C GLY A 692 -13.33 -30.85 41.50
N THR A 693 -14.00 -31.90 41.01
CA THR A 693 -13.80 -33.30 41.43
C THR A 693 -13.15 -34.10 40.29
N ARG A 694 -12.06 -34.83 40.57
CA ARG A 694 -11.21 -35.51 39.58
C ARG A 694 -11.86 -36.79 39.03
N PRO A 699 -9.71 -34.60 45.37
CA PRO A 699 -10.37 -33.76 44.37
C PRO A 699 -9.47 -33.33 43.23
N ASP A 700 -10.00 -32.51 42.32
CA ASP A 700 -9.23 -31.89 41.24
C ASP A 700 -8.56 -30.62 41.78
N GLU A 701 -7.39 -30.77 42.38
CA GLU A 701 -6.60 -29.68 42.96
C GLU A 701 -5.37 -29.42 42.08
N ARG A 702 -5.23 -28.15 41.65
CA ARG A 702 -4.18 -27.78 40.66
C ARG A 702 -3.52 -26.44 40.94
N TRP A 703 -2.24 -26.33 40.59
CA TRP A 703 -1.54 -25.05 40.64
C TRP A 703 -2.09 -24.13 39.57
N CYS A 704 -3.08 -23.32 39.98
CA CYS A 704 -3.80 -22.38 39.15
C CYS A 704 -3.25 -20.96 39.31
N PHE A 705 -3.30 -20.19 38.24
CA PHE A 705 -2.87 -18.81 38.20
C PHE A 705 -4.01 -17.90 37.72
N ARG A 706 -4.35 -16.91 38.55
CA ARG A 706 -5.53 -16.04 38.30
C ARG A 706 -5.21 -14.87 37.37
N VAL A 707 -5.90 -14.79 36.24
CA VAL A 707 -5.82 -13.70 35.27
C VAL A 707 -7.14 -12.94 35.28
N GLU A 708 -7.09 -11.62 35.24
CA GLU A 708 -8.27 -10.75 35.16
C GLU A 708 -8.24 -10.02 33.81
N GLU A 709 -9.24 -10.25 32.96
CA GLU A 709 -9.36 -9.62 31.65
C GLU A 709 -10.50 -8.60 31.67
N VAL A 710 -10.23 -7.36 31.26
CA VAL A 710 -11.25 -6.36 30.97
C VAL A 710 -11.32 -6.18 29.46
N ASN A 711 -12.49 -6.37 28.86
CA ASN A 711 -12.64 -6.35 27.40
C ASN A 711 -14.03 -5.84 26.97
N TRP A 712 -14.20 -4.52 26.99
CA TRP A 712 -15.42 -3.85 26.54
C TRP A 712 -15.76 -4.20 25.08
N ALA A 713 -14.78 -4.14 24.18
CA ALA A 713 -15.01 -4.37 22.75
C ALA A 713 -15.58 -5.76 22.45
N ALA A 714 -15.11 -6.82 23.13
CA ALA A 714 -15.67 -8.16 22.98
C ALA A 714 -17.00 -8.32 23.74
N TRP A 715 -17.12 -7.74 24.94
CA TRP A 715 -18.31 -7.87 25.78
C TRP A 715 -19.54 -7.19 25.18
N GLU A 716 -19.41 -5.99 24.63
CA GLU A 716 -20.54 -5.25 24.09
C GLU A 716 -21.24 -5.97 22.93
N LYS A 717 -20.50 -6.79 22.18
CA LYS A 717 -21.02 -7.63 21.09
C LYS A 717 -21.90 -8.79 21.58
N THR A 718 -21.88 -9.09 22.89
CA THR A 718 -22.73 -10.12 23.53
C THR A 718 -24.02 -9.56 24.16
N LEU A 719 -24.18 -8.23 24.23
CA LEU A 719 -25.33 -7.61 24.88
C LEU A 719 -26.65 -7.91 24.14
N ARG B 74 -28.87 -26.33 61.76
CA ARG B 74 -27.94 -25.33 62.35
C ARG B 74 -28.21 -23.96 61.71
N PHE B 75 -28.34 -23.84 60.38
CA PHE B 75 -28.45 -22.54 59.68
C PHE B 75 -27.29 -21.56 59.96
N ASP B 76 -26.16 -22.09 59.90
CA ASP B 76 -24.96 -21.28 59.70
C ASP B 76 -24.88 -20.72 58.27
N ARG B 77 -23.85 -19.89 58.03
CA ARG B 77 -23.66 -19.24 56.70
C ARG B 77 -23.45 -20.27 55.59
N ASP B 78 -22.67 -21.32 55.86
CA ASP B 78 -22.30 -22.27 54.82
C ASP B 78 -23.48 -23.17 54.40
N ARG B 79 -24.42 -23.50 55.31
CA ARG B 79 -25.74 -24.03 54.91
C ARG B 79 -26.50 -23.01 54.08
N LEU B 80 -26.70 -21.80 54.56
CA LEU B 80 -27.55 -20.83 53.86
C LEU B 80 -27.02 -20.50 52.45
N PHE B 81 -25.72 -20.26 52.31
CA PHE B 81 -25.10 -19.94 51.02
C PHE B 81 -25.18 -21.12 50.03
N SER B 82 -25.11 -22.37 50.51
CA SER B 82 -25.32 -23.53 49.64
C SER B 82 -26.82 -23.77 49.32
N VAL B 83 -27.74 -23.46 50.24
CA VAL B 83 -29.20 -23.51 50.01
C VAL B 83 -29.65 -22.52 48.93
N VAL B 84 -29.35 -21.22 49.06
CA VAL B 84 -29.79 -20.21 48.09
C VAL B 84 -29.14 -20.38 46.71
N SER B 85 -27.99 -21.07 46.62
CA SER B 85 -27.35 -21.39 45.33
C SER B 85 -28.09 -22.46 44.53
N ARG B 86 -28.87 -23.33 45.21
CA ARG B 86 -29.60 -24.44 44.54
C ARG B 86 -30.92 -23.94 43.92
N GLY B 87 -31.47 -22.84 44.42
CA GLY B 87 -32.75 -22.29 43.97
C GLY B 87 -33.99 -22.96 44.54
N VAL B 88 -33.85 -23.84 45.54
CA VAL B 88 -34.97 -24.51 46.24
C VAL B 88 -35.34 -23.72 47.51
N PRO B 89 -36.54 -23.09 47.58
CA PRO B 89 -36.90 -22.23 48.71
C PRO B 89 -37.22 -23.01 49.99
N GLU B 90 -37.67 -24.26 49.87
CA GLU B 90 -38.22 -25.03 51.00
C GLU B 90 -37.15 -25.40 52.05
N GLU B 91 -35.88 -25.52 51.64
CA GLU B 91 -34.76 -25.83 52.53
C GLU B 91 -34.40 -24.69 53.50
N LEU B 92 -35.01 -23.51 53.35
CA LEU B 92 -34.95 -22.40 54.33
C LEU B 92 -35.82 -22.65 55.57
N THR B 93 -36.62 -23.72 55.61
CA THR B 93 -37.55 -24.02 56.72
C THR B 93 -36.82 -24.13 58.07
N GLY B 94 -37.14 -23.22 59.00
CA GLY B 94 -36.49 -23.12 60.32
C GLY B 94 -35.45 -22.01 60.46
N LEU B 95 -35.07 -21.33 59.37
CA LEU B 95 -34.13 -20.20 59.43
C LEU B 95 -34.66 -19.05 60.30
N LEU B 96 -35.99 -18.79 60.24
CA LEU B 96 -36.64 -17.79 61.10
C LEU B 96 -36.42 -18.09 62.58
N GLU B 97 -36.65 -19.34 63.00
CA GLU B 97 -36.51 -19.76 64.39
C GLU B 97 -35.06 -19.64 64.88
N TYR B 98 -34.08 -20.04 64.05
CA TYR B 98 -32.67 -19.94 64.44
C TYR B 98 -32.22 -18.48 64.59
N LEU B 99 -32.57 -17.60 63.64
CA LEU B 99 -32.24 -16.18 63.71
C LEU B 99 -32.86 -15.51 64.94
N ARG B 100 -34.15 -15.76 65.20
CA ARG B 100 -34.86 -15.22 66.38
C ARG B 100 -34.29 -15.77 67.70
N TRP B 101 -34.01 -17.06 67.79
CA TRP B 101 -33.49 -17.68 69.02
C TRP B 101 -32.07 -17.20 69.38
N ASN B 102 -31.21 -16.98 68.38
CA ASN B 102 -29.89 -16.37 68.58
C ASN B 102 -29.92 -14.83 68.66
N SER B 103 -31.04 -14.17 68.30
CA SER B 103 -31.22 -12.72 68.13
C SER B 103 -30.33 -12.08 67.04
N LYS B 104 -29.95 -12.86 66.01
CA LYS B 104 -29.05 -12.44 64.91
C LYS B 104 -29.80 -12.06 63.64
N TYR B 105 -29.11 -11.38 62.72
CA TYR B 105 -29.64 -10.89 61.46
C TYR B 105 -28.82 -11.36 60.25
N LEU B 106 -29.46 -11.54 59.09
CA LEU B 106 -28.79 -11.97 57.85
C LEU B 106 -27.76 -10.96 57.29
N THR B 107 -27.74 -9.72 57.80
CA THR B 107 -26.74 -8.69 57.47
C THR B 107 -25.65 -8.50 58.52
N ASP B 108 -25.64 -9.31 59.60
CA ASP B 108 -24.52 -9.35 60.54
C ASP B 108 -23.31 -10.11 59.93
N SER B 109 -22.09 -9.82 60.39
CA SER B 109 -20.84 -10.35 59.83
C SER B 109 -20.82 -11.88 59.70
N ALA B 110 -21.43 -12.60 60.65
CA ALA B 110 -21.55 -14.05 60.67
C ALA B 110 -22.21 -14.66 59.41
N TYR B 111 -23.00 -13.89 58.65
CA TYR B 111 -23.68 -14.32 57.41
C TYR B 111 -23.07 -13.71 56.14
N THR B 112 -21.79 -13.34 56.15
CA THR B 112 -21.10 -12.71 55.01
C THR B 112 -19.90 -13.52 54.51
N GLU B 113 -19.62 -13.47 53.20
CA GLU B 113 -18.46 -14.13 52.60
C GLU B 113 -17.13 -13.49 53.06
N GLY B 114 -16.04 -14.27 53.07
CA GLY B 114 -14.75 -13.84 53.62
C GLY B 114 -14.07 -12.71 52.84
N SER B 115 -13.36 -11.83 53.57
CA SER B 115 -12.62 -10.68 53.04
C SER B 115 -13.46 -9.65 52.25
N THR B 116 -14.77 -9.61 52.51
CA THR B 116 -15.74 -8.69 51.90
C THR B 116 -16.97 -8.52 52.81
N GLY B 117 -18.08 -7.94 52.32
CA GLY B 117 -19.37 -7.83 53.03
C GLY B 117 -20.51 -8.62 52.39
N LYS B 118 -20.20 -9.40 51.34
CA LYS B 118 -21.14 -10.06 50.43
C LYS B 118 -22.12 -10.98 51.18
N THR B 119 -23.41 -10.72 51.03
CA THR B 119 -24.48 -11.39 51.81
C THR B 119 -25.09 -12.59 51.07
N CYS B 120 -25.92 -13.35 51.78
CA CYS B 120 -26.75 -14.41 51.21
C CYS B 120 -27.64 -13.96 50.05
N LEU B 121 -28.15 -12.71 50.05
CA LEU B 121 -28.93 -12.18 48.94
C LEU B 121 -28.06 -11.99 47.68
N MET B 122 -26.83 -11.53 47.82
CA MET B 122 -25.91 -11.47 46.67
C MET B 122 -25.61 -12.88 46.14
N LYS B 123 -25.37 -13.86 47.02
CA LYS B 123 -25.20 -15.29 46.68
C LYS B 123 -26.43 -15.86 45.94
N ALA B 124 -27.64 -15.45 46.32
CA ALA B 124 -28.89 -15.82 45.65
C ALA B 124 -29.02 -15.19 44.26
N VAL B 125 -28.77 -13.88 44.12
CA VAL B 125 -28.89 -13.15 42.84
C VAL B 125 -27.78 -13.51 41.85
N LEU B 126 -26.60 -13.96 42.29
CA LEU B 126 -25.58 -14.54 41.40
C LEU B 126 -25.98 -15.88 40.75
N ASN B 127 -27.03 -16.54 41.26
CA ASN B 127 -27.46 -17.89 40.88
C ASN B 127 -28.89 -17.93 40.33
N LEU B 128 -29.28 -16.98 39.46
CA LEU B 128 -30.57 -16.99 38.78
C LEU B 128 -30.69 -18.17 37.81
N GLN B 129 -31.87 -18.78 37.73
CA GLN B 129 -32.20 -19.90 36.85
C GLN B 129 -33.30 -19.46 35.88
N ASP B 130 -33.05 -19.50 34.57
CA ASP B 130 -33.98 -18.99 33.56
C ASP B 130 -34.47 -17.54 33.81
N GLY B 131 -33.62 -16.71 34.42
CA GLY B 131 -33.90 -15.30 34.73
C GLY B 131 -34.40 -14.98 36.14
N VAL B 132 -34.66 -15.98 37.02
CA VAL B 132 -35.15 -15.75 38.41
C VAL B 132 -34.62 -16.79 39.41
N ASN B 133 -34.50 -16.45 40.69
CA ASN B 133 -34.22 -17.40 41.77
C ASN B 133 -35.40 -17.42 42.77
N ALA B 134 -36.04 -18.58 42.93
CA ALA B 134 -37.22 -18.73 43.79
C ALA B 134 -36.97 -18.49 45.29
N CYS B 135 -35.71 -18.50 45.74
CA CYS B 135 -35.35 -18.24 47.14
C CYS B 135 -35.45 -16.76 47.54
N ILE B 136 -35.38 -15.81 46.60
CA ILE B 136 -35.26 -14.38 46.94
C ILE B 136 -36.49 -13.88 47.69
N MET B 137 -37.70 -14.15 47.19
CA MET B 137 -38.94 -13.72 47.86
C MET B 137 -39.05 -14.23 49.31
N PRO B 138 -38.90 -15.54 49.62
CA PRO B 138 -38.90 -16.01 51.00
C PRO B 138 -37.68 -15.54 51.81
N LEU B 139 -36.48 -15.42 51.23
CA LEU B 139 -35.31 -14.90 51.94
C LEU B 139 -35.54 -13.44 52.42
N LEU B 140 -36.15 -12.61 51.56
CA LEU B 140 -36.54 -11.25 51.92
C LEU B 140 -37.67 -11.22 52.96
N GLN B 141 -38.61 -12.15 52.88
CA GLN B 141 -39.60 -12.17 53.99
C GLN B 141 -38.84 -12.53 55.28
N ILE B 142 -38.03 -13.59 55.25
CA ILE B 142 -37.32 -14.04 56.45
C ILE B 142 -36.54 -12.88 57.09
N ASP B 143 -35.86 -12.04 56.32
CA ASP B 143 -35.22 -10.82 56.85
C ASP B 143 -36.24 -9.85 57.45
N LYS B 144 -37.36 -9.62 56.74
CA LYS B 144 -38.46 -8.74 57.15
C LYS B 144 -39.15 -9.23 58.43
N ASP B 145 -39.32 -10.54 58.58
CA ASP B 145 -39.84 -11.19 59.80
C ASP B 145 -38.80 -11.28 60.93
N SER B 146 -37.51 -11.23 60.64
CA SER B 146 -36.45 -11.19 61.67
C SER B 146 -36.33 -9.83 62.37
N GLY B 147 -36.92 -8.75 61.83
CA GLY B 147 -36.92 -7.44 62.49
C GLY B 147 -35.59 -6.68 62.39
N ASN B 148 -34.86 -6.90 61.29
CA ASN B 148 -33.53 -6.37 61.05
C ASN B 148 -33.52 -4.81 60.95
N PRO B 149 -32.67 -4.10 61.70
CA PRO B 149 -32.52 -2.64 61.59
C PRO B 149 -31.73 -2.18 60.33
N LYS B 150 -31.04 -3.08 59.64
CA LYS B 150 -30.20 -2.82 58.45
C LYS B 150 -30.58 -3.80 57.33
N LEU B 151 -31.65 -3.48 56.60
CA LEU B 151 -32.38 -4.36 55.68
C LEU B 151 -31.47 -5.05 54.65
N LEU B 152 -31.75 -6.32 54.34
CA LEU B 152 -30.91 -7.17 53.49
C LEU B 152 -30.75 -6.67 52.04
N VAL B 153 -31.76 -5.99 51.50
CA VAL B 153 -31.68 -5.35 50.17
C VAL B 153 -30.73 -4.14 50.11
N ASN B 154 -30.51 -3.46 51.23
CA ASN B 154 -29.69 -2.24 51.32
C ASN B 154 -28.29 -2.49 51.88
N ALA B 155 -27.98 -3.69 52.36
CA ALA B 155 -26.64 -4.10 52.73
C ALA B 155 -25.72 -4.18 51.50
N GLN B 156 -24.44 -3.86 51.69
CA GLN B 156 -23.47 -3.66 50.63
C GLN B 156 -22.12 -4.33 50.98
N CYS B 157 -21.30 -4.64 49.98
CA CYS B 157 -19.91 -5.01 50.20
C CYS B 157 -19.11 -3.85 50.82
N THR B 158 -18.05 -4.15 51.56
CA THR B 158 -17.37 -3.21 52.48
C THR B 158 -15.86 -3.10 52.29
N ASP B 159 -15.24 -3.99 51.51
CA ASP B 159 -13.79 -3.99 51.26
C ASP B 159 -13.38 -2.90 50.25
N GLU B 160 -12.09 -2.55 50.20
CA GLU B 160 -11.60 -1.44 49.40
C GLU B 160 -11.82 -1.58 47.88
N PHE B 161 -12.06 -2.78 47.35
CA PHE B 161 -12.35 -2.98 45.93
C PHE B 161 -13.84 -2.93 45.64
N TYR B 162 -14.68 -3.63 46.40
CA TYR B 162 -16.11 -3.77 46.10
C TYR B 162 -17.02 -2.89 46.96
N GLN B 163 -16.51 -1.91 47.71
CA GLN B 163 -17.31 -1.08 48.60
C GLN B 163 -18.57 -0.53 47.94
N GLY B 164 -19.72 -0.65 48.61
CA GLY B 164 -21.00 -0.13 48.14
C GLY B 164 -21.70 -0.98 47.08
N HIS B 165 -21.07 -2.03 46.56
CA HIS B 165 -21.70 -3.00 45.66
C HIS B 165 -22.87 -3.70 46.36
N SER B 166 -23.99 -3.89 45.66
CA SER B 166 -25.23 -4.37 46.25
C SER B 166 -25.92 -5.40 45.36
N ALA B 167 -26.86 -6.14 45.93
CA ALA B 167 -27.64 -7.13 45.19
C ALA B 167 -28.36 -6.53 43.96
N LEU B 168 -28.78 -5.26 44.01
CA LEU B 168 -29.40 -4.58 42.87
C LEU B 168 -28.40 -4.34 41.73
N HIS B 169 -27.15 -3.96 42.01
CA HIS B 169 -26.12 -3.91 40.98
C HIS B 169 -25.79 -5.28 40.38
N ILE B 170 -25.90 -6.37 41.15
CA ILE B 170 -25.77 -7.73 40.61
C ILE B 170 -26.95 -8.06 39.70
N ALA B 171 -28.18 -7.78 40.14
CA ALA B 171 -29.39 -8.03 39.37
C ALA B 171 -29.38 -7.33 38.01
N ILE B 172 -28.90 -6.08 37.96
CA ILE B 172 -28.81 -5.31 36.72
C ILE B 172 -27.70 -5.86 35.82
N GLU B 173 -26.51 -6.18 36.35
CA GLU B 173 -25.44 -6.72 35.49
C GLU B 173 -25.78 -8.10 34.93
N LYS B 174 -26.45 -8.96 35.71
CA LYS B 174 -27.02 -10.24 35.28
C LYS B 174 -28.24 -10.10 34.34
N ARG B 175 -28.65 -8.87 33.99
CA ARG B 175 -29.71 -8.51 33.04
C ARG B 175 -31.13 -8.98 33.39
N SER B 176 -31.43 -9.26 34.66
CA SER B 176 -32.77 -9.73 35.06
C SER B 176 -33.68 -8.60 35.47
N LEU B 177 -34.53 -8.14 34.55
CA LEU B 177 -35.61 -7.19 34.89
C LEU B 177 -36.54 -7.78 35.97
N GLN B 178 -36.81 -9.09 35.93
CA GLN B 178 -37.64 -9.77 36.91
C GLN B 178 -37.04 -9.68 38.32
N CYS B 179 -35.73 -9.80 38.46
CA CYS B 179 -35.06 -9.66 39.74
C CYS B 179 -34.95 -8.18 40.18
N VAL B 180 -34.70 -7.24 39.26
CA VAL B 180 -34.73 -5.80 39.57
C VAL B 180 -36.08 -5.38 40.13
N LYS B 181 -37.17 -5.78 39.48
CA LYS B 181 -38.53 -5.57 39.98
C LYS B 181 -38.71 -6.16 41.38
N LEU B 182 -38.37 -7.44 41.59
CA LEU B 182 -38.53 -8.10 42.88
C LEU B 182 -37.77 -7.40 44.02
N LEU B 183 -36.55 -6.93 43.76
CA LEU B 183 -35.75 -6.19 44.73
C LEU B 183 -36.32 -4.79 45.03
N VAL B 184 -36.66 -4.02 44.00
CA VAL B 184 -37.21 -2.65 44.16
C VAL B 184 -38.61 -2.67 44.78
N GLU B 185 -39.46 -3.64 44.44
CA GLU B 185 -40.76 -3.86 45.11
C GLU B 185 -40.60 -4.14 46.62
N ASN B 186 -39.53 -4.80 47.04
CA ASN B 186 -39.19 -5.02 48.45
C ASN B 186 -38.35 -3.90 49.08
N GLY B 187 -38.20 -2.76 48.39
CA GLY B 187 -37.58 -1.55 48.95
C GLY B 187 -36.07 -1.43 48.80
N ALA B 188 -35.47 -2.13 47.84
CA ALA B 188 -34.05 -1.95 47.52
C ALA B 188 -33.76 -0.51 47.07
N ASP B 189 -32.84 0.17 47.75
CA ASP B 189 -32.53 1.57 47.47
C ASP B 189 -31.89 1.74 46.09
N VAL B 190 -32.59 2.39 45.18
CA VAL B 190 -32.18 2.65 43.81
C VAL B 190 -30.99 3.61 43.71
N HIS B 191 -30.60 4.31 44.79
CA HIS B 191 -29.50 5.28 44.79
C HIS B 191 -28.24 4.83 45.53
N LEU B 192 -28.07 3.53 45.78
CA LEU B 192 -26.84 2.97 46.35
C LEU B 192 -25.66 3.13 45.38
N ARG B 193 -24.51 3.60 45.87
CA ARG B 193 -23.32 3.83 45.04
C ARG B 193 -22.30 2.71 45.21
N ALA B 194 -22.09 1.93 44.17
CA ALA B 194 -20.97 0.99 44.06
C ALA B 194 -19.68 1.78 43.82
N CYS B 195 -18.95 2.11 44.88
CA CYS B 195 -17.93 3.17 44.87
C CYS B 195 -16.50 2.70 45.21
N GLY B 196 -16.31 1.44 45.59
CA GLY B 196 -15.00 0.85 45.83
C GLY B 196 -14.11 0.81 44.58
N ARG B 197 -12.80 0.62 44.75
CA ARG B 197 -11.80 0.78 43.63
C ARG B 197 -12.08 -0.03 42.38
N PHE B 198 -12.76 -1.15 42.48
CA PHE B 198 -13.11 -1.88 41.26
C PHE B 198 -14.02 -1.07 40.32
N PHE B 199 -14.87 -0.20 40.88
CA PHE B 199 -15.85 0.60 40.16
C PHE B 199 -15.37 2.01 39.80
N GLN B 200 -14.22 2.43 40.29
CA GLN B 200 -13.57 3.68 39.91
C GLN B 200 -12.87 3.53 38.55
N LYS B 201 -12.53 4.64 37.88
CA LYS B 201 -11.82 4.60 36.59
C LYS B 201 -10.30 4.75 36.80
N HIS B 202 -9.53 3.74 36.42
CA HIS B 202 -8.07 3.65 36.56
C HIS B 202 -7.46 2.65 35.56
N GLN B 203 -6.13 2.61 35.47
CA GLN B 203 -5.40 1.80 34.49
C GLN B 203 -5.37 0.28 34.77
N GLY B 204 -5.82 -0.17 35.93
CA GLY B 204 -5.86 -1.59 36.33
C GLY B 204 -7.14 -2.32 35.90
N THR B 205 -7.44 -3.40 36.60
CA THR B 205 -8.71 -4.12 36.47
C THR B 205 -9.83 -3.34 37.15
N CYS B 206 -10.74 -2.79 36.36
CA CYS B 206 -11.89 -2.02 36.83
C CYS B 206 -13.04 -2.07 35.81
N PHE B 207 -14.22 -1.63 36.27
CA PHE B 207 -15.43 -1.45 35.47
C PHE B 207 -16.19 -0.21 35.96
N TYR B 208 -15.87 0.95 35.40
CA TYR B 208 -16.63 2.18 35.65
C TYR B 208 -17.93 2.17 34.84
N PHE B 209 -19.06 2.41 35.52
CA PHE B 209 -20.39 2.54 34.92
C PHE B 209 -21.13 3.76 35.48
N GLY B 210 -20.40 4.74 36.00
CA GLY B 210 -20.93 5.60 37.07
C GLY B 210 -20.83 4.81 38.37
N GLU B 211 -21.72 5.02 39.33
CA GLU B 211 -21.79 4.18 40.54
C GLU B 211 -23.20 3.70 40.88
N LEU B 212 -24.22 4.21 40.20
CA LEU B 212 -25.62 4.03 40.56
C LEU B 212 -26.28 2.92 39.70
N PRO B 213 -27.31 2.24 40.22
CA PRO B 213 -28.17 1.34 39.46
C PRO B 213 -28.65 1.90 38.11
N LEU B 214 -29.11 3.16 38.05
CA LEU B 214 -29.55 3.75 36.77
C LEU B 214 -28.42 3.91 35.76
N SER B 215 -27.23 4.30 36.21
CA SER B 215 -26.07 4.44 35.33
C SER B 215 -25.55 3.07 34.87
N LEU B 216 -25.60 2.03 35.71
CA LEU B 216 -25.32 0.66 35.31
C LEU B 216 -26.29 0.17 34.24
N ALA B 217 -27.60 0.37 34.42
CA ALA B 217 -28.62 -0.03 33.47
C ALA B 217 -28.45 0.66 32.10
N ALA B 218 -28.10 1.95 32.09
CA ALA B 218 -27.77 2.68 30.87
C ALA B 218 -26.50 2.15 30.19
N CYS B 219 -25.40 1.95 30.92
CA CYS B 219 -24.14 1.52 30.33
C CYS B 219 -24.15 0.06 29.83
N THR B 220 -24.94 -0.81 30.47
CA THR B 220 -25.26 -2.17 29.99
C THR B 220 -26.38 -2.22 28.95
N LYS B 221 -26.90 -1.07 28.50
CA LYS B 221 -27.84 -0.92 27.37
C LYS B 221 -29.22 -1.54 27.57
N GLN B 222 -29.78 -1.41 28.78
CA GLN B 222 -31.04 -2.06 29.15
C GLN B 222 -32.21 -1.06 29.21
N TRP B 223 -32.83 -0.78 28.08
CA TRP B 223 -33.90 0.23 28.18
C TRP B 223 -34.96 -0.21 29.19
N ASP B 224 -35.48 -1.44 29.08
CA ASP B 224 -36.58 -1.89 29.95
C ASP B 224 -36.25 -1.70 31.44
N VAL B 225 -35.02 -2.02 31.86
CA VAL B 225 -34.54 -1.75 33.22
C VAL B 225 -34.39 -0.25 33.46
N VAL B 226 -33.86 0.52 32.53
CA VAL B 226 -33.76 1.99 32.63
C VAL B 226 -35.15 2.61 32.78
N THR B 227 -36.10 2.21 31.96
CA THR B 227 -37.50 2.66 32.06
C THR B 227 -38.07 2.27 33.42
N TYR B 228 -37.89 1.03 33.88
CA TYR B 228 -38.41 0.61 35.18
C TYR B 228 -37.79 1.41 36.32
N LEU B 229 -36.46 1.53 36.39
CA LEU B 229 -35.80 2.31 37.43
C LEU B 229 -36.26 3.76 37.42
N LEU B 230 -36.42 4.40 36.24
CA LEU B 230 -36.86 5.79 36.13
C LEU B 230 -38.31 6.04 36.53
N GLU B 231 -39.25 5.14 36.23
CA GLU B 231 -40.69 5.42 36.38
C GLU B 231 -41.52 4.33 37.08
N ASN B 232 -40.90 3.45 37.87
CA ASN B 232 -41.61 2.63 38.87
C ASN B 232 -42.21 3.49 40.00
N PRO B 233 -43.31 3.06 40.65
CA PRO B 233 -43.96 3.83 41.71
C PRO B 233 -43.32 3.70 43.09
N HIS B 234 -42.40 2.75 43.30
CA HIS B 234 -41.83 2.43 44.62
C HIS B 234 -40.71 3.38 45.02
N GLN B 235 -39.77 3.56 44.09
CA GLN B 235 -38.64 4.49 44.27
C GLN B 235 -38.11 4.83 42.87
N PRO B 236 -38.53 5.94 42.21
CA PRO B 236 -38.01 6.34 40.91
C PRO B 236 -36.56 6.83 41.04
N ALA B 237 -35.70 6.38 40.14
CA ALA B 237 -34.34 6.84 40.01
C ALA B 237 -34.33 8.32 39.60
N SER B 238 -33.65 9.18 40.37
CA SER B 238 -33.48 10.57 39.98
C SER B 238 -32.45 10.69 38.86
N LEU B 239 -32.82 11.30 37.73
CA LEU B 239 -31.87 11.66 36.68
C LEU B 239 -30.87 12.71 37.15
N GLU B 240 -31.13 13.42 38.25
CA GLU B 240 -30.21 14.38 38.85
C GLU B 240 -29.16 13.71 39.77
N ALA B 241 -29.27 12.41 40.07
CA ALA B 241 -28.38 11.72 41.01
C ALA B 241 -26.95 11.57 40.47
N THR B 242 -25.97 11.65 41.36
CA THR B 242 -24.55 11.71 41.02
C THR B 242 -23.70 10.68 41.76
N ASP B 243 -22.66 10.17 41.10
CA ASP B 243 -21.64 9.33 41.72
C ASP B 243 -20.63 10.12 42.59
N SER B 244 -19.58 9.46 43.10
CA SER B 244 -18.52 10.09 43.92
C SER B 244 -17.68 11.15 43.20
N LEU B 245 -17.64 11.15 41.86
CA LEU B 245 -17.00 12.19 41.04
C LEU B 245 -17.98 13.32 40.69
N GLY B 246 -19.23 13.22 41.12
CA GLY B 246 -20.31 14.11 40.74
C GLY B 246 -20.91 13.80 39.36
N ASN B 247 -20.51 12.71 38.70
CA ASN B 247 -21.02 12.35 37.39
C ASN B 247 -22.48 11.90 37.48
N THR B 248 -23.34 12.51 36.66
CA THR B 248 -24.71 12.07 36.37
C THR B 248 -24.67 10.94 35.33
N VAL B 249 -25.77 10.25 35.04
CA VAL B 249 -25.81 9.19 34.01
C VAL B 249 -25.32 9.65 32.63
N LEU B 250 -25.47 10.93 32.30
CA LEU B 250 -25.00 11.52 31.04
C LEU B 250 -23.48 11.73 31.01
N HIS B 251 -22.87 12.06 32.15
CA HIS B 251 -21.42 12.02 32.28
C HIS B 251 -20.90 10.59 32.24
N ALA B 252 -21.62 9.63 32.85
CA ALA B 252 -21.24 8.22 32.82
C ALA B 252 -21.24 7.67 31.39
N LEU B 253 -22.29 7.93 30.59
CA LEU B 253 -22.32 7.56 29.18
C LEU B 253 -21.23 8.22 28.35
N VAL B 254 -20.86 9.48 28.62
CA VAL B 254 -19.71 10.12 27.97
C VAL B 254 -18.39 9.46 28.38
N MET B 255 -18.22 9.06 29.64
CA MET B 255 -17.03 8.35 30.09
C MET B 255 -16.86 6.98 29.40
N ILE B 256 -17.97 6.33 29.07
CA ILE B 256 -18.03 4.96 28.53
C ILE B 256 -18.09 4.90 27.00
N ALA B 257 -18.31 6.03 26.34
CA ALA B 257 -18.20 6.13 24.89
C ALA B 257 -16.79 5.75 24.41
N ASP B 258 -16.69 4.90 23.40
CA ASP B 258 -15.51 4.65 22.59
C ASP B 258 -15.82 5.10 21.16
N ASN B 259 -14.82 5.54 20.42
CA ASN B 259 -15.03 6.18 19.11
C ASN B 259 -15.30 5.16 17.97
N SER B 260 -15.57 3.89 18.30
CA SER B 260 -15.98 2.87 17.33
C SER B 260 -17.45 3.04 16.92
N PRO B 261 -17.86 2.62 15.72
CA PRO B 261 -19.22 2.88 15.23
C PRO B 261 -20.29 2.09 16.00
N GLU B 262 -19.95 0.92 16.52
CA GLU B 262 -20.90 0.07 17.28
C GLU B 262 -21.16 0.62 18.69
N ASN B 263 -20.12 1.00 19.43
CA ASN B 263 -20.28 1.61 20.76
C ASN B 263 -20.95 2.98 20.63
N SER B 264 -20.37 3.89 19.83
CA SER B 264 -20.83 5.27 19.79
C SER B 264 -22.28 5.41 19.32
N ALA B 265 -22.74 4.66 18.30
CA ALA B 265 -24.13 4.71 17.87
C ALA B 265 -25.11 4.28 18.98
N LEU B 266 -24.76 3.25 19.75
CA LEU B 266 -25.61 2.76 20.84
C LEU B 266 -25.56 3.67 22.08
N VAL B 267 -24.41 4.28 22.40
CA VAL B 267 -24.31 5.32 23.45
C VAL B 267 -25.10 6.57 23.07
N ILE B 268 -25.08 6.99 21.81
CA ILE B 268 -25.87 8.11 21.30
C ILE B 268 -27.37 7.86 21.46
N HIS B 269 -27.86 6.66 21.15
CA HIS B 269 -29.26 6.30 21.40
C HIS B 269 -29.61 6.28 22.89
N MET B 270 -28.74 5.69 23.72
CA MET B 270 -28.95 5.64 25.17
C MET B 270 -28.96 7.04 25.80
N TYR B 271 -28.06 7.91 25.36
CA TYR B 271 -27.98 9.31 25.80
C TYR B 271 -29.24 10.09 25.40
N ASP B 272 -29.66 10.04 24.13
CA ASP B 272 -30.84 10.72 23.64
C ASP B 272 -32.12 10.29 24.34
N GLY B 273 -32.37 8.99 24.52
CA GLY B 273 -33.58 8.55 25.20
C GLY B 273 -33.61 8.94 26.68
N LEU B 274 -32.47 8.97 27.38
CA LEU B 274 -32.41 9.49 28.76
C LEU B 274 -32.65 10.99 28.81
N LEU B 275 -32.13 11.76 27.86
CA LEU B 275 -32.38 13.19 27.74
C LEU B 275 -33.86 13.49 27.40
N GLN B 276 -34.46 12.76 26.46
CA GLN B 276 -35.89 12.82 26.16
C GLN B 276 -36.75 12.39 27.35
N MET B 277 -36.34 11.40 28.15
CA MET B 277 -37.04 11.04 29.40
C MET B 277 -36.88 12.10 30.49
N GLY B 278 -35.74 12.78 30.59
CA GLY B 278 -35.58 13.95 31.45
C GLY B 278 -36.60 15.06 31.18
N ALA B 279 -37.01 15.26 29.92
CA ALA B 279 -38.07 16.22 29.58
C ALA B 279 -39.47 15.80 30.06
N ARG B 280 -39.72 14.51 30.34
CA ARG B 280 -40.95 14.03 31.00
C ARG B 280 -40.85 14.07 32.52
N LEU B 281 -39.77 13.50 33.05
CA LEU B 281 -39.58 13.16 34.48
C LEU B 281 -39.02 14.33 35.31
N CYS B 282 -38.23 15.20 34.68
CA CYS B 282 -37.53 16.32 35.31
C CYS B 282 -37.71 17.61 34.45
N PRO B 283 -38.95 18.03 34.12
CA PRO B 283 -39.19 18.94 32.99
C PRO B 283 -38.56 20.33 33.17
N THR B 284 -38.42 20.79 34.41
CA THR B 284 -37.77 22.07 34.76
C THR B 284 -36.24 21.99 34.85
N VAL B 285 -35.63 20.81 34.73
CA VAL B 285 -34.20 20.60 34.99
C VAL B 285 -33.41 20.47 33.68
N GLN B 286 -32.36 21.27 33.55
CA GLN B 286 -31.42 21.23 32.43
C GLN B 286 -30.32 20.19 32.74
N LEU B 287 -30.55 18.92 32.41
CA LEU B 287 -29.66 17.80 32.78
C LEU B 287 -28.23 17.94 32.24
N GLU B 288 -28.08 18.60 31.11
CA GLU B 288 -26.81 18.92 30.49
C GLU B 288 -26.17 20.21 31.02
N GLU B 289 -26.79 20.91 31.97
CA GLU B 289 -26.18 22.00 32.72
C GLU B 289 -25.73 21.57 34.12
N ILE B 290 -25.97 20.30 34.50
CA ILE B 290 -25.46 19.71 35.74
C ILE B 290 -23.96 19.50 35.60
N SER B 291 -23.18 19.98 36.57
CA SER B 291 -21.72 19.93 36.57
C SER B 291 -21.19 18.87 37.53
N ASN B 292 -20.24 18.05 37.12
CA ASN B 292 -19.54 17.14 38.03
C ASN B 292 -18.55 17.90 38.95
N HIS B 293 -17.78 17.21 39.79
CA HIS B 293 -16.85 17.88 40.72
C HIS B 293 -15.67 18.57 40.04
N GLN B 294 -15.39 18.30 38.77
CA GLN B 294 -14.44 19.06 37.95
C GLN B 294 -15.08 20.30 37.28
N GLY B 295 -16.36 20.58 37.52
CA GLY B 295 -17.10 21.67 36.90
C GLY B 295 -17.56 21.40 35.47
N LEU B 296 -17.48 20.15 35.00
CA LEU B 296 -17.78 19.79 33.62
C LEU B 296 -19.24 19.33 33.48
N THR B 297 -19.94 19.88 32.50
CA THR B 297 -21.18 19.33 31.96
C THR B 297 -20.88 18.14 31.04
N PRO B 298 -21.86 17.31 30.62
CA PRO B 298 -21.61 16.22 29.69
C PRO B 298 -20.92 16.63 28.37
N LEU B 299 -21.27 17.77 27.76
CA LEU B 299 -20.61 18.28 26.55
C LEU B 299 -19.15 18.66 26.80
N LYS B 300 -18.86 19.35 27.91
CA LYS B 300 -17.50 19.74 28.30
C LYS B 300 -16.65 18.52 28.66
N LEU B 301 -17.23 17.50 29.30
CA LEU B 301 -16.56 16.23 29.57
C LEU B 301 -16.25 15.46 28.29
N ALA B 302 -17.11 15.46 27.28
CA ALA B 302 -16.83 14.82 26.00
C ALA B 302 -15.64 15.45 25.26
N ALA B 303 -15.42 16.76 25.41
CA ALA B 303 -14.26 17.49 24.92
C ALA B 303 -12.98 17.18 25.70
N LYS B 304 -13.02 17.16 27.04
CA LYS B 304 -11.86 16.87 27.87
C LYS B 304 -11.37 15.43 27.71
N GLU B 305 -12.30 14.48 27.63
CA GLU B 305 -12.01 13.06 27.39
C GLU B 305 -11.79 12.74 25.90
N GLY B 306 -12.00 13.69 24.99
CA GLY B 306 -11.70 13.54 23.56
C GLY B 306 -12.62 12.59 22.81
N LYS B 307 -13.87 12.43 23.25
CA LYS B 307 -14.82 11.46 22.69
C LYS B 307 -15.53 12.03 21.46
N ILE B 308 -14.90 12.05 20.30
CA ILE B 308 -15.40 12.83 19.14
C ILE B 308 -16.84 12.46 18.75
N GLU B 309 -17.22 11.19 18.77
CA GLU B 309 -18.52 10.77 18.25
C GLU B 309 -19.71 11.25 19.10
N ILE B 310 -19.65 11.06 20.41
CA ILE B 310 -20.66 11.61 21.33
C ILE B 310 -20.55 13.13 21.45
N PHE B 311 -19.35 13.71 21.35
CA PHE B 311 -19.15 15.17 21.32
C PHE B 311 -19.85 15.81 20.12
N ARG B 312 -19.55 15.33 18.90
CA ARG B 312 -20.19 15.74 17.65
C ARG B 312 -21.70 15.59 17.73
N HIS B 313 -22.20 14.47 18.25
CA HIS B 313 -23.64 14.27 18.37
C HIS B 313 -24.29 15.30 19.27
N ILE B 314 -23.81 15.51 20.50
CA ILE B 314 -24.39 16.50 21.43
C ILE B 314 -24.36 17.90 20.78
N LEU B 315 -23.19 18.28 20.26
CA LEU B 315 -22.90 19.59 19.70
C LEU B 315 -23.82 19.99 18.53
N GLN B 316 -24.17 19.04 17.67
CA GLN B 316 -24.94 19.23 16.44
C GLN B 316 -26.39 18.71 16.53
N ARG B 317 -26.86 18.34 17.72
CA ARG B 317 -28.14 17.64 17.93
C ARG B 317 -29.35 18.43 17.47
N GLU B 318 -30.25 17.81 16.71
CA GLU B 318 -31.49 18.42 16.22
C GLU B 318 -32.66 17.44 16.38
N PHE B 319 -33.81 17.93 16.87
CA PHE B 319 -35.04 17.16 17.04
C PHE B 319 -36.25 17.95 16.51
N SER B 320 -37.35 17.23 16.23
CA SER B 320 -38.63 17.79 15.79
C SER B 320 -39.77 17.37 16.75
N GLY B 321 -40.83 18.17 16.82
CA GLY B 321 -41.97 17.89 17.68
C GLY B 321 -41.69 18.17 19.17
N PRO B 322 -42.11 17.31 20.12
CA PRO B 322 -42.04 17.58 21.55
C PRO B 322 -40.66 17.94 22.10
N TYR B 323 -39.62 17.39 21.46
CA TYR B 323 -38.23 17.45 21.91
C TYR B 323 -37.40 18.56 21.25
N GLN B 324 -37.98 19.47 20.48
CA GLN B 324 -37.22 20.53 19.82
C GLN B 324 -36.31 21.36 20.78
N PRO B 325 -36.71 21.75 22.00
CA PRO B 325 -35.85 22.46 22.96
C PRO B 325 -34.61 21.69 23.43
N LEU B 326 -34.59 20.36 23.25
CA LEU B 326 -33.41 19.53 23.50
C LEU B 326 -32.39 19.62 22.36
N SER B 327 -32.70 20.28 21.24
CA SER B 327 -31.74 20.54 20.16
C SER B 327 -30.66 21.53 20.59
N ARG B 328 -29.47 21.38 20.01
CA ARG B 328 -28.45 22.44 19.94
C ARG B 328 -28.36 23.06 18.55
N LYS B 329 -28.83 22.39 17.50
CA LYS B 329 -28.90 22.87 16.11
C LYS B 329 -30.34 23.07 15.69
N PHE B 330 -30.67 24.20 15.11
CA PHE B 330 -31.99 24.49 14.55
C PHE B 330 -31.86 24.86 13.07
N THR B 331 -32.40 24.07 12.15
CA THR B 331 -32.43 24.45 10.73
C THR B 331 -33.35 25.66 10.54
N GLU B 332 -32.82 26.76 10.03
CA GLU B 332 -33.55 27.99 9.76
C GLU B 332 -34.29 27.92 8.43
N TRP B 333 -33.59 27.55 7.36
CA TRP B 333 -34.16 27.22 6.06
C TRP B 333 -33.26 26.23 5.31
N CYS B 334 -33.85 25.54 4.35
CA CYS B 334 -33.17 24.62 3.44
C CYS B 334 -33.71 24.85 2.03
N TYR B 335 -32.82 24.94 1.05
CA TYR B 335 -33.16 25.18 -0.35
C TYR B 335 -32.11 24.56 -1.27
N GLY B 336 -32.48 23.50 -1.99
CA GLY B 336 -31.57 22.75 -2.81
C GLY B 336 -30.45 22.16 -1.95
N PRO B 337 -29.18 22.23 -2.37
CA PRO B 337 -28.05 21.69 -1.64
C PRO B 337 -27.68 22.52 -0.40
N VAL B 338 -28.39 23.62 -0.13
CA VAL B 338 -28.01 24.60 0.90
C VAL B 338 -28.90 24.45 2.13
N ARG B 339 -28.28 24.25 3.30
CA ARG B 339 -28.93 24.33 4.61
C ARG B 339 -28.38 25.50 5.39
N VAL B 340 -29.24 26.31 5.98
CA VAL B 340 -28.84 27.33 6.96
C VAL B 340 -29.32 26.91 8.34
N SER B 341 -28.42 26.84 9.32
CA SER B 341 -28.70 26.35 10.66
C SER B 341 -28.19 27.30 11.72
N LEU B 342 -28.97 27.53 12.77
CA LEU B 342 -28.53 28.17 14.00
C LEU B 342 -27.97 27.12 14.95
N TYR B 343 -26.74 27.27 15.42
CA TYR B 343 -26.13 26.42 16.44
C TYR B 343 -26.03 27.16 17.77
N ASP B 344 -26.42 26.52 18.86
CA ASP B 344 -26.38 27.02 20.24
C ASP B 344 -24.96 27.02 20.83
N LEU B 345 -24.42 28.20 21.16
CA LEU B 345 -23.04 28.37 21.64
C LEU B 345 -22.87 28.39 23.17
N SER B 346 -23.87 28.01 23.97
CA SER B 346 -23.90 28.23 25.42
C SER B 346 -22.62 27.87 26.19
N SER B 347 -22.19 26.61 26.15
CA SER B 347 -20.93 26.13 26.74
C SER B 347 -19.70 26.30 25.83
N VAL B 348 -19.87 26.82 24.61
CA VAL B 348 -18.92 26.67 23.50
C VAL B 348 -18.05 27.90 23.27
N ASP B 349 -18.64 29.09 23.26
CA ASP B 349 -17.92 30.32 22.97
C ASP B 349 -16.95 30.65 24.10
N SER B 350 -15.73 31.03 23.73
CA SER B 350 -14.60 31.35 24.59
C SER B 350 -14.78 32.61 25.45
N TRP B 351 -15.89 33.33 25.27
CA TRP B 351 -16.36 34.36 26.18
C TRP B 351 -16.62 33.81 27.61
N GLU B 352 -17.08 32.57 27.72
CA GLU B 352 -17.19 31.86 28.99
C GLU B 352 -15.85 31.24 29.44
N LYS B 353 -15.50 31.40 30.72
CA LYS B 353 -14.35 30.72 31.35
C LYS B 353 -14.60 29.22 31.45
N ASN B 354 -13.59 28.38 31.19
CA ASN B 354 -13.74 26.91 31.15
C ASN B 354 -14.79 26.46 30.12
N SER B 355 -14.79 27.05 28.93
CA SER B 355 -15.63 26.68 27.79
C SER B 355 -15.03 25.54 26.96
N VAL B 356 -15.82 24.94 26.07
CA VAL B 356 -15.43 23.81 25.22
C VAL B 356 -14.21 24.11 24.35
N LEU B 357 -14.07 25.34 23.84
CA LEU B 357 -12.91 25.72 23.05
C LEU B 357 -11.63 25.76 23.89
N GLU B 358 -11.69 26.33 25.10
CA GLU B 358 -10.58 26.32 26.06
C GLU B 358 -10.18 24.90 26.45
N ILE B 359 -11.16 24.03 26.69
CA ILE B 359 -10.98 22.61 27.01
C ILE B 359 -10.27 21.84 25.91
N ILE B 360 -10.71 21.92 24.65
CA ILE B 360 -10.05 21.20 23.54
C ILE B 360 -8.61 21.67 23.37
N ALA B 361 -8.39 22.98 23.44
CA ALA B 361 -7.07 23.55 23.28
C ALA B 361 -6.15 23.15 24.45
N PHE B 362 -6.59 23.33 25.70
CA PHE B 362 -5.68 23.37 26.85
C PHE B 362 -5.91 22.29 27.93
N HIS B 363 -7.09 21.65 28.02
CA HIS B 363 -7.38 20.67 29.06
C HIS B 363 -7.51 19.23 28.56
N CYS B 364 -7.75 19.03 27.27
CA CYS B 364 -7.84 17.73 26.63
C CYS B 364 -6.45 17.12 26.41
N LYS B 365 -6.20 15.85 26.80
CA LYS B 365 -4.92 15.14 26.58
C LYS B 365 -4.81 14.38 25.25
N SER B 366 -5.93 14.16 24.57
CA SER B 366 -6.07 13.09 23.57
C SER B 366 -5.47 13.39 22.19
N PRO B 367 -5.14 12.37 21.37
CA PRO B 367 -4.82 12.54 19.96
C PRO B 367 -5.92 13.21 19.13
N ASN B 368 -7.17 13.14 19.61
CA ASN B 368 -8.39 13.54 18.89
C ASN B 368 -8.62 15.06 18.79
N ARG B 369 -7.86 15.91 19.49
CA ARG B 369 -8.12 17.36 19.56
C ARG B 369 -8.21 18.04 18.21
N HIS B 370 -7.34 17.67 17.29
CA HIS B 370 -7.33 18.26 15.95
C HIS B 370 -8.57 17.89 15.12
N ARG B 371 -9.20 16.74 15.38
CA ARG B 371 -10.47 16.33 14.76
C ARG B 371 -11.68 17.05 15.36
N MET B 372 -11.60 17.49 16.62
CA MET B 372 -12.67 18.23 17.29
C MET B 372 -12.79 19.69 16.87
N VAL B 373 -11.69 20.40 16.58
CA VAL B 373 -11.79 21.81 16.17
C VAL B 373 -12.30 22.01 14.74
N VAL B 374 -12.31 20.96 13.92
CA VAL B 374 -12.81 21.02 12.53
C VAL B 374 -14.28 20.59 12.40
N LEU B 375 -15.01 20.34 13.49
CA LEU B 375 -16.48 20.16 13.48
C LEU B 375 -17.25 21.48 13.39
N GLU B 376 -18.44 21.53 12.81
CA GLU B 376 -19.33 22.68 12.98
C GLU B 376 -20.07 22.62 14.33
N PRO B 377 -20.34 23.76 15.00
CA PRO B 377 -20.04 25.13 14.59
C PRO B 377 -18.58 25.57 14.84
N LEU B 378 -17.75 24.77 15.52
CA LEU B 378 -16.40 25.14 15.98
C LEU B 378 -15.49 25.62 14.86
N ASN B 379 -15.50 24.97 13.70
CA ASN B 379 -14.74 25.33 12.51
C ASN B 379 -15.06 26.76 12.02
N LYS B 380 -16.34 27.08 11.72
CA LYS B 380 -16.72 28.45 11.33
C LYS B 380 -16.55 29.45 12.47
N LEU B 381 -16.81 29.06 13.72
CA LEU B 381 -16.62 29.92 14.90
C LEU B 381 -15.14 30.30 15.14
N LEU B 382 -14.19 29.38 14.94
CA LEU B 382 -12.77 29.65 15.03
C LEU B 382 -12.25 30.39 13.80
N GLN B 383 -12.82 30.19 12.61
CA GLN B 383 -12.51 31.01 11.44
C GLN B 383 -12.97 32.46 11.63
N GLU B 384 -14.17 32.68 12.14
CA GLU B 384 -14.70 34.01 12.49
C GLU B 384 -13.83 34.73 13.52
N LYS B 385 -13.38 34.04 14.57
CA LYS B 385 -12.43 34.59 15.55
C LYS B 385 -11.07 34.87 14.92
N TRP B 386 -10.53 33.96 14.11
CA TRP B 386 -9.26 34.13 13.42
C TRP B 386 -9.26 35.35 12.50
N ASP B 387 -10.30 35.53 11.69
CA ASP B 387 -10.48 36.70 10.82
C ASP B 387 -10.51 38.03 11.59
N ARG B 388 -11.08 38.05 12.80
CA ARG B 388 -11.05 39.22 13.69
C ARG B 388 -9.69 39.48 14.34
N LEU B 389 -8.78 38.51 14.32
CA LEU B 389 -7.50 38.54 15.05
C LEU B 389 -6.25 38.38 14.16
N VAL B 390 -6.37 38.05 12.88
CA VAL B 390 -5.24 37.84 11.96
C VAL B 390 -4.35 39.08 11.84
N SER B 391 -4.90 40.29 11.92
CA SER B 391 -4.14 41.55 11.98
C SER B 391 -3.39 41.73 13.30
N ARG B 392 -3.88 41.18 14.41
CA ARG B 392 -3.17 41.14 15.70
C ARG B 392 -2.06 40.09 15.68
N PHE B 393 -2.29 38.95 15.04
CA PHE B 393 -1.29 37.92 14.83
C PHE B 393 -0.10 38.45 14.03
N PHE B 394 -0.33 39.14 12.92
CA PHE B 394 0.75 39.69 12.10
C PHE B 394 1.37 40.98 12.67
N PHE B 395 0.65 41.76 13.47
CA PHE B 395 1.27 42.81 14.28
C PHE B 395 2.24 42.21 15.31
N ASN B 396 1.84 41.17 16.03
CA ASN B 396 2.70 40.47 16.98
C ASN B 396 3.96 39.88 16.33
N PHE B 397 3.84 39.34 15.12
CA PHE B 397 4.93 38.91 14.26
C PHE B 397 5.87 40.04 13.83
N ALA B 398 5.33 41.19 13.40
CA ALA B 398 6.13 42.36 13.01
C ALA B 398 6.90 42.98 14.19
N CYS B 399 6.32 43.05 15.39
CA CYS B 399 7.06 43.44 16.59
C CYS B 399 8.22 42.48 16.87
N TYR B 400 7.99 41.18 16.71
CA TYR B 400 9.02 40.18 16.95
C TYR B 400 10.09 40.19 15.85
N LEU B 401 9.76 40.47 14.59
CA LEU B 401 10.74 40.75 13.53
C LEU B 401 11.60 41.97 13.87
N VAL B 402 11.02 43.07 14.31
CA VAL B 402 11.75 44.30 14.70
C VAL B 402 12.65 44.05 15.91
N TYR B 403 12.16 43.32 16.91
CA TYR B 403 12.97 42.86 18.04
C TYR B 403 14.13 41.97 17.58
N MET B 404 13.89 41.00 16.69
CA MET B 404 14.95 40.16 16.14
C MET B 404 15.91 40.85 15.16
N PHE B 405 15.48 41.89 14.46
CA PHE B 405 16.35 42.77 13.69
C PHE B 405 17.31 43.53 14.61
N ILE B 406 16.79 44.22 15.63
CA ILE B 406 17.58 44.92 16.66
C ILE B 406 18.51 43.94 17.38
N PHE B 407 18.03 42.75 17.77
CA PHE B 407 18.86 41.71 18.37
C PHE B 407 20.05 41.35 17.47
N THR B 408 19.82 41.20 16.18
CA THR B 408 20.85 40.81 15.20
C THR B 408 21.87 41.92 14.94
N VAL B 409 21.42 43.16 14.77
CA VAL B 409 22.20 44.39 14.55
C VAL B 409 23.02 44.78 15.78
N VAL B 410 22.67 44.27 16.97
CA VAL B 410 23.41 44.44 18.23
C VAL B 410 24.31 43.25 18.58
N ALA B 411 23.98 42.03 18.15
CA ALA B 411 24.85 40.87 18.31
C ALA B 411 25.98 40.84 17.25
N TYR B 412 25.65 41.12 15.99
CA TYR B 412 26.60 41.72 15.06
C TYR B 412 26.91 43.15 15.57
N HIS B 413 28.04 43.76 15.20
CA HIS B 413 28.49 45.04 15.78
C HIS B 413 28.74 45.07 17.31
N GLN B 414 28.92 43.91 17.98
CA GLN B 414 29.51 43.88 19.33
C GLN B 414 30.96 44.41 19.29
N PRO B 415 31.42 45.12 20.33
CA PRO B 415 32.81 45.56 20.46
C PRO B 415 33.74 44.39 20.81
N SER B 416 35.04 44.60 20.67
CA SER B 416 36.07 43.65 21.12
C SER B 416 35.99 43.40 22.63
N LEU B 417 36.32 42.19 23.07
CA LEU B 417 36.01 41.67 24.41
C LEU B 417 37.17 40.83 24.95
N PHE B 429 28.30 58.47 17.77
CA PHE B 429 26.89 58.14 17.62
C PHE B 429 26.67 56.61 17.62
N GLY B 430 27.56 55.84 17.02
CA GLY B 430 27.45 54.38 16.96
C GLY B 430 27.45 53.72 18.34
N GLU B 431 28.20 54.25 19.30
CA GLU B 431 28.27 53.73 20.67
C GLU B 431 27.00 53.99 21.48
N SER B 432 26.37 55.16 21.35
CA SER B 432 25.10 55.44 22.03
C SER B 432 23.92 54.71 21.38
N MET B 433 23.92 54.53 20.06
CA MET B 433 22.96 53.66 19.38
C MET B 433 23.15 52.18 19.73
N LEU B 434 24.37 51.71 19.96
CA LEU B 434 24.62 50.36 20.51
C LEU B 434 24.06 50.23 21.93
N LEU B 435 24.27 51.21 22.80
CA LEU B 435 23.69 51.20 24.15
C LEU B 435 22.16 51.19 24.11
N LEU B 436 21.53 52.02 23.26
CA LEU B 436 20.08 51.99 23.03
C LEU B 436 19.63 50.60 22.60
N GLY B 437 20.32 49.98 21.64
CA GLY B 437 20.04 48.61 21.21
C GLY B 437 20.06 47.60 22.34
N HIS B 438 21.05 47.67 23.24
CA HIS B 438 21.08 46.81 24.43
C HIS B 438 19.91 47.04 25.38
N ILE B 439 19.48 48.29 25.60
CA ILE B 439 18.31 48.59 26.44
C ILE B 439 17.02 48.10 25.76
N LEU B 440 16.82 48.30 24.46
CA LEU B 440 15.68 47.74 23.75
C LEU B 440 15.64 46.21 23.80
N ILE B 441 16.79 45.52 23.73
CA ILE B 441 16.87 44.06 23.91
C ILE B 441 16.56 43.65 25.34
N LEU B 442 17.03 44.38 26.35
CA LEU B 442 16.67 44.13 27.75
C LEU B 442 15.15 44.26 27.96
N LEU B 443 14.54 45.34 27.48
CA LEU B 443 13.11 45.58 27.61
C LEU B 443 12.27 44.57 26.82
N GLY B 444 12.64 44.23 25.58
CA GLY B 444 12.01 43.16 24.83
C GLY B 444 12.17 41.78 25.47
N GLY B 445 13.31 41.51 26.12
CA GLY B 445 13.55 40.28 26.85
C GLY B 445 12.76 40.19 28.15
N ILE B 446 12.64 41.28 28.93
CA ILE B 446 11.76 41.34 30.10
C ILE B 446 10.29 41.25 29.68
N TYR B 447 9.86 41.95 28.63
CA TYR B 447 8.49 41.85 28.13
C TYR B 447 8.10 40.43 27.77
N LEU B 448 8.93 39.74 26.98
CA LEU B 448 8.70 38.34 26.63
C LEU B 448 8.83 37.41 27.84
N LEU B 449 9.74 37.65 28.78
CA LEU B 449 9.83 36.86 30.00
C LEU B 449 8.55 36.99 30.82
N LEU B 450 8.00 38.19 31.02
CA LEU B 450 6.73 38.39 31.72
C LEU B 450 5.52 37.80 30.97
N GLY B 451 5.45 37.97 29.66
CA GLY B 451 4.40 37.38 28.83
C GLY B 451 4.35 35.85 28.88
N GLN B 452 5.50 35.17 28.88
CA GLN B 452 5.53 33.71 29.00
C GLN B 452 5.34 33.20 30.43
N LEU B 453 5.81 33.91 31.45
CA LEU B 453 5.48 33.56 32.84
C LEU B 453 3.97 33.73 33.11
N TRP B 454 3.32 34.72 32.52
CA TRP B 454 1.86 34.84 32.57
C TRP B 454 1.15 33.67 31.86
N TYR B 455 1.63 33.22 30.70
CA TYR B 455 1.10 32.02 30.04
C TYR B 455 1.16 30.79 30.94
N PHE B 456 2.33 30.45 31.50
CA PHE B 456 2.45 29.29 32.37
C PHE B 456 1.76 29.47 33.73
N TRP B 457 1.56 30.69 34.22
CA TRP B 457 0.70 30.95 35.38
C TRP B 457 -0.77 30.67 35.08
N ARG B 458 -1.26 31.12 33.92
CA ARG B 458 -2.68 30.87 33.53
C ARG B 458 -2.93 29.39 33.26
N ARG B 459 -1.96 28.70 32.67
CA ARG B 459 -2.03 27.28 32.29
C ARG B 459 -1.57 26.29 33.37
N ARG B 460 -1.26 26.83 34.58
CA ARG B 460 -0.72 26.06 35.75
C ARG B 460 -1.36 24.68 35.99
N LEU B 461 -2.68 24.60 35.99
CA LEU B 461 -3.39 23.36 36.34
C LEU B 461 -3.22 22.22 35.31
N PHE B 462 -2.90 22.57 34.07
CA PHE B 462 -2.82 21.65 32.92
C PHE B 462 -1.53 21.94 32.14
N ILE B 463 -0.44 22.18 32.87
CA ILE B 463 0.75 22.84 32.32
C ILE B 463 1.42 21.99 31.23
N TRP B 464 1.53 20.67 31.42
CA TRP B 464 2.07 19.75 30.42
C TRP B 464 1.19 19.68 29.16
N ILE B 465 -0.13 19.66 29.32
CA ILE B 465 -1.11 19.72 28.21
C ILE B 465 -0.95 21.03 27.42
N SER B 466 -0.62 22.10 28.12
CA SER B 466 -0.41 23.43 27.54
C SER B 466 0.98 23.63 26.91
N PHE B 467 1.84 22.61 26.83
CA PHE B 467 3.08 22.65 26.06
C PHE B 467 3.40 21.38 25.24
N MET B 468 2.69 20.26 25.41
CA MET B 468 3.02 18.98 24.75
C MET B 468 3.12 19.08 23.22
N ASP B 469 2.17 19.77 22.57
CA ASP B 469 2.24 20.14 21.15
C ASP B 469 2.83 21.55 20.95
N SER B 470 2.60 22.43 21.92
CA SER B 470 2.90 23.85 21.91
C SER B 470 4.30 24.14 22.47
N TYR B 471 5.32 23.47 21.92
CA TYR B 471 6.69 23.56 22.37
C TYR B 471 7.31 24.97 22.26
N PHE B 472 6.83 25.82 21.36
CA PHE B 472 7.27 27.21 21.26
C PHE B 472 7.00 28.00 22.54
N GLU B 473 6.01 27.66 23.37
CA GLU B 473 5.77 28.43 24.60
C GLU B 473 6.91 28.27 25.62
N ILE B 474 7.65 27.15 25.56
CA ILE B 474 8.89 26.93 26.30
C ILE B 474 10.06 27.65 25.63
N LEU B 475 10.20 27.58 24.30
CA LEU B 475 11.30 28.20 23.57
C LEU B 475 11.28 29.72 23.60
N PHE B 476 10.12 30.36 23.66
CA PHE B 476 10.01 31.79 23.93
C PHE B 476 10.38 32.14 25.38
N LEU B 477 10.12 31.27 26.36
CA LEU B 477 10.49 31.51 27.75
C LEU B 477 12.00 31.37 27.92
N LEU B 478 12.58 30.35 27.30
CA LEU B 478 14.01 30.11 27.25
C LEU B 478 14.76 31.25 26.55
N GLN B 479 14.30 31.71 25.38
CA GLN B 479 14.93 32.85 24.70
C GLN B 479 14.86 34.12 25.55
N ALA B 480 13.76 34.36 26.24
CA ALA B 480 13.60 35.51 27.12
C ALA B 480 14.48 35.41 28.38
N LEU B 481 14.56 34.24 29.03
CA LEU B 481 15.47 34.02 30.16
C LEU B 481 16.93 34.26 29.75
N LEU B 482 17.38 33.68 28.63
CA LEU B 482 18.74 33.85 28.12
C LEU B 482 19.02 35.28 27.66
N THR B 483 18.02 36.02 27.19
CA THR B 483 18.16 37.44 26.90
C THR B 483 18.36 38.26 28.17
N VAL B 484 17.58 38.01 29.23
CA VAL B 484 17.76 38.71 30.51
C VAL B 484 19.09 38.30 31.16
N LEU B 485 19.42 37.01 31.21
CA LEU B 485 20.71 36.53 31.73
C LEU B 485 21.90 37.13 30.98
N SER B 486 21.88 37.17 29.64
CA SER B 486 23.00 37.75 28.89
C SER B 486 23.16 39.25 29.15
N GLN B 487 22.09 40.05 29.26
CA GLN B 487 22.26 41.44 29.66
C GLN B 487 22.73 41.58 31.12
N VAL B 488 22.30 40.71 32.04
CA VAL B 488 22.80 40.67 33.43
C VAL B 488 24.30 40.34 33.46
N LEU B 489 24.76 39.32 32.74
CA LEU B 489 26.18 39.01 32.64
C LEU B 489 26.99 40.13 31.97
N ARG B 490 26.40 40.87 31.02
CA ARG B 490 27.03 42.05 30.41
C ARG B 490 27.14 43.22 31.38
N PHE B 491 26.15 43.47 32.24
CA PHE B 491 26.26 44.44 33.34
C PHE B 491 27.29 44.00 34.41
N MET B 492 27.43 42.70 34.66
CA MET B 492 28.54 42.12 35.45
C MET B 492 29.90 42.16 34.72
N GLU B 493 29.93 42.51 33.44
CA GLU B 493 31.10 42.52 32.56
C GLU B 493 31.84 41.17 32.40
N THR B 494 31.23 40.04 32.77
CA THR B 494 31.81 38.71 32.53
C THR B 494 31.64 38.28 31.08
N GLU B 495 32.71 37.81 30.44
CA GLU B 495 32.74 37.58 28.99
C GLU B 495 31.83 36.42 28.53
N TRP B 496 31.39 35.57 29.46
CA TRP B 496 30.35 34.57 29.22
C TRP B 496 28.97 35.16 28.88
N TYR B 497 28.79 36.50 28.93
CA TYR B 497 27.59 37.11 28.36
C TYR B 497 27.46 36.84 26.85
N LEU B 498 28.56 36.79 26.09
CA LEU B 498 28.48 36.69 24.63
C LEU B 498 27.94 35.33 24.14
N PRO B 499 28.39 34.16 24.62
CA PRO B 499 27.78 32.89 24.23
C PRO B 499 26.31 32.73 24.67
N LEU B 500 25.83 33.42 25.71
CA LEU B 500 24.40 33.49 26.02
C LEU B 500 23.63 34.42 25.08
N LEU B 501 24.21 35.56 24.71
CA LEU B 501 23.59 36.48 23.75
C LEU B 501 23.46 35.80 22.38
N VAL B 502 24.49 35.09 21.96
CA VAL B 502 24.50 34.34 20.70
C VAL B 502 23.56 33.13 20.72
N LEU B 503 23.44 32.40 21.83
CA LEU B 503 22.43 31.34 21.94
C LEU B 503 20.99 31.90 21.86
N SER B 504 20.71 32.99 22.56
CA SER B 504 19.40 33.65 22.50
C SER B 504 19.13 34.35 21.17
N LEU B 505 20.14 34.71 20.38
CA LEU B 505 19.99 35.11 18.99
C LEU B 505 19.58 33.95 18.08
N VAL B 506 20.20 32.76 18.23
CA VAL B 506 19.81 31.56 17.47
C VAL B 506 18.38 31.17 17.82
N LEU B 507 18.06 30.95 19.10
CA LEU B 507 16.70 30.67 19.54
C LEU B 507 15.73 31.75 19.06
N GLY B 508 16.14 33.02 19.06
CA GLY B 508 15.34 34.12 18.59
C GLY B 508 14.87 33.95 17.16
N TRP B 509 15.74 33.54 16.23
CA TRP B 509 15.37 33.28 14.84
C TRP B 509 14.66 31.94 14.67
N LEU B 510 15.02 30.89 15.41
CA LEU B 510 14.27 29.63 15.38
C LEU B 510 12.82 29.82 15.82
N ASN B 511 12.60 30.63 16.87
CA ASN B 511 11.28 31.03 17.34
C ASN B 511 10.47 31.79 16.29
N LEU B 512 11.09 32.40 15.29
CA LEU B 512 10.40 33.08 14.19
C LEU B 512 9.59 32.08 13.35
N LEU B 513 9.93 30.80 13.38
CA LEU B 513 9.16 29.74 12.74
C LEU B 513 7.81 29.50 13.41
N TYR B 514 7.54 30.00 14.62
CA TYR B 514 6.20 29.92 15.21
C TYR B 514 5.15 30.50 14.26
N TYR B 515 5.42 31.67 13.71
CA TYR B 515 4.47 32.45 12.92
C TYR B 515 4.18 31.88 11.54
N THR B 516 4.85 30.80 11.13
CA THR B 516 4.53 30.10 9.87
C THR B 516 3.10 29.56 9.84
N ARG B 517 2.45 29.35 11.00
CA ARG B 517 1.04 28.94 11.14
C ARG B 517 0.02 29.98 10.73
N GLY B 518 0.41 31.22 10.46
CA GLY B 518 -0.53 32.28 10.07
C GLY B 518 -1.11 32.10 8.67
N PHE B 519 -0.43 31.39 7.78
CA PHE B 519 -0.88 31.09 6.42
C PHE B 519 -1.06 29.60 6.24
N GLN B 520 -2.05 29.19 5.45
CA GLN B 520 -2.32 27.78 5.20
C GLN B 520 -1.12 27.05 4.61
N HIS B 521 -0.46 27.61 3.60
CA HIS B 521 0.59 26.88 2.89
C HIS B 521 1.83 26.64 3.73
N THR B 522 2.41 27.65 4.36
CA THR B 522 3.53 27.46 5.31
C THR B 522 3.09 26.74 6.59
N GLY B 523 1.86 26.98 7.07
CA GLY B 523 1.34 26.48 8.34
C GLY B 523 0.95 25.01 8.33
N ILE B 524 0.47 24.51 7.20
CA ILE B 524 0.30 23.07 6.96
C ILE B 524 1.65 22.38 6.74
N TYR B 525 2.63 23.01 6.08
CA TYR B 525 3.93 22.37 5.90
C TYR B 525 4.71 22.23 7.20
N SER B 526 4.68 23.25 8.07
CA SER B 526 5.21 23.12 9.44
C SER B 526 4.60 21.97 10.24
N VAL B 527 3.44 21.47 9.85
CA VAL B 527 2.76 20.30 10.40
C VAL B 527 3.07 19.00 9.64
N MET B 528 3.28 19.05 8.33
CA MET B 528 3.74 17.90 7.54
C MET B 528 5.12 17.40 7.97
N ILE B 529 6.03 18.35 8.18
CA ILE B 529 7.44 18.09 8.41
C ILE B 529 7.71 17.55 9.83
N GLN B 530 7.27 18.21 10.90
CA GLN B 530 7.53 17.75 12.27
C GLN B 530 6.66 16.54 12.64
N LYS B 531 7.26 15.42 13.07
CA LYS B 531 6.53 14.15 13.31
C LYS B 531 7.28 13.16 14.23
N VAL B 532 6.81 11.90 14.21
CA VAL B 532 7.32 10.69 14.91
C VAL B 532 8.83 10.46 14.81
N ILE B 533 9.49 11.08 13.84
CA ILE B 533 10.96 11.13 13.72
C ILE B 533 11.62 11.65 15.01
N LEU B 534 11.02 12.61 15.72
CA LEU B 534 11.57 13.12 16.99
C LEU B 534 11.58 12.08 18.12
N ARG B 535 10.66 11.10 18.04
CA ARG B 535 10.53 10.01 19.05
C ARG B 535 11.59 8.93 18.82
N ASP B 536 11.78 8.54 17.56
CA ASP B 536 12.69 7.44 17.20
C ASP B 536 14.15 7.86 17.05
N LEU B 537 14.46 9.08 16.63
CA LEU B 537 15.84 9.54 16.64
C LEU B 537 16.43 9.60 18.05
N LEU B 538 15.63 9.93 19.07
CA LEU B 538 16.06 9.86 20.48
C LEU B 538 16.31 8.42 20.95
N ARG B 539 15.78 7.43 20.21
CA ARG B 539 16.04 5.98 20.52
C ARG B 539 17.31 5.55 19.77
N PHE B 540 17.43 5.90 18.49
CA PHE B 540 18.62 5.65 17.66
C PHE B 540 19.87 6.31 18.25
N LEU B 541 19.74 7.49 18.85
CA LEU B 541 20.85 8.22 19.46
C LEU B 541 21.53 7.42 20.58
N LEU B 542 20.80 6.61 21.34
CA LEU B 542 21.41 5.72 22.33
C LEU B 542 22.30 4.66 21.67
N VAL B 543 21.84 4.05 20.58
CA VAL B 543 22.63 3.05 19.82
C VAL B 543 23.83 3.70 19.14
N TYR B 544 23.64 4.86 18.50
CA TYR B 544 24.70 5.62 17.86
C TYR B 544 25.76 6.12 18.84
N LEU B 545 25.40 6.57 20.04
CA LEU B 545 26.36 7.03 21.06
C LEU B 545 27.09 5.89 21.77
N VAL B 546 26.51 4.70 21.93
CA VAL B 546 27.28 3.54 22.41
C VAL B 546 28.29 3.07 21.38
N PHE B 547 27.94 3.08 20.08
CA PHE B 547 28.93 2.86 19.01
C PHE B 547 30.01 3.95 19.06
N LEU B 548 29.63 5.22 18.99
CA LEU B 548 30.58 6.33 18.89
C LEU B 548 31.53 6.39 20.07
N PHE B 549 31.05 6.32 21.32
CA PHE B 549 31.95 6.31 22.48
C PHE B 549 32.76 5.01 22.56
N GLY B 550 32.15 3.84 22.29
CA GLY B 550 32.84 2.55 22.35
C GLY B 550 34.03 2.46 21.41
N PHE B 551 33.89 2.98 20.18
CA PHE B 551 34.99 3.08 19.21
C PHE B 551 35.94 4.25 19.50
N ALA B 552 35.49 5.38 20.06
CA ALA B 552 36.36 6.50 20.38
C ALA B 552 37.39 6.17 21.48
N VAL B 553 36.98 5.56 22.60
CA VAL B 553 37.94 5.14 23.66
C VAL B 553 38.94 4.11 23.13
N ALA B 554 38.57 3.34 22.11
CA ALA B 554 39.39 2.31 21.51
C ALA B 554 40.43 2.86 20.54
N LEU B 555 40.03 3.71 19.61
CA LEU B 555 40.96 4.36 18.68
C LEU B 555 41.95 5.25 19.42
N VAL B 556 41.53 5.95 20.48
CA VAL B 556 42.44 6.72 21.34
C VAL B 556 43.47 5.83 22.05
N SER B 557 43.03 4.69 22.60
CA SER B 557 43.92 3.75 23.29
C SER B 557 44.95 3.11 22.37
N LEU B 558 44.58 2.83 21.13
CA LEU B 558 45.45 2.14 20.16
C LEU B 558 46.34 3.08 19.34
N SER B 559 45.88 4.32 19.07
CA SER B 559 46.67 5.34 18.36
C SER B 559 47.74 6.01 19.23
N ARG B 560 47.88 5.60 20.49
CA ARG B 560 48.87 6.13 21.44
C ARG B 560 50.31 5.69 21.15
N GLU B 561 50.52 4.58 20.43
CA GLU B 561 51.84 4.00 20.17
C GLU B 561 52.35 4.32 18.75
N ALA B 562 53.53 4.92 18.64
CA ALA B 562 54.24 5.18 17.37
C ALA B 562 55.10 3.98 16.93
N ARG B 563 55.34 3.85 15.62
CA ARG B 563 56.02 2.70 15.02
C ARG B 563 57.52 2.64 15.37
N PRO B 589 45.01 12.98 14.21
CA PRO B 589 43.80 12.36 14.70
C PRO B 589 43.97 11.54 15.99
N TYR B 590 42.84 11.24 16.64
CA TYR B 590 42.72 10.29 17.76
C TYR B 590 43.56 10.63 19.00
N ARG B 591 43.85 11.92 19.25
CA ARG B 591 44.64 12.37 20.40
C ARG B 591 43.90 12.35 21.74
N SER B 592 42.57 12.45 21.72
CA SER B 592 41.72 12.55 22.92
C SER B 592 40.33 11.99 22.66
N ILE B 593 39.54 11.73 23.69
CA ILE B 593 38.16 11.21 23.54
C ILE B 593 37.30 12.18 22.72
N LEU B 594 37.45 13.49 22.92
CA LEU B 594 36.76 14.52 22.15
C LEU B 594 37.17 14.49 20.68
N ASP B 595 38.47 14.51 20.40
CA ASP B 595 38.97 14.49 19.02
C ASP B 595 38.59 13.21 18.27
N ALA B 596 38.69 12.04 18.90
CA ALA B 596 38.25 10.78 18.29
C ALA B 596 36.73 10.72 18.11
N SER B 597 35.93 11.22 19.07
CA SER B 597 34.48 11.34 18.89
C SER B 597 34.14 12.27 17.73
N LEU B 598 34.90 13.35 17.52
CA LEU B 598 34.67 14.28 16.43
C LEU B 598 35.11 13.72 15.07
N GLU B 599 36.27 13.06 14.98
CA GLU B 599 36.72 12.37 13.75
C GLU B 599 35.78 11.22 13.37
N LEU B 600 35.32 10.42 14.33
CA LEU B 600 34.30 9.41 14.10
C LEU B 600 32.92 10.02 13.80
N PHE B 601 32.58 11.18 14.34
CA PHE B 601 31.32 11.83 13.97
C PHE B 601 31.38 12.36 12.54
N LYS B 602 32.52 12.88 12.08
CA LYS B 602 32.67 13.38 10.72
C LYS B 602 32.32 12.35 9.64
N PHE B 603 32.43 11.06 9.88
CA PHE B 603 31.97 10.02 8.93
C PHE B 603 30.47 10.06 8.60
N THR B 604 29.64 10.61 9.48
CA THR B 604 28.19 10.72 9.23
C THR B 604 27.83 11.97 8.42
N ILE B 605 28.65 13.02 8.44
CA ILE B 605 28.48 14.19 7.56
C ILE B 605 29.20 14.04 6.19
N GLY B 606 29.80 12.87 5.91
CA GLY B 606 30.53 12.59 4.68
C GLY B 606 31.98 13.06 4.63
N MET B 607 32.60 13.45 5.76
CA MET B 607 33.96 14.01 5.84
C MET B 607 34.95 13.06 6.55
N GLY B 608 34.87 11.76 6.28
CA GLY B 608 35.46 10.70 7.09
C GLY B 608 36.97 10.70 7.34
N GLU B 609 37.80 11.11 6.37
CA GLU B 609 39.28 11.08 6.51
C GLU B 609 39.83 9.67 6.84
N LEU B 610 39.29 8.65 6.17
CA LEU B 610 39.65 7.23 6.28
C LEU B 610 41.00 6.91 5.61
N ALA B 611 42.02 6.51 6.36
CA ALA B 611 43.38 6.34 5.85
C ALA B 611 44.22 5.30 6.62
N PHE B 612 45.22 4.73 5.95
CA PHE B 612 46.24 3.86 6.54
C PHE B 612 47.37 4.72 7.15
N GLN B 613 47.22 5.13 8.41
CA GLN B 613 48.11 6.10 9.08
C GLN B 613 49.55 5.59 9.16
N GLU B 614 50.53 6.25 8.54
CA GLU B 614 51.87 5.67 8.39
C GLU B 614 52.67 5.56 9.70
N GLN B 615 52.50 6.49 10.64
CA GLN B 615 53.33 6.63 11.84
C GLN B 615 52.91 5.77 13.03
N LEU B 616 51.66 5.29 13.07
CA LEU B 616 51.12 4.50 14.18
C LEU B 616 51.67 3.06 14.15
N ARG B 617 51.95 2.47 15.31
CA ARG B 617 52.51 1.08 15.38
C ARG B 617 51.47 0.07 14.92
N PHE B 618 50.23 0.23 15.38
CA PHE B 618 49.08 -0.64 15.08
C PHE B 618 48.22 -0.10 13.94
N ARG B 619 48.79 0.59 12.95
CA ARG B 619 48.02 1.28 11.87
C ARG B 619 47.05 0.37 11.09
N GLY B 620 47.36 -0.89 10.87
CA GLY B 620 46.41 -1.82 10.24
C GLY B 620 45.20 -2.12 11.13
N VAL B 621 45.40 -2.22 12.45
CA VAL B 621 44.31 -2.46 13.41
C VAL B 621 43.48 -1.20 13.61
N VAL B 622 44.09 -0.01 13.63
CA VAL B 622 43.39 1.28 13.63
C VAL B 622 42.53 1.43 12.37
N LEU B 623 43.03 1.08 11.18
CA LEU B 623 42.21 1.06 9.95
C LEU B 623 41.07 0.02 10.02
N LEU B 624 41.31 -1.18 10.51
CA LEU B 624 40.24 -2.17 10.73
C LEU B 624 39.19 -1.69 11.75
N LEU B 625 39.57 -0.95 12.81
CA LEU B 625 38.61 -0.33 13.72
C LEU B 625 37.77 0.75 13.03
N LEU B 626 38.34 1.56 12.14
CA LEU B 626 37.56 2.51 11.34
C LEU B 626 36.62 1.80 10.37
N LEU B 627 37.09 0.76 9.66
CA LEU B 627 36.25 -0.02 8.75
C LEU B 627 35.12 -0.76 9.49
N ALA B 628 35.39 -1.28 10.69
CA ALA B 628 34.34 -1.80 11.57
C ALA B 628 33.34 -0.71 11.98
N TYR B 629 33.78 0.46 12.43
CA TYR B 629 32.87 1.56 12.77
C TYR B 629 32.02 2.01 11.57
N VAL B 630 32.61 2.22 10.40
CA VAL B 630 31.91 2.64 9.18
C VAL B 630 30.84 1.63 8.79
N LEU B 631 31.18 0.35 8.69
CA LEU B 631 30.24 -0.67 8.28
C LEU B 631 29.12 -0.82 9.31
N LEU B 632 29.42 -0.90 10.60
CA LEU B 632 28.38 -0.98 11.64
C LEU B 632 27.48 0.26 11.67
N THR B 633 28.04 1.45 11.53
CA THR B 633 27.28 2.71 11.51
C THR B 633 26.42 2.85 10.27
N TYR B 634 26.87 2.43 9.09
CA TYR B 634 26.08 2.56 7.88
C TYR B 634 24.99 1.48 7.81
N VAL B 635 25.22 0.28 8.35
CA VAL B 635 24.16 -0.71 8.65
C VAL B 635 23.15 -0.15 9.64
N LEU B 636 23.57 0.51 10.72
CA LEU B 636 22.68 1.17 11.67
C LEU B 636 21.87 2.30 11.02
N LEU B 637 22.46 3.19 10.24
CA LEU B 637 21.73 4.25 9.55
C LEU B 637 20.74 3.69 8.52
N LEU B 638 21.08 2.61 7.83
CA LEU B 638 20.22 1.89 6.91
C LEU B 638 19.03 1.22 7.63
N ASN B 639 19.26 0.56 8.77
CA ASN B 639 18.21 0.08 9.68
C ASN B 639 17.32 1.22 10.19
N MET B 640 17.89 2.36 10.56
CA MET B 640 17.17 3.51 11.10
C MET B 640 16.26 4.17 10.05
N LEU B 641 16.74 4.42 8.84
CA LEU B 641 15.92 4.98 7.75
C LEU B 641 14.79 4.04 7.36
N ILE B 642 15.05 2.74 7.22
CA ILE B 642 14.03 1.75 6.86
C ILE B 642 13.01 1.56 7.99
N ALA B 643 13.41 1.57 9.26
CA ALA B 643 12.50 1.58 10.39
C ALA B 643 11.57 2.81 10.37
N LEU B 644 12.10 4.02 10.17
CA LEU B 644 11.32 5.25 10.02
C LEU B 644 10.35 5.19 8.83
N MET B 645 10.78 4.75 7.64
CA MET B 645 9.87 4.58 6.50
C MET B 645 8.74 3.60 6.82
N SER B 646 9.04 2.47 7.46
CA SER B 646 8.03 1.46 7.78
C SER B 646 6.89 2.00 8.67
N GLU B 647 7.16 2.89 9.64
CA GLU B 647 6.10 3.48 10.46
C GLU B 647 5.45 4.71 9.82
N THR B 648 6.23 5.58 9.17
CA THR B 648 5.74 6.89 8.68
C THR B 648 5.19 6.90 7.25
N VAL B 649 5.53 5.93 6.39
CA VAL B 649 5.00 5.85 5.01
C VAL B 649 3.89 4.80 5.06
N ASN B 650 2.77 5.14 5.68
CA ASN B 650 1.72 4.11 5.88
C ASN B 650 0.50 4.33 4.98
N HIS B 651 0.40 5.45 4.26
CA HIS B 651 -0.81 5.74 3.43
C HIS B 651 -1.94 6.39 4.23
N VAL B 652 -1.83 6.52 5.56
CA VAL B 652 -2.83 7.26 6.32
C VAL B 652 -3.07 8.61 5.63
N ALA B 653 -4.34 9.00 5.44
CA ALA B 653 -4.68 10.26 4.78
C ALA B 653 -4.19 11.46 5.59
N ASP B 654 -3.66 12.49 4.94
CA ASP B 654 -2.89 13.53 5.60
C ASP B 654 -3.74 14.38 6.58
N ASN B 655 -3.38 14.35 7.87
CA ASN B 655 -4.18 15.07 8.92
C ASN B 655 -3.51 16.40 9.29
N SER B 656 -2.76 17.02 8.38
CA SER B 656 -2.09 18.30 8.59
C SER B 656 -2.97 19.54 8.52
N TRP B 657 -3.99 19.59 7.66
CA TRP B 657 -4.94 20.72 7.64
C TRP B 657 -5.66 20.90 8.97
N SER B 658 -6.07 19.80 9.60
CA SER B 658 -6.78 19.82 10.88
C SER B 658 -5.84 20.10 12.07
N ILE B 659 -4.59 19.62 12.04
CA ILE B 659 -3.62 19.97 13.08
C ILE B 659 -3.25 21.45 12.95
N TRP B 660 -3.18 22.00 11.74
CA TRP B 660 -3.06 23.44 11.53
C TRP B 660 -4.27 24.23 12.02
N LYS B 661 -5.50 23.78 11.78
CA LYS B 661 -6.71 24.38 12.38
C LYS B 661 -6.67 24.38 13.91
N LEU B 662 -6.13 23.36 14.56
CA LEU B 662 -5.91 23.37 16.01
C LEU B 662 -4.82 24.36 16.45
N GLN B 663 -3.72 24.50 15.70
CA GLN B 663 -2.71 25.51 15.97
C GLN B 663 -3.30 26.93 15.90
N LYS B 664 -4.15 27.21 14.89
CA LYS B 664 -4.91 28.46 14.81
C LYS B 664 -5.93 28.63 15.92
N ALA B 665 -6.60 27.57 16.37
CA ALA B 665 -7.48 27.62 17.54
C ALA B 665 -6.74 27.99 18.83
N ILE B 666 -5.61 27.35 19.13
CA ILE B 666 -4.78 27.66 20.30
C ILE B 666 -4.28 29.12 20.25
N SER B 667 -3.86 29.58 19.06
CA SER B 667 -3.44 30.96 18.81
C SER B 667 -4.56 31.97 19.07
N VAL B 668 -5.76 31.74 18.54
CA VAL B 668 -6.96 32.55 18.77
C VAL B 668 -7.29 32.67 20.25
N LEU B 669 -7.39 31.54 20.94
CA LEU B 669 -7.85 31.53 22.33
C LEU B 669 -6.86 32.19 23.28
N GLU B 670 -5.58 32.27 22.92
CA GLU B 670 -4.60 33.12 23.57
C GLU B 670 -4.73 34.60 23.22
N MET B 671 -4.85 34.95 21.94
CA MET B 671 -5.02 36.34 21.49
C MET B 671 -6.27 37.03 22.03
N GLU B 672 -7.36 36.31 22.26
CA GLU B 672 -8.59 36.87 22.81
C GLU B 672 -8.44 37.48 24.21
N ASN B 673 -7.42 37.09 24.98
CA ASN B 673 -7.12 37.68 26.29
C ASN B 673 -6.35 38.99 26.20
N GLY B 674 -5.90 39.39 25.01
CA GLY B 674 -4.98 40.52 24.84
C GLY B 674 -3.58 40.17 25.34
N TYR B 675 -3.00 41.06 26.11
CA TYR B 675 -1.63 40.95 26.61
C TYR B 675 -1.59 41.00 28.14
N TRP B 676 -0.53 40.52 28.77
CA TRP B 676 -0.39 40.47 30.23
C TRP B 676 -0.60 41.82 30.92
N TRP B 677 -0.29 42.93 30.25
CA TRP B 677 -0.43 44.32 30.67
C TRP B 677 -1.74 45.01 30.23
N CYS B 678 -2.50 44.41 29.31
CA CYS B 678 -3.70 44.99 28.69
C CYS B 678 -4.66 43.85 28.34
N ARG B 679 -5.41 43.41 29.36
CA ARG B 679 -6.25 42.22 29.33
C ARG B 679 -7.59 42.56 28.69
N ARG B 680 -7.77 42.12 27.44
CA ARG B 680 -8.85 42.48 26.51
C ARG B 680 -10.23 42.05 27.02
N LYS B 681 -11.23 42.92 26.87
CA LYS B 681 -12.63 42.57 27.11
C LYS B 681 -13.18 41.71 25.97
N LYS B 682 -13.63 40.48 26.27
CA LYS B 682 -14.07 39.51 25.25
C LYS B 682 -15.41 39.88 24.63
N HIS B 683 -15.44 39.96 23.29
CA HIS B 683 -16.65 40.02 22.47
C HIS B 683 -17.37 38.65 22.45
N ARG B 684 -18.70 38.65 22.38
CA ARG B 684 -19.55 37.44 22.43
C ARG B 684 -20.06 37.10 21.04
N GLU B 685 -19.86 35.86 20.60
CA GLU B 685 -20.17 35.42 19.23
C GLU B 685 -21.65 35.05 19.06
N GLY B 686 -22.15 35.12 17.83
CA GLY B 686 -23.56 34.86 17.53
C GLY B 686 -24.50 35.99 17.97
N ARG B 687 -25.81 35.70 17.94
CA ARG B 687 -26.90 36.62 18.29
C ARG B 687 -27.85 35.96 19.28
N LEU B 688 -28.43 36.74 20.19
CA LEU B 688 -29.52 36.26 21.03
C LEU B 688 -30.81 36.12 20.21
N LEU B 689 -31.23 34.89 19.92
CA LEU B 689 -32.38 34.58 19.06
C LEU B 689 -33.37 33.68 19.78
N LYS B 690 -34.67 33.92 19.59
CA LYS B 690 -35.75 33.00 19.99
C LYS B 690 -35.77 31.80 19.03
N VAL B 691 -35.50 30.61 19.54
CA VAL B 691 -35.56 29.35 18.78
C VAL B 691 -36.87 28.58 19.00
N GLY B 692 -37.62 28.91 20.05
CA GLY B 692 -38.89 28.26 20.39
C GLY B 692 -39.43 28.70 21.75
N THR B 693 -40.24 27.84 22.39
CA THR B 693 -40.80 28.05 23.73
C THR B 693 -40.16 27.08 24.74
N ARG B 694 -39.67 27.59 25.88
CA ARG B 694 -38.87 26.84 26.87
C ARG B 694 -39.72 25.89 27.72
N PRO B 699 -39.43 32.87 26.73
CA PRO B 699 -39.27 31.86 25.68
C PRO B 699 -37.90 31.17 25.70
N ASP B 700 -37.66 30.30 24.72
CA ASP B 700 -36.36 29.66 24.51
C ASP B 700 -35.48 30.59 23.67
N GLU B 701 -34.80 31.54 24.32
CA GLU B 701 -33.91 32.52 23.70
C GLU B 701 -32.46 32.17 24.01
N ARG B 702 -31.66 32.02 22.94
CA ARG B 702 -30.26 31.53 23.08
C ARG B 702 -29.27 32.24 22.17
N TRP B 703 -28.03 32.37 22.64
CA TRP B 703 -26.95 32.87 21.81
C TRP B 703 -26.62 31.85 20.73
N CYS B 704 -27.26 32.03 19.57
CA CYS B 704 -27.15 31.18 18.40
C CYS B 704 -26.17 31.75 17.38
N PHE B 705 -25.50 30.88 16.66
CA PHE B 705 -24.55 31.21 15.62
C PHE B 705 -24.94 30.54 14.30
N ARG B 706 -25.13 31.36 13.26
CA ARG B 706 -25.66 30.87 11.95
C ARG B 706 -24.56 30.32 11.05
N VAL B 707 -24.68 29.06 10.67
CA VAL B 707 -23.79 28.37 9.73
C VAL B 707 -24.58 28.06 8.46
N GLU B 708 -23.98 28.27 7.30
CA GLU B 708 -24.57 27.94 6.00
C GLU B 708 -23.74 26.82 5.35
N GLU B 709 -24.34 25.66 5.12
CA GLU B 709 -23.68 24.51 4.50
C GLU B 709 -24.21 24.31 3.08
N VAL B 710 -23.33 24.24 2.08
CA VAL B 710 -23.65 23.79 0.73
C VAL B 710 -23.06 22.41 0.54
N ASN B 711 -23.89 21.42 0.18
CA ASN B 711 -23.45 20.03 0.10
C ASN B 711 -24.23 19.24 -0.97
N TRP B 712 -23.83 19.42 -2.24
CA TRP B 712 -24.41 18.71 -3.37
C TRP B 712 -24.28 17.19 -3.21
N ALA B 713 -23.10 16.69 -2.84
CA ALA B 713 -22.84 15.26 -2.74
C ALA B 713 -23.78 14.54 -1.74
N ALA B 714 -24.08 15.15 -0.59
CA ALA B 714 -25.04 14.60 0.36
C ALA B 714 -26.49 14.83 -0.08
N TRP B 715 -26.81 16.00 -0.65
CA TRP B 715 -28.17 16.35 -1.06
C TRP B 715 -28.68 15.49 -2.22
N GLU B 716 -27.87 15.23 -3.24
CA GLU B 716 -28.30 14.47 -4.41
C GLU B 716 -28.74 13.04 -4.07
N LYS B 717 -28.18 12.46 -3.01
CA LYS B 717 -28.55 11.14 -2.49
C LYS B 717 -29.94 11.09 -1.84
N THR B 718 -30.54 12.26 -1.56
CA THR B 718 -31.91 12.39 -1.02
C THR B 718 -32.97 12.64 -2.09
N LEU B 719 -32.60 12.87 -3.35
CA LEU B 719 -33.55 13.19 -4.42
C LEU B 719 -34.48 12.00 -4.74
N ARG C 74 -58.12 42.97 10.82
CA ARG C 74 -57.16 44.00 10.34
C ARG C 74 -56.57 43.54 8.99
N PHE C 75 -56.13 42.29 8.83
CA PHE C 75 -55.42 41.82 7.61
C PHE C 75 -54.16 42.64 7.25
N ASP C 76 -53.42 42.88 8.23
CA ASP C 76 -52.02 43.24 8.04
C ASP C 76 -51.18 42.03 7.56
N ARG C 77 -49.89 42.30 7.28
CA ARG C 77 -48.97 41.25 6.78
C ARG C 77 -48.79 40.11 7.79
N ASP C 78 -48.69 40.45 9.08
CA ASP C 78 -48.38 39.45 10.10
C ASP C 78 -49.57 38.51 10.38
N ARG C 79 -50.83 38.98 10.26
CA ARG C 79 -51.98 38.07 10.15
C ARG C 79 -51.89 37.21 8.89
N LEU C 80 -51.73 37.81 7.72
CA LEU C 80 -51.77 37.03 6.47
C LEU C 80 -50.67 35.96 6.41
N PHE C 81 -49.44 36.31 6.77
CA PHE C 81 -48.30 35.38 6.76
C PHE C 81 -48.48 34.24 7.78
N SER C 82 -49.12 34.49 8.94
CA SER C 82 -49.44 33.42 9.88
C SER C 82 -50.66 32.58 9.42
N VAL C 83 -51.65 33.17 8.74
CA VAL C 83 -52.79 32.45 8.13
C VAL C 83 -52.35 31.47 7.04
N VAL C 84 -51.62 31.92 6.02
CA VAL C 84 -51.20 31.03 4.92
C VAL C 84 -50.21 29.95 5.35
N SER C 85 -49.51 30.14 6.48
CA SER C 85 -48.61 29.11 7.05
C SER C 85 -49.37 27.93 7.68
N ARG C 86 -50.62 28.15 8.11
CA ARG C 86 -51.44 27.09 8.78
C ARG C 86 -52.10 26.17 7.74
N GLY C 87 -52.29 26.63 6.52
CA GLY C 87 -52.95 25.87 5.45
C GLY C 87 -54.47 25.86 5.50
N VAL C 88 -55.09 26.69 6.35
CA VAL C 88 -56.56 26.85 6.45
C VAL C 88 -57.02 28.03 5.58
N PRO C 89 -57.79 27.80 4.49
CA PRO C 89 -58.16 28.87 3.56
C PRO C 89 -59.23 29.81 4.11
N GLU C 90 -60.07 29.34 5.03
CA GLU C 90 -61.27 30.07 5.48
C GLU C 90 -60.93 31.34 6.30
N GLU C 91 -59.77 31.36 6.96
CA GLU C 91 -59.30 32.52 7.74
C GLU C 91 -58.91 33.73 6.88
N LEU C 92 -58.88 33.59 5.55
CA LEU C 92 -58.73 34.70 4.59
C LEU C 92 -60.03 35.52 4.42
N THR C 93 -61.15 35.09 5.02
CA THR C 93 -62.46 35.76 4.88
C THR C 93 -62.41 37.24 5.30
N GLY C 94 -62.66 38.15 4.36
CA GLY C 94 -62.58 39.61 4.56
C GLY C 94 -61.31 40.27 4.02
N LEU C 95 -60.29 39.51 3.58
CA LEU C 95 -59.08 40.07 2.99
C LEU C 95 -59.37 40.89 1.72
N LEU C 96 -60.34 40.43 0.90
CA LEU C 96 -60.79 41.18 -0.28
C LEU C 96 -61.30 42.58 0.09
N GLU C 97 -62.16 42.67 1.10
CA GLU C 97 -62.74 43.94 1.54
C GLU C 97 -61.68 44.90 2.08
N TYR C 98 -60.72 44.40 2.87
CA TYR C 98 -59.65 45.24 3.41
C TYR C 98 -58.73 45.78 2.31
N LEU C 99 -58.31 44.93 1.36
CA LEU C 99 -57.47 45.35 0.24
C LEU C 99 -58.18 46.40 -0.64
N ARG C 100 -59.45 46.16 -0.99
CA ARG C 100 -60.26 47.10 -1.79
C ARG C 100 -60.51 48.42 -1.04
N TRP C 101 -60.84 48.39 0.24
CA TRP C 101 -61.14 49.59 1.03
C TRP C 101 -59.90 50.48 1.23
N ASN C 102 -58.72 49.89 1.42
CA ASN C 102 -57.44 50.62 1.46
C ASN C 102 -56.86 50.94 0.06
N SER C 103 -57.39 50.35 -1.02
CA SER C 103 -56.87 50.38 -2.41
C SER C 103 -55.46 49.77 -2.58
N LYS C 104 -55.07 48.82 -1.72
CA LYS C 104 -53.74 48.18 -1.69
C LYS C 104 -53.73 46.81 -2.37
N TYR C 105 -52.53 46.31 -2.67
CA TYR C 105 -52.29 45.04 -3.36
C TYR C 105 -51.35 44.12 -2.57
N LEU C 106 -51.51 42.80 -2.69
CA LEU C 106 -50.66 41.80 -2.01
C LEU C 106 -49.19 41.81 -2.46
N THR C 107 -48.85 42.49 -3.55
CA THR C 107 -47.47 42.70 -4.04
C THR C 107 -46.89 44.08 -3.72
N ASP C 108 -47.62 44.94 -2.99
CA ASP C 108 -47.05 46.17 -2.45
C ASP C 108 -46.14 45.90 -1.24
N SER C 109 -45.18 46.78 -0.95
CA SER C 109 -44.15 46.60 0.08
C SER C 109 -44.72 46.23 1.46
N ALA C 110 -45.88 46.78 1.83
CA ALA C 110 -46.58 46.51 3.08
C ALA C 110 -46.91 45.01 3.32
N TYR C 111 -46.95 44.17 2.29
CA TYR C 111 -47.23 42.73 2.37
C TYR C 111 -45.99 41.86 2.09
N THR C 112 -44.78 42.36 2.33
CA THR C 112 -43.51 41.65 2.07
C THR C 112 -42.66 41.46 3.33
N GLU C 113 -41.92 40.35 3.40
CA GLU C 113 -41.00 40.07 4.51
C GLU C 113 -39.81 41.05 4.53
N GLY C 114 -39.23 41.30 5.71
CA GLY C 114 -38.19 42.31 5.91
C GLY C 114 -36.86 42.02 5.19
N SER C 115 -36.19 43.08 4.72
CA SER C 115 -34.91 43.03 4.02
C SER C 115 -34.88 42.20 2.72
N THR C 116 -36.05 41.99 2.11
CA THR C 116 -36.24 41.26 0.85
C THR C 116 -37.54 41.72 0.15
N GLY C 117 -38.03 40.99 -0.86
CA GLY C 117 -39.32 41.23 -1.53
C GLY C 117 -40.35 40.11 -1.34
N LYS C 118 -40.03 39.13 -0.51
CA LYS C 118 -40.73 37.85 -0.33
C LYS C 118 -42.20 38.05 0.06
N THR C 119 -43.12 37.52 -0.74
CA THR C 119 -44.57 37.77 -0.62
C THR C 119 -45.29 36.68 0.18
N CYS C 120 -46.56 36.92 0.49
CA CYS C 120 -47.47 35.94 1.08
C CYS C 120 -47.59 34.64 0.27
N LEU C 121 -47.49 34.68 -1.07
CA LEU C 121 -47.50 33.47 -1.90
C LEU C 121 -46.23 32.64 -1.68
N MET C 122 -45.07 33.26 -1.54
CA MET C 122 -43.85 32.52 -1.19
C MET C 122 -43.98 31.88 0.21
N LYS C 123 -44.51 32.62 1.19
CA LYS C 123 -44.84 32.11 2.54
C LYS C 123 -45.81 30.92 2.51
N ALA C 124 -46.79 30.93 1.60
CA ALA C 124 -47.72 29.83 1.37
C ALA C 124 -47.04 28.60 0.76
N VAL C 125 -46.24 28.78 -0.30
CA VAL C 125 -45.56 27.68 -1.02
C VAL C 125 -44.41 27.07 -0.20
N LEU C 126 -43.79 27.80 0.73
CA LEU C 126 -42.84 27.22 1.69
C LEU C 126 -43.48 26.27 2.71
N ASN C 127 -44.82 26.26 2.84
CA ASN C 127 -45.59 25.54 3.86
C ASN C 127 -46.58 24.54 3.26
N LEU C 128 -46.18 23.77 2.23
CA LEU C 128 -47.00 22.70 1.67
C LEU C 128 -47.22 21.56 2.67
N GLN C 129 -48.42 20.99 2.69
CA GLN C 129 -48.82 19.87 3.55
C GLN C 129 -49.19 18.68 2.66
N ASP C 130 -48.49 17.54 2.80
CA ASP C 130 -48.68 16.37 1.93
C ASP C 130 -48.58 16.68 0.42
N GLY C 131 -47.77 17.68 0.05
CA GLY C 131 -47.53 18.12 -1.33
C GLY C 131 -48.36 19.30 -1.84
N VAL C 132 -49.31 19.86 -1.06
CA VAL C 132 -50.15 21.02 -1.48
C VAL C 132 -50.51 21.94 -0.31
N ASN C 133 -50.76 23.24 -0.56
CA ASN C 133 -51.33 24.18 0.41
C ASN C 133 -52.69 24.68 -0.09
N ALA C 134 -53.76 24.43 0.66
CA ALA C 134 -55.13 24.79 0.28
C ALA C 134 -55.38 26.31 0.18
N CYS C 135 -54.51 27.15 0.74
CA CYS C 135 -54.64 28.61 0.67
C CYS C 135 -54.26 29.20 -0.70
N ILE C 136 -53.45 28.51 -1.52
CA ILE C 136 -52.89 29.11 -2.75
C ILE C 136 -54.00 29.48 -3.74
N MET C 137 -54.92 28.56 -4.04
CA MET C 137 -56.03 28.83 -4.97
C MET C 137 -56.88 30.05 -4.56
N PRO C 138 -57.41 30.16 -3.32
CA PRO C 138 -58.12 31.36 -2.90
C PRO C 138 -57.23 32.60 -2.78
N LEU C 139 -55.96 32.49 -2.35
CA LEU C 139 -55.05 33.64 -2.30
C LEU C 139 -54.81 34.25 -3.70
N LEU C 140 -54.66 33.39 -4.72
CA LEU C 140 -54.55 33.82 -6.11
C LEU C 140 -55.87 34.40 -6.64
N GLN C 141 -57.01 33.86 -6.22
CA GLN C 141 -58.25 34.54 -6.64
C GLN C 141 -58.26 35.93 -5.98
N ILE C 142 -58.01 35.99 -4.67
CA ILE C 142 -58.06 37.28 -3.95
C ILE C 142 -57.18 38.33 -4.64
N ASP C 143 -55.98 37.99 -5.10
CA ASP C 143 -55.15 38.90 -5.90
C ASP C 143 -55.82 39.28 -7.23
N LYS C 144 -56.39 38.28 -7.93
CA LYS C 144 -57.10 38.43 -9.20
C LYS C 144 -58.35 39.30 -9.08
N ASP C 145 -59.09 39.16 -7.97
CA ASP C 145 -60.25 40.01 -7.62
C ASP C 145 -59.85 41.39 -7.08
N SER C 146 -58.64 41.57 -6.55
CA SER C 146 -58.15 42.88 -6.11
C SER C 146 -57.75 43.80 -7.27
N GLY C 147 -57.59 43.29 -8.50
CA GLY C 147 -57.30 44.12 -9.68
C GLY C 147 -55.85 44.61 -9.76
N ASN C 148 -54.92 43.80 -9.25
CA ASN C 148 -53.50 44.11 -9.13
C ASN C 148 -52.82 44.29 -10.52
N PRO C 149 -52.10 45.39 -10.78
CA PRO C 149 -51.33 45.59 -12.02
C PRO C 149 -50.02 44.77 -12.09
N LYS C 150 -49.55 44.21 -10.97
CA LYS C 150 -48.30 43.44 -10.83
C LYS C 150 -48.59 42.10 -10.13
N LEU C 151 -49.08 41.12 -10.89
CA LEU C 151 -49.69 39.87 -10.42
C LEU C 151 -48.83 39.11 -9.41
N LEU C 152 -49.47 38.52 -8.40
CA LEU C 152 -48.80 37.86 -7.26
C LEU C 152 -47.92 36.66 -7.64
N VAL C 153 -48.27 35.93 -8.70
CA VAL C 153 -47.43 34.84 -9.23
C VAL C 153 -46.13 35.31 -9.89
N ASN C 154 -46.10 36.55 -10.41
CA ASN C 154 -44.94 37.10 -11.14
C ASN C 154 -44.09 38.05 -10.28
N ALA C 155 -44.51 38.39 -9.07
CA ALA C 155 -43.71 39.13 -8.11
C ALA C 155 -42.51 38.28 -7.63
N GLN C 156 -41.40 38.95 -7.35
CA GLN C 156 -40.10 38.32 -7.09
C GLN C 156 -39.40 38.99 -5.89
N CYS C 157 -38.46 38.29 -5.26
CA CYS C 157 -37.54 38.90 -4.31
C CYS C 157 -36.64 39.94 -4.99
N THR C 158 -36.16 40.94 -4.25
CA THR C 158 -35.56 42.18 -4.78
C THR C 158 -34.19 42.53 -4.21
N ASP C 159 -33.75 41.87 -3.13
CA ASP C 159 -32.45 42.13 -2.49
C ASP C 159 -31.28 41.51 -3.29
N GLU C 160 -30.05 41.96 -3.03
CA GLU C 160 -28.88 41.57 -3.80
C GLU C 160 -28.55 40.07 -3.78
N PHE C 161 -29.04 39.29 -2.81
CA PHE C 161 -28.83 37.85 -2.77
C PHE C 161 -29.94 37.08 -3.47
N TYR C 162 -31.20 37.38 -3.21
CA TYR C 162 -32.33 36.60 -3.73
C TYR C 162 -33.06 37.24 -4.92
N GLN C 163 -32.51 38.27 -5.57
CA GLN C 163 -33.16 38.97 -6.67
C GLN C 163 -33.74 38.02 -7.73
N GLY C 164 -34.99 38.23 -8.12
CA GLY C 164 -35.66 37.45 -9.16
C GLY C 164 -36.19 36.09 -8.71
N HIS C 165 -35.90 35.65 -7.49
CA HIS C 165 -36.49 34.44 -6.91
C HIS C 165 -38.01 34.57 -6.80
N SER C 166 -38.75 33.51 -7.12
CA SER C 166 -40.20 33.55 -7.24
C SER C 166 -40.86 32.32 -6.63
N ALA C 167 -42.16 32.41 -6.39
CA ALA C 167 -42.94 31.29 -5.85
C ALA C 167 -42.82 30.01 -6.71
N LEU C 168 -42.67 30.13 -8.03
CA LEU C 168 -42.47 28.98 -8.92
C LEU C 168 -41.11 28.30 -8.69
N HIS C 169 -40.03 29.05 -8.47
CA HIS C 169 -38.76 28.45 -8.07
C HIS C 169 -38.82 27.77 -6.69
N ILE C 170 -39.65 28.26 -5.76
CA ILE C 170 -39.90 27.58 -4.49
C ILE C 170 -40.67 26.29 -4.72
N ALA C 171 -41.74 26.32 -5.52
CA ALA C 171 -42.56 25.16 -5.83
C ALA C 171 -41.75 24.02 -6.46
N ILE C 172 -40.82 24.35 -7.36
CA ILE C 172 -39.96 23.36 -8.01
C ILE C 172 -38.92 22.82 -7.02
N GLU C 173 -38.26 23.65 -6.21
CA GLU C 173 -37.28 23.13 -5.25
C GLU C 173 -37.92 22.26 -4.17
N LYS C 174 -39.11 22.61 -3.69
CA LYS C 174 -39.96 21.80 -2.80
C LYS C 174 -40.55 20.55 -3.47
N ARG C 175 -40.25 20.29 -4.76
CA ARG C 175 -40.63 19.11 -5.55
C ARG C 175 -42.13 18.88 -5.76
N SER C 176 -42.97 19.90 -5.64
CA SER C 176 -44.43 19.74 -5.81
C SER C 176 -44.88 20.01 -7.24
N LEU C 177 -45.05 18.95 -8.03
CA LEU C 177 -45.68 19.05 -9.35
C LEU C 177 -47.10 19.64 -9.24
N GLN C 178 -47.84 19.28 -8.18
CA GLN C 178 -49.19 19.80 -7.94
C GLN C 178 -49.19 21.33 -7.76
N CYS C 179 -48.20 21.87 -7.07
CA CYS C 179 -48.07 23.31 -6.89
C CYS C 179 -47.54 24.01 -8.17
N VAL C 180 -46.60 23.40 -8.90
CA VAL C 180 -46.14 23.92 -10.20
C VAL C 180 -47.31 24.05 -11.18
N LYS C 181 -48.12 23.01 -11.31
CA LYS C 181 -49.36 23.05 -12.10
C LYS C 181 -50.28 24.18 -11.64
N LEU C 182 -50.60 24.28 -10.35
CA LEU C 182 -51.49 25.31 -9.83
C LEU C 182 -51.01 26.74 -10.12
N LEU C 183 -49.70 26.99 -10.00
CA LEU C 183 -49.10 28.29 -10.30
C LEU C 183 -49.11 28.60 -11.81
N VAL C 184 -48.69 27.66 -12.65
CA VAL C 184 -48.64 27.86 -14.12
C VAL C 184 -50.05 27.96 -14.73
N GLU C 185 -51.02 27.21 -14.24
CA GLU C 185 -52.44 27.34 -14.62
C GLU C 185 -53.00 28.74 -14.29
N ASN C 186 -52.54 29.38 -13.23
CA ASN C 186 -52.88 30.76 -12.87
C ASN C 186 -51.96 31.83 -13.51
N GLY C 187 -51.11 31.43 -14.46
CA GLY C 187 -50.31 32.36 -15.26
C GLY C 187 -48.95 32.75 -14.71
N ALA C 188 -48.37 31.95 -13.81
CA ALA C 188 -47.00 32.16 -13.34
C ALA C 188 -46.00 32.09 -14.50
N ASP C 189 -45.22 33.14 -14.70
CA ASP C 189 -44.28 33.23 -15.81
C ASP C 189 -43.15 32.19 -15.68
N VAL C 190 -43.12 31.22 -16.58
CA VAL C 190 -42.16 30.13 -16.63
C VAL C 190 -40.73 30.61 -16.96
N HIS C 191 -40.53 31.86 -17.41
CA HIS C 191 -39.22 32.39 -17.80
C HIS C 191 -38.64 33.43 -16.83
N LEU C 192 -39.13 33.50 -15.59
CA LEU C 192 -38.55 34.34 -14.54
C LEU C 192 -37.15 33.88 -14.16
N ARG C 193 -36.18 34.79 -14.07
CA ARG C 193 -34.79 34.47 -13.75
C ARG C 193 -34.46 34.79 -12.29
N ALA C 194 -34.22 33.76 -11.49
CA ALA C 194 -33.63 33.88 -10.15
C ALA C 194 -32.15 34.22 -10.29
N CYS C 195 -31.81 35.51 -10.26
CA CYS C 195 -30.53 36.02 -10.76
C CYS C 195 -29.66 36.74 -9.70
N GLY C 196 -30.17 36.95 -8.49
CA GLY C 196 -29.41 37.50 -7.37
C GLY C 196 -28.22 36.64 -6.94
N ARG C 197 -27.27 37.21 -6.19
CA ARG C 197 -25.96 36.54 -5.89
C ARG C 197 -26.05 35.15 -5.29
N PHE C 198 -27.12 34.82 -4.59
CA PHE C 198 -27.24 33.45 -4.10
C PHE C 198 -27.31 32.41 -5.23
N PHE C 199 -27.86 32.79 -6.38
CA PHE C 199 -28.07 31.93 -7.54
C PHE C 199 -26.96 32.00 -8.58
N GLN C 200 -26.02 32.91 -8.44
CA GLN C 200 -24.82 32.99 -9.28
C GLN C 200 -23.79 31.94 -8.83
N LYS C 201 -22.79 31.62 -9.67
CA LYS C 201 -21.74 30.66 -9.33
C LYS C 201 -20.50 31.40 -8.79
N HIS C 202 -20.14 31.13 -7.54
CA HIS C 202 -19.01 31.73 -6.81
C HIS C 202 -18.54 30.85 -5.65
N GLN C 203 -17.42 31.21 -5.02
CA GLN C 203 -16.77 30.42 -3.97
C GLN C 203 -17.48 30.42 -2.60
N GLY C 204 -18.48 31.28 -2.38
CA GLY C 204 -19.25 31.39 -1.14
C GLY C 204 -20.44 30.43 -1.05
N THR C 205 -21.40 30.80 -0.21
CA THR C 205 -22.70 30.13 -0.13
C THR C 205 -23.56 30.51 -1.33
N CYS C 206 -23.80 29.56 -2.23
CA CYS C 206 -24.61 29.74 -3.43
C CYS C 206 -25.20 28.40 -3.90
N PHE C 207 -26.17 28.50 -4.81
CA PHE C 207 -26.80 27.38 -5.52
C PHE C 207 -27.10 27.79 -6.96
N TYR C 208 -26.15 27.58 -7.87
CA TYR C 208 -26.37 27.75 -9.30
C TYR C 208 -27.15 26.57 -9.88
N PHE C 209 -28.23 26.85 -10.59
CA PHE C 209 -29.07 25.87 -11.30
C PHE C 209 -29.38 26.35 -12.72
N GLY C 210 -28.58 27.24 -13.28
CA GLY C 210 -29.06 28.19 -14.27
C GLY C 210 -29.80 29.30 -13.52
N GLU C 211 -30.81 29.92 -14.11
CA GLU C 211 -31.68 30.88 -13.39
C GLU C 211 -33.17 30.64 -13.58
N LEU C 212 -33.55 29.75 -14.49
CA LEU C 212 -34.92 29.57 -14.95
C LEU C 212 -35.59 28.38 -14.26
N PRO C 213 -36.92 28.39 -14.10
CA PRO C 213 -37.72 27.25 -13.68
C PRO C 213 -37.38 25.93 -14.39
N LEU C 214 -37.22 25.92 -15.72
CA LEU C 214 -36.87 24.70 -16.46
C LEU C 214 -35.47 24.16 -16.09
N SER C 215 -34.50 25.05 -15.92
CA SER C 215 -33.15 24.66 -15.52
C SER C 215 -33.11 24.17 -14.07
N LEU C 216 -33.89 24.75 -13.16
CA LEU C 216 -34.07 24.25 -11.81
C LEU C 216 -34.68 22.84 -11.80
N ALA C 217 -35.75 22.61 -12.56
CA ALA C 217 -36.40 21.31 -12.66
C ALA C 217 -35.46 20.22 -13.21
N ALA C 218 -34.63 20.55 -14.21
CA ALA C 218 -33.60 19.65 -14.71
C ALA C 218 -32.50 19.36 -13.68
N CYS C 219 -31.95 20.37 -13.00
CA CYS C 219 -30.86 20.18 -12.06
C CYS C 219 -31.27 19.47 -10.76
N THR C 220 -32.53 19.64 -10.33
CA THR C 220 -33.18 18.87 -9.25
C THR C 220 -33.74 17.51 -9.71
N LYS C 221 -33.52 17.12 -10.97
CA LYS C 221 -33.81 15.77 -11.53
C LYS C 221 -35.29 15.40 -11.58
N GLN C 222 -36.16 16.34 -11.94
CA GLN C 222 -37.61 16.15 -11.93
C GLN C 222 -38.19 15.98 -13.34
N TRP C 223 -38.16 14.78 -13.87
CA TRP C 223 -38.67 14.67 -15.25
C TRP C 223 -40.12 15.17 -15.32
N ASP C 224 -41.01 14.70 -14.46
CA ASP C 224 -42.43 15.05 -14.54
C ASP C 224 -42.65 16.57 -14.56
N VAL C 225 -41.92 17.32 -13.73
CA VAL C 225 -41.92 18.79 -13.75
C VAL C 225 -41.28 19.32 -15.03
N VAL C 226 -40.16 18.76 -15.49
CA VAL C 226 -39.51 19.14 -16.76
C VAL C 226 -40.46 18.92 -17.93
N THR C 227 -41.11 17.76 -18.00
CA THR C 227 -42.12 17.47 -19.02
C THR C 227 -43.27 18.47 -18.93
N TYR C 228 -43.80 18.74 -17.73
CA TYR C 228 -44.90 19.69 -17.58
C TYR C 228 -44.49 21.10 -18.03
N LEU C 229 -43.36 21.62 -17.54
CA LEU C 229 -42.89 22.95 -17.94
C LEU C 229 -42.66 23.03 -19.45
N LEU C 230 -42.10 22.00 -20.10
CA LEU C 230 -41.84 21.97 -21.53
C LEU C 230 -43.09 21.90 -22.41
N GLU C 231 -44.13 21.15 -22.02
CA GLU C 231 -45.26 20.85 -22.91
C GLU C 231 -46.67 21.04 -22.30
N ASN C 232 -46.81 21.82 -21.23
CA ASN C 232 -48.12 22.37 -20.82
C ASN C 232 -48.69 23.36 -21.86
N PRO C 233 -50.02 23.52 -21.96
CA PRO C 233 -50.65 24.41 -22.94
C PRO C 233 -50.69 25.89 -22.53
N HIS C 234 -50.40 26.23 -21.26
CA HIS C 234 -50.56 27.59 -20.72
C HIS C 234 -49.39 28.50 -21.07
N GLN C 235 -48.18 27.98 -20.83
CA GLN C 235 -46.93 28.69 -21.16
C GLN C 235 -45.83 27.63 -21.22
N PRO C 236 -45.47 27.07 -22.41
CA PRO C 236 -44.38 26.11 -22.53
C PRO C 236 -43.02 26.80 -22.32
N ALA C 237 -42.16 26.17 -21.53
CA ALA C 237 -40.79 26.60 -21.35
C ALA C 237 -40.02 26.48 -22.67
N SER C 238 -39.39 27.56 -23.13
CA SER C 238 -38.53 27.49 -24.31
C SER C 238 -37.20 26.82 -23.96
N LEU C 239 -36.83 25.76 -24.67
CA LEU C 239 -35.49 25.16 -24.58
C LEU C 239 -34.41 26.12 -25.07
N GLU C 240 -34.75 27.16 -25.82
CA GLU C 240 -33.82 28.20 -26.26
C GLU C 240 -33.58 29.29 -25.20
N ALA C 241 -34.31 29.31 -24.09
CA ALA C 241 -34.22 30.37 -23.07
C ALA C 241 -32.89 30.32 -22.30
N THR C 242 -32.38 31.49 -21.93
CA THR C 242 -31.04 31.66 -21.35
C THR C 242 -31.05 32.46 -20.05
N ASP C 243 -30.15 32.11 -19.13
CA ASP C 243 -29.88 32.89 -17.93
C ASP C 243 -29.04 34.17 -18.18
N SER C 244 -28.64 34.89 -17.12
CA SER C 244 -27.81 36.11 -17.21
C SER C 244 -26.40 35.91 -17.79
N LEU C 245 -25.86 34.69 -17.78
CA LEU C 245 -24.59 34.32 -18.43
C LEU C 245 -24.81 33.85 -19.87
N GLY C 246 -26.05 33.81 -20.34
CA GLY C 246 -26.44 33.24 -21.62
C GLY C 246 -26.54 31.71 -21.60
N ASN C 247 -26.41 31.05 -20.46
CA ASN C 247 -26.48 29.60 -20.36
C ASN C 247 -27.91 29.11 -20.60
N THR C 248 -28.06 28.18 -21.54
CA THR C 248 -29.27 27.37 -21.76
C THR C 248 -29.31 26.23 -20.73
N VAL C 249 -30.40 25.47 -20.60
CA VAL C 249 -30.48 24.32 -19.67
C VAL C 249 -29.36 23.29 -19.87
N LEU C 250 -28.83 23.15 -21.08
CA LEU C 250 -27.72 22.24 -21.40
C LEU C 250 -26.37 22.77 -20.91
N HIS C 251 -26.16 24.08 -20.94
CA HIS C 251 -25.02 24.69 -20.25
C HIS C 251 -25.17 24.58 -18.74
N ALA C 252 -26.38 24.74 -18.20
CA ALA C 252 -26.64 24.60 -16.77
C ALA C 252 -26.33 23.18 -16.28
N LEU C 253 -26.78 22.13 -16.98
CA LEU C 253 -26.43 20.75 -16.66
C LEU C 253 -24.94 20.47 -16.77
N VAL C 254 -24.22 21.05 -17.73
CA VAL C 254 -22.75 20.95 -17.80
C VAL C 254 -22.08 21.67 -16.62
N MET C 255 -22.59 22.82 -16.18
CA MET C 255 -22.06 23.52 -15.01
C MET C 255 -22.22 22.70 -13.71
N ILE C 256 -23.28 21.91 -13.62
CA ILE C 256 -23.69 21.17 -12.43
C ILE C 256 -23.19 19.71 -12.40
N ALA C 257 -22.66 19.22 -13.51
CA ALA C 257 -21.98 17.93 -13.55
C ALA C 257 -20.78 17.90 -12.58
N ASP C 258 -20.67 16.85 -11.79
CA ASP C 258 -19.48 16.46 -11.03
C ASP C 258 -19.02 15.10 -11.57
N ASN C 259 -17.73 14.83 -11.53
CA ASN C 259 -17.15 13.66 -12.19
C ASN C 259 -17.36 12.35 -11.41
N SER C 260 -18.22 12.33 -10.39
CA SER C 260 -18.62 11.13 -9.65
C SER C 260 -19.62 10.29 -10.46
N PRO C 261 -19.67 8.96 -10.27
CA PRO C 261 -20.51 8.10 -11.11
C PRO C 261 -22.01 8.31 -10.88
N GLU C 262 -22.42 8.71 -9.68
CA GLU C 262 -23.83 8.95 -9.34
C GLU C 262 -24.36 10.26 -9.94
N ASN C 263 -23.62 11.37 -9.83
CA ASN C 263 -24.01 12.64 -10.44
C ASN C 263 -23.95 12.52 -11.96
N SER C 264 -22.79 12.14 -12.52
CA SER C 264 -22.59 12.17 -13.97
C SER C 264 -23.55 11.27 -14.73
N ALA C 265 -23.86 10.05 -14.26
CA ALA C 265 -24.82 9.19 -14.93
C ALA C 265 -26.23 9.81 -14.97
N LEU C 266 -26.66 10.47 -13.90
CA LEU C 266 -27.98 11.11 -13.84
C LEU C 266 -28.03 12.43 -14.63
N VAL C 267 -26.95 13.22 -14.66
CA VAL C 267 -26.83 14.40 -15.55
C VAL C 267 -26.83 13.99 -17.02
N ILE C 268 -26.17 12.90 -17.39
CA ILE C 268 -26.17 12.35 -18.75
C ILE C 268 -27.58 11.95 -19.19
N HIS C 269 -28.36 11.30 -18.33
CA HIS C 269 -29.76 10.99 -18.63
C HIS C 269 -30.62 12.25 -18.77
N MET C 270 -30.46 13.21 -17.85
CA MET C 270 -31.20 14.48 -17.89
C MET C 270 -30.87 15.29 -19.15
N TYR C 271 -29.60 15.34 -19.54
CA TYR C 271 -29.13 16.00 -20.75
C TYR C 271 -29.70 15.34 -22.01
N ASP C 272 -29.59 14.02 -22.15
CA ASP C 272 -30.10 13.29 -23.30
C ASP C 272 -31.61 13.42 -23.47
N GLY C 273 -32.41 13.29 -22.42
CA GLY C 273 -33.86 13.44 -22.56
C GLY C 273 -34.28 14.86 -22.92
N LEU C 274 -33.59 15.90 -22.45
CA LEU C 274 -33.85 17.28 -22.88
C LEU C 274 -33.45 17.50 -24.33
N LEU C 275 -32.34 16.93 -24.78
CA LEU C 275 -31.92 16.97 -26.18
C LEU C 275 -32.89 16.21 -27.10
N GLN C 276 -33.33 15.01 -26.72
CA GLN C 276 -34.38 14.27 -27.41
C GLN C 276 -35.72 15.00 -27.41
N MET C 277 -36.09 15.72 -26.34
CA MET C 277 -37.28 16.57 -26.32
C MET C 277 -37.13 17.81 -27.21
N GLY C 278 -35.95 18.41 -27.30
CA GLY C 278 -35.65 19.46 -28.28
C GLY C 278 -35.94 19.05 -29.73
N ALA C 279 -35.72 17.78 -30.09
CA ALA C 279 -36.08 17.27 -31.43
C ALA C 279 -37.59 17.17 -31.67
N ARG C 280 -38.44 17.13 -30.63
CA ARG C 280 -39.90 17.24 -30.74
C ARG C 280 -40.38 18.69 -30.73
N LEU C 281 -39.92 19.45 -29.74
CA LEU C 281 -40.44 20.77 -29.35
C LEU C 281 -39.82 21.93 -30.15
N CYS C 282 -38.56 21.77 -30.57
CA CYS C 282 -37.75 22.77 -31.27
C CYS C 282 -37.06 22.13 -32.50
N PRO C 283 -37.78 21.48 -33.43
CA PRO C 283 -37.18 20.52 -34.36
C PRO C 283 -36.16 21.12 -35.32
N THR C 284 -36.31 22.40 -35.66
CA THR C 284 -35.38 23.15 -36.52
C THR C 284 -34.18 23.74 -35.77
N VAL C 285 -34.11 23.63 -34.44
CA VAL C 285 -33.11 24.32 -33.61
C VAL C 285 -32.02 23.36 -33.15
N GLN C 286 -30.77 23.73 -33.40
CA GLN C 286 -29.58 23.00 -32.95
C GLN C 286 -29.22 23.48 -31.52
N LEU C 287 -29.80 22.88 -30.49
CA LEU C 287 -29.67 23.33 -29.10
C LEU C 287 -28.22 23.35 -28.58
N GLU C 288 -27.39 22.46 -29.11
CA GLU C 288 -25.97 22.38 -28.83
C GLU C 288 -25.11 23.30 -29.70
N GLU C 289 -25.69 24.08 -30.60
CA GLU C 289 -25.02 25.17 -31.31
C GLU C 289 -25.36 26.55 -30.72
N ILE C 290 -26.22 26.60 -29.69
CA ILE C 290 -26.52 27.82 -28.93
C ILE C 290 -25.30 28.16 -28.07
N SER C 291 -24.82 29.40 -28.16
CA SER C 291 -23.63 29.89 -27.46
C SER C 291 -24.00 30.78 -26.28
N ASN C 292 -23.38 30.58 -25.12
CA ASN C 292 -23.53 31.51 -23.99
C ASN C 292 -22.74 32.82 -24.23
N HIS C 293 -22.70 33.75 -23.27
CA HIS C 293 -22.01 35.03 -23.45
C HIS C 293 -20.49 34.92 -23.54
N GLN C 294 -19.89 33.79 -23.18
CA GLN C 294 -18.48 33.48 -23.45
C GLN C 294 -18.25 32.85 -24.84
N GLY C 295 -19.28 32.69 -25.66
CA GLY C 295 -19.22 32.05 -26.96
C GLY C 295 -19.16 30.52 -26.93
N LEU C 296 -19.44 29.91 -25.78
CA LEU C 296 -19.31 28.47 -25.58
C LEU C 296 -20.66 27.77 -25.82
N THR C 297 -20.64 26.71 -26.64
CA THR C 297 -21.70 25.71 -26.69
C THR C 297 -21.58 24.76 -25.49
N PRO C 298 -22.58 23.89 -25.19
CA PRO C 298 -22.47 22.93 -24.10
C PRO C 298 -21.23 22.01 -24.16
N LEU C 299 -20.82 21.53 -25.34
CA LEU C 299 -19.61 20.71 -25.50
C LEU C 299 -18.33 21.50 -25.19
N LYS C 300 -18.23 22.75 -25.69
CA LYS C 300 -17.09 23.63 -25.42
C LYS C 300 -17.03 24.04 -23.94
N LEU C 301 -18.16 24.26 -23.30
CA LEU C 301 -18.23 24.53 -21.87
C LEU C 301 -17.81 23.32 -21.03
N ALA C 302 -18.14 22.09 -21.43
CA ALA C 302 -17.69 20.90 -20.73
C ALA C 302 -16.16 20.72 -20.76
N ALA C 303 -15.50 21.15 -21.84
CA ALA C 303 -14.05 21.21 -21.98
C ALA C 303 -13.41 22.32 -21.13
N LYS C 304 -13.96 23.54 -21.13
CA LYS C 304 -13.43 24.65 -20.35
C LYS C 304 -13.55 24.43 -18.84
N GLU C 305 -14.68 23.88 -18.40
CA GLU C 305 -14.94 23.51 -17.01
C GLU C 305 -14.33 22.15 -16.62
N GLY C 306 -13.76 21.40 -17.57
CA GLY C 306 -13.03 20.15 -17.30
C GLY C 306 -13.91 18.99 -16.86
N LYS C 307 -15.18 18.94 -17.27
CA LYS C 307 -16.15 17.94 -16.83
C LYS C 307 -16.04 16.66 -17.65
N ILE C 308 -15.07 15.80 -17.40
CA ILE C 308 -14.73 14.69 -18.32
C ILE C 308 -15.92 13.78 -18.63
N GLU C 309 -16.77 13.46 -17.66
CA GLU C 309 -17.83 12.46 -17.86
C GLU C 309 -18.93 12.93 -18.82
N ILE C 310 -19.46 14.13 -18.62
CA ILE C 310 -20.42 14.73 -19.57
C ILE C 310 -19.75 15.13 -20.88
N PHE C 311 -18.48 15.55 -20.86
CA PHE C 311 -17.70 15.84 -22.07
C PHE C 311 -17.56 14.59 -22.95
N ARG C 312 -17.04 13.49 -22.40
CA ARG C 312 -16.94 12.18 -23.06
C ARG C 312 -18.28 11.72 -23.59
N HIS C 313 -19.36 11.84 -22.81
CA HIS C 313 -20.68 11.43 -23.27
C HIS C 313 -21.13 12.23 -24.48
N ILE C 314 -21.11 13.56 -24.46
CA ILE C 314 -21.54 14.39 -25.60
C ILE C 314 -20.69 14.04 -26.84
N LEU C 315 -19.37 14.01 -26.66
CA LEU C 315 -18.38 13.82 -27.71
C LEU C 315 -18.53 12.49 -28.47
N GLN C 316 -18.89 11.41 -27.78
CA GLN C 316 -18.99 10.05 -28.29
C GLN C 316 -20.44 9.56 -28.48
N ARG C 317 -21.43 10.43 -28.35
CA ARG C 317 -22.86 10.07 -28.29
C ARG C 317 -23.37 9.38 -29.54
N GLU C 318 -24.07 8.26 -29.38
CA GLU C 318 -24.67 7.49 -30.48
C GLU C 318 -26.10 7.09 -30.13
N PHE C 319 -27.04 7.23 -31.07
CA PHE C 319 -28.44 6.84 -30.94
C PHE C 319 -28.92 6.07 -32.18
N SER C 320 -30.02 5.32 -32.03
CA SER C 320 -30.69 4.58 -33.10
C SER C 320 -32.17 5.01 -33.22
N GLY C 321 -32.74 4.85 -34.41
CA GLY C 321 -34.13 5.21 -34.67
C GLY C 321 -34.34 6.73 -34.79
N PRO C 322 -35.40 7.33 -34.21
CA PRO C 322 -35.79 8.72 -34.42
C PRO C 322 -34.69 9.75 -34.12
N TYR C 323 -33.82 9.43 -33.17
CA TYR C 323 -32.81 10.31 -32.60
C TYR C 323 -31.42 10.18 -33.23
N GLN C 324 -31.23 9.42 -34.31
CA GLN C 324 -29.91 9.25 -34.92
C GLN C 324 -29.18 10.58 -35.25
N PRO C 325 -29.81 11.65 -35.78
CA PRO C 325 -29.17 12.94 -36.03
C PRO C 325 -28.64 13.67 -34.79
N LEU C 326 -29.09 13.28 -33.59
CA LEU C 326 -28.55 13.77 -32.32
C LEU C 326 -27.24 13.07 -31.95
N SER C 327 -26.80 12.05 -32.69
CA SER C 327 -25.49 11.42 -32.49
C SER C 327 -24.35 12.35 -32.90
N ARG C 328 -23.21 12.19 -32.23
CA ARG C 328 -21.90 12.64 -32.72
C ARG C 328 -21.04 11.49 -33.24
N LYS C 329 -21.32 10.25 -32.85
CA LYS C 329 -20.65 9.02 -33.31
C LYS C 329 -21.61 8.18 -34.14
N PHE C 330 -21.19 7.72 -35.30
CA PHE C 330 -21.96 6.81 -36.15
C PHE C 330 -21.14 5.54 -36.42
N THR C 331 -21.56 4.37 -35.95
CA THR C 331 -20.90 3.11 -36.31
C THR C 331 -21.08 2.83 -37.80
N GLU C 332 -20.00 2.73 -38.55
CA GLU C 332 -20.00 2.44 -39.98
C GLU C 332 -20.14 0.94 -40.25
N TRP C 333 -19.31 0.13 -39.61
CA TRP C 333 -19.42 -1.33 -39.56
C TRP C 333 -18.80 -1.88 -38.29
N CYS C 334 -19.22 -3.09 -37.93
CA CYS C 334 -18.69 -3.85 -36.81
C CYS C 334 -18.51 -5.31 -37.25
N TYR C 335 -17.35 -5.90 -36.93
CA TYR C 335 -17.01 -7.27 -37.31
C TYR C 335 -16.05 -7.87 -36.29
N GLY C 336 -16.52 -8.84 -35.50
CA GLY C 336 -15.76 -9.42 -34.42
C GLY C 336 -15.40 -8.35 -33.39
N PRO C 337 -14.16 -8.30 -32.89
CA PRO C 337 -13.72 -7.33 -31.90
C PRO C 337 -13.54 -5.91 -32.49
N VAL C 338 -13.78 -5.71 -33.79
CA VAL C 338 -13.45 -4.47 -34.49
C VAL C 338 -14.71 -3.65 -34.75
N ARG C 339 -14.73 -2.39 -34.30
CA ARG C 339 -15.72 -1.39 -34.65
C ARG C 339 -15.08 -0.29 -35.46
N VAL C 340 -15.69 0.11 -36.56
CA VAL C 340 -15.31 1.32 -37.30
C VAL C 340 -16.40 2.37 -37.14
N SER C 341 -16.05 3.57 -36.67
CA SER C 341 -16.99 4.63 -36.35
C SER C 341 -16.57 5.95 -36.98
N LEU C 342 -17.53 6.69 -37.52
CA LEU C 342 -17.36 8.09 -37.90
C LEU C 342 -17.69 8.98 -36.71
N TYR C 343 -16.79 9.86 -36.30
CA TYR C 343 -17.02 10.86 -35.26
C TYR C 343 -17.13 12.26 -35.88
N ASP C 344 -18.13 13.03 -35.47
CA ASP C 344 -18.41 14.39 -35.91
C ASP C 344 -17.45 15.42 -35.28
N LEU C 345 -16.65 16.12 -36.09
CA LEU C 345 -15.62 17.05 -35.62
C LEU C 345 -16.04 18.53 -35.57
N SER C 346 -17.33 18.86 -35.68
CA SER C 346 -17.81 20.24 -35.89
C SER C 346 -17.20 21.33 -34.99
N SER C 347 -17.34 21.22 -33.66
CA SER C 347 -16.71 22.10 -32.67
C SER C 347 -15.29 21.71 -32.28
N VAL C 348 -14.74 20.61 -32.83
CA VAL C 348 -13.60 19.88 -32.27
C VAL C 348 -12.29 20.16 -32.98
N ASP C 349 -12.28 20.16 -34.31
CA ASP C 349 -11.07 20.34 -35.10
C ASP C 349 -10.55 21.78 -34.95
N SER C 350 -9.25 21.91 -34.76
CA SER C 350 -8.51 23.14 -34.54
C SER C 350 -8.46 24.09 -35.74
N TRP C 351 -9.01 23.67 -36.88
CA TRP C 351 -9.34 24.53 -38.02
C TRP C 351 -10.30 25.67 -37.64
N GLU C 352 -11.24 25.41 -36.73
CA GLU C 352 -12.11 26.43 -36.14
C GLU C 352 -11.42 27.19 -34.99
N LYS C 353 -11.55 28.52 -34.97
CA LYS C 353 -11.11 29.37 -33.85
C LYS C 353 -11.97 29.13 -32.62
N ASN C 354 -11.39 29.09 -31.42
CA ASN C 354 -12.10 28.76 -30.18
C ASN C 354 -12.76 27.37 -30.23
N SER C 355 -12.07 26.36 -30.76
CA SER C 355 -12.49 24.96 -30.81
C SER C 355 -12.15 24.21 -29.52
N VAL C 356 -12.71 23.02 -29.34
CA VAL C 356 -12.53 22.16 -28.15
C VAL C 356 -11.07 21.82 -27.88
N LEU C 357 -10.26 21.60 -28.92
CA LEU C 357 -8.83 21.33 -28.75
C LEU C 357 -8.08 22.55 -28.22
N GLU C 358 -8.34 23.75 -28.75
CA GLU C 358 -7.79 25.01 -28.24
C GLU C 358 -8.20 25.26 -26.79
N ILE C 359 -9.45 25.00 -26.44
CA ILE C 359 -10.01 25.13 -25.10
C ILE C 359 -9.33 24.21 -24.09
N ILE C 360 -9.18 22.92 -24.36
CA ILE C 360 -8.51 21.99 -23.43
C ILE C 360 -7.06 22.39 -23.21
N ALA C 361 -6.36 22.75 -24.28
CA ALA C 361 -4.98 23.15 -24.21
C ALA C 361 -4.81 24.47 -23.43
N PHE C 362 -5.58 25.51 -23.79
CA PHE C 362 -5.25 26.90 -23.42
C PHE C 362 -6.29 27.63 -22.56
N HIS C 363 -7.56 27.21 -22.50
CA HIS C 363 -8.60 27.91 -21.75
C HIS C 363 -9.11 27.15 -20.52
N CYS C 364 -8.91 25.85 -20.46
CA CYS C 364 -9.27 25.01 -19.33
C CYS C 364 -8.28 25.17 -18.17
N LYS C 365 -8.74 25.40 -16.92
CA LYS C 365 -7.90 25.50 -15.71
C LYS C 365 -7.61 24.18 -14.99
N SER C 366 -8.37 23.14 -15.29
CA SER C 366 -8.56 21.99 -14.39
C SER C 366 -7.41 20.96 -14.40
N PRO C 367 -7.25 20.14 -13.34
CA PRO C 367 -6.38 18.96 -13.34
C PRO C 367 -6.71 17.95 -14.44
N ASN C 368 -7.95 17.95 -14.94
CA ASN C 368 -8.53 16.94 -15.84
C ASN C 368 -8.06 17.03 -17.30
N ARG C 369 -7.34 18.08 -17.72
CA ARG C 369 -6.99 18.31 -19.13
C ARG C 369 -6.27 17.14 -19.78
N HIS C 370 -5.35 16.51 -19.06
CA HIS C 370 -4.60 15.38 -19.60
C HIS C 370 -5.46 14.13 -19.81
N ARG C 371 -6.56 13.96 -19.06
CA ARG C 371 -7.55 12.89 -19.26
C ARG C 371 -8.47 13.16 -20.45
N MET C 372 -8.70 14.43 -20.80
CA MET C 372 -9.54 14.81 -21.94
C MET C 372 -8.88 14.63 -23.30
N VAL C 373 -7.57 14.86 -23.45
CA VAL C 373 -6.91 14.68 -24.76
C VAL C 373 -6.72 13.22 -25.16
N VAL C 374 -6.85 12.28 -24.23
CA VAL C 374 -6.71 10.83 -24.50
C VAL C 374 -8.06 10.14 -24.78
N LEU C 375 -9.18 10.86 -24.88
CA LEU C 375 -10.46 10.32 -25.36
C LEU C 375 -10.53 10.20 -26.90
N GLU C 376 -11.28 9.27 -27.47
CA GLU C 376 -11.61 9.33 -28.89
C GLU C 376 -12.76 10.32 -29.17
N PRO C 377 -12.76 11.04 -30.31
CA PRO C 377 -11.80 10.99 -31.40
C PRO C 377 -10.50 11.79 -31.15
N LEU C 378 -10.40 12.56 -30.06
CA LEU C 378 -9.30 13.50 -29.80
C LEU C 378 -7.92 12.86 -29.82
N ASN C 379 -7.76 11.68 -29.24
CA ASN C 379 -6.53 10.89 -29.23
C ASN C 379 -6.03 10.57 -30.65
N LYS C 380 -6.84 9.91 -31.50
CA LYS C 380 -6.44 9.65 -32.90
C LYS C 380 -6.32 10.94 -33.72
N LEU C 381 -7.17 11.95 -33.48
CA LEU C 381 -7.10 13.24 -34.17
C LEU C 381 -5.81 14.03 -33.86
N LEU C 382 -5.33 14.01 -32.61
CA LEU C 382 -4.07 14.62 -32.22
C LEU C 382 -2.87 13.78 -32.65
N GLN C 383 -2.98 12.45 -32.72
CA GLN C 383 -1.94 11.61 -33.33
C GLN C 383 -1.79 11.88 -34.82
N GLU C 384 -2.90 11.98 -35.56
CA GLU C 384 -2.92 12.35 -36.98
C GLU C 384 -2.29 13.72 -37.23
N LYS C 385 -2.60 14.73 -36.42
CA LYS C 385 -1.95 16.05 -36.48
C LYS C 385 -0.47 15.98 -36.13
N TRP C 386 -0.09 15.25 -35.08
CA TRP C 386 1.29 15.07 -34.67
C TRP C 386 2.14 14.42 -35.76
N ASP C 387 1.65 13.36 -36.39
CA ASP C 387 2.32 12.69 -37.51
C ASP C 387 2.55 13.62 -38.72
N ARG C 388 1.63 14.54 -38.99
CA ARG C 388 1.80 15.58 -40.03
C ARG C 388 2.79 16.68 -39.65
N LEU C 389 3.15 16.81 -38.37
CA LEU C 389 3.95 17.92 -37.83
C LEU C 389 5.25 17.49 -37.13
N VAL C 390 5.50 16.21 -36.90
CA VAL C 390 6.70 15.71 -36.21
C VAL C 390 8.00 16.10 -36.91
N SER C 391 8.01 16.20 -38.25
CA SER C 391 9.14 16.72 -39.04
C SER C 391 9.33 18.23 -38.87
N ARG C 392 8.28 19.00 -38.59
CA ARG C 392 8.36 20.43 -38.24
C ARG C 392 8.86 20.61 -36.80
N PHE C 393 8.44 19.75 -35.88
CA PHE C 393 8.93 19.71 -34.52
C PHE C 393 10.44 19.46 -34.46
N PHE C 394 10.95 18.47 -35.19
CA PHE C 394 12.38 18.18 -35.20
C PHE C 394 13.21 19.12 -36.07
N PHE C 395 12.64 19.76 -37.09
CA PHE C 395 13.27 20.89 -37.76
C PHE C 395 13.44 22.08 -36.79
N ASN C 396 12.41 22.43 -36.03
CA ASN C 396 12.47 23.48 -35.02
C ASN C 396 13.52 23.21 -33.93
N PHE C 397 13.65 21.95 -33.50
CA PHE C 397 14.71 21.45 -32.63
C PHE C 397 16.11 21.57 -33.23
N ALA C 398 16.30 21.18 -34.50
CA ALA C 398 17.59 21.28 -35.19
C ALA C 398 18.04 22.74 -35.40
N CYS C 399 17.14 23.67 -35.73
CA CYS C 399 17.46 25.10 -35.73
C CYS C 399 17.92 25.59 -34.36
N TYR C 400 17.25 25.14 -33.31
CA TYR C 400 17.60 25.54 -31.95
C TYR C 400 18.91 24.89 -31.48
N LEU C 401 19.23 23.65 -31.88
CA LEU C 401 20.56 23.06 -31.70
C LEU C 401 21.65 23.87 -32.40
N VAL C 402 21.45 24.26 -33.65
CA VAL C 402 22.42 25.07 -34.42
C VAL C 402 22.60 26.46 -33.80
N TYR C 403 21.52 27.10 -33.37
CA TYR C 403 21.58 28.34 -32.59
C TYR C 403 22.35 28.15 -31.28
N MET C 404 22.09 27.08 -30.52
CA MET C 404 22.83 26.79 -29.29
C MET C 404 24.27 26.33 -29.49
N PHE C 405 24.61 25.71 -30.61
CA PHE C 405 25.99 25.44 -31.01
C PHE C 405 26.75 26.74 -31.26
N ILE C 406 26.22 27.63 -32.11
CA ILE C 406 26.77 28.97 -32.39
C ILE C 406 26.86 29.78 -31.09
N PHE C 407 25.83 29.78 -30.24
CA PHE C 407 25.86 30.44 -28.94
C PHE C 407 27.04 29.95 -28.09
N THR C 408 27.28 28.65 -28.06
CA THR C 408 28.33 28.03 -27.26
C THR C 408 29.74 28.32 -27.79
N VAL C 409 29.94 28.21 -29.10
CA VAL C 409 31.18 28.49 -29.85
C VAL C 409 31.55 29.97 -29.84
N VAL C 410 30.61 30.86 -29.54
CA VAL C 410 30.81 32.32 -29.36
C VAL C 410 30.93 32.74 -27.90
N ALA C 411 30.32 32.02 -26.95
CA ALA C 411 30.50 32.26 -25.52
C ALA C 411 31.83 31.66 -24.99
N TYR C 412 32.15 30.43 -25.39
CA TYR C 412 33.54 29.99 -25.51
C TYR C 412 34.19 30.82 -26.65
N HIS C 413 35.51 30.96 -26.70
CA HIS C 413 36.19 31.86 -27.64
C HIS C 413 35.84 33.37 -27.55
N GLN C 414 35.26 33.85 -26.44
CA GLN C 414 35.23 35.29 -26.15
C GLN C 414 36.66 35.83 -25.98
N PRO C 415 36.94 37.07 -26.41
CA PRO C 415 38.22 37.74 -26.18
C PRO C 415 38.38 38.18 -24.72
N SER C 416 39.60 38.53 -24.32
CA SER C 416 39.89 39.13 -23.02
C SER C 416 39.15 40.46 -22.82
N LEU C 417 38.76 40.78 -21.59
CA LEU C 417 37.78 41.83 -21.27
C LEU C 417 38.19 42.57 -20.00
N PHE C 429 40.81 35.91 -39.75
CA PHE C 429 39.56 35.24 -40.08
C PHE C 429 38.75 34.91 -38.81
N GLY C 430 39.41 34.52 -37.73
CA GLY C 430 38.73 34.18 -36.47
C GLY C 430 37.94 35.34 -35.88
N GLU C 431 38.42 36.58 -36.01
CA GLU C 431 37.75 37.78 -35.51
C GLU C 431 36.49 38.15 -36.31
N SER C 432 36.50 38.01 -37.64
CA SER C 432 35.30 38.26 -38.46
C SER C 432 34.27 37.14 -38.33
N MET C 433 34.69 35.88 -38.17
CA MET C 433 33.79 34.78 -37.81
C MET C 433 33.21 34.92 -36.41
N LEU C 434 33.95 35.47 -35.44
CA LEU C 434 33.39 35.83 -34.12
C LEU C 434 32.34 36.93 -34.26
N LEU C 435 32.59 37.98 -35.04
CA LEU C 435 31.59 39.03 -35.29
C LEU C 435 30.32 38.48 -35.96
N LEU C 436 30.47 37.62 -36.98
CA LEU C 436 29.34 36.91 -37.60
C LEU C 436 28.56 36.12 -36.56
N GLY C 437 29.24 35.37 -35.69
CA GLY C 437 28.61 34.63 -34.59
C GLY C 437 27.78 35.52 -33.67
N HIS C 438 28.28 36.70 -33.30
CA HIS C 438 27.51 37.67 -32.51
C HIS C 438 26.27 38.19 -33.24
N ILE C 439 26.35 38.45 -34.55
CA ILE C 439 25.18 38.89 -35.33
C ILE C 439 24.17 37.74 -35.47
N LEU C 440 24.58 36.51 -35.74
CA LEU C 440 23.67 35.36 -35.75
C LEU C 440 22.99 35.14 -34.39
N ILE C 441 23.69 35.35 -33.26
CA ILE C 441 23.09 35.29 -31.92
C ILE C 441 22.12 36.45 -31.69
N LEU C 442 22.42 37.66 -32.14
CA LEU C 442 21.49 38.79 -32.07
C LEU C 442 20.21 38.50 -32.86
N LEU C 443 20.33 38.03 -34.10
CA LEU C 443 19.19 37.71 -34.95
C LEU C 443 18.38 36.52 -34.42
N GLY C 444 19.02 35.44 -33.95
CA GLY C 444 18.33 34.35 -33.28
C GLY C 444 17.65 34.77 -31.97
N GLY C 445 18.25 35.71 -31.22
CA GLY C 445 17.67 36.26 -30.01
C GLY C 445 16.48 37.19 -30.29
N ILE C 446 16.53 38.03 -31.30
CA ILE C 446 15.39 38.84 -31.75
C ILE C 446 14.29 37.93 -32.32
N TYR C 447 14.62 36.94 -33.14
CA TYR C 447 13.63 36.00 -33.67
C TYR C 447 12.86 35.29 -32.57
N LEU C 448 13.56 34.72 -31.58
CA LEU C 448 12.92 34.08 -30.43
C LEU C 448 12.19 35.09 -29.54
N LEU C 449 12.70 36.31 -29.35
CA LEU C 449 11.98 37.34 -28.60
C LEU C 449 10.66 37.68 -29.28
N LEU C 450 10.62 37.89 -30.60
CA LEU C 450 9.38 38.14 -31.34
C LEU C 450 8.42 36.94 -31.35
N GLY C 451 8.93 35.73 -31.54
CA GLY C 451 8.13 34.51 -31.48
C GLY C 451 7.45 34.27 -30.13
N GLN C 452 8.12 34.55 -29.01
CA GLN C 452 7.50 34.42 -27.69
C GLN C 452 6.59 35.60 -27.31
N LEU C 453 6.88 36.83 -27.75
CA LEU C 453 5.94 37.94 -27.57
C LEU C 453 4.66 37.71 -28.40
N TRP C 454 4.75 37.11 -29.58
CA TRP C 454 3.57 36.68 -30.33
C TRP C 454 2.77 35.59 -29.60
N TYR C 455 3.42 34.59 -28.99
CA TYR C 455 2.74 33.61 -28.14
C TYR C 455 1.94 34.25 -27.01
N PHE C 456 2.55 35.10 -26.19
CA PHE C 456 1.85 35.76 -25.10
C PHE C 456 0.83 36.81 -25.57
N TRP C 457 0.99 37.40 -26.75
CA TRP C 457 -0.06 38.23 -27.35
C TRP C 457 -1.28 37.41 -27.76
N ARG C 458 -1.06 36.25 -28.39
CA ARG C 458 -2.19 35.36 -28.80
C ARG C 458 -2.91 34.78 -27.58
N ARG C 459 -2.16 34.44 -26.53
CA ARG C 459 -2.66 33.83 -25.29
C ARG C 459 -3.10 34.82 -24.20
N ARG C 460 -3.07 36.12 -24.53
CA ARG C 460 -3.38 37.27 -23.61
C ARG C 460 -4.57 37.04 -22.66
N LEU C 461 -5.70 36.58 -23.17
CA LEU C 461 -6.94 36.45 -22.38
C LEU C 461 -6.88 35.37 -21.29
N PHE C 462 -6.00 34.39 -21.46
CA PHE C 462 -5.87 33.20 -20.60
C PHE C 462 -4.39 32.96 -20.29
N ILE C 463 -3.66 34.04 -20.02
CA ILE C 463 -2.20 34.04 -20.08
C ILE C 463 -1.57 33.12 -19.02
N TRP C 464 -2.10 33.11 -17.79
CA TRP C 464 -1.66 32.20 -16.73
C TRP C 464 -1.94 30.73 -17.05
N ILE C 465 -3.11 30.43 -17.63
CA ILE C 465 -3.46 29.08 -18.12
C ILE C 465 -2.50 28.63 -19.22
N SER C 466 -2.05 29.57 -20.03
CA SER C 466 -1.11 29.32 -21.13
C SER C 466 0.36 29.25 -20.70
N PHE C 467 0.69 29.29 -19.39
CA PHE C 467 2.03 29.01 -18.88
C PHE C 467 2.08 28.14 -17.60
N MET C 468 0.97 27.86 -16.91
CA MET C 468 0.96 27.14 -15.62
C MET C 468 1.66 25.78 -15.67
N ASP C 469 1.41 24.97 -16.70
CA ASP C 469 2.15 23.75 -17.01
C ASP C 469 3.30 24.00 -18.01
N SER C 470 3.10 24.97 -18.90
CA SER C 470 3.94 25.30 -20.04
C SER C 470 5.01 26.34 -19.67
N TYR C 471 5.78 26.07 -18.63
CA TYR C 471 6.79 26.96 -18.09
C TYR C 471 7.92 27.30 -19.08
N PHE C 472 8.21 26.45 -20.06
CA PHE C 472 9.19 26.75 -21.11
C PHE C 472 8.81 27.97 -21.94
N GLU C 473 7.54 28.35 -22.07
CA GLU C 473 7.18 29.53 -22.86
C GLU C 473 7.68 30.84 -22.21
N ILE C 474 7.85 30.85 -20.88
CA ILE C 474 8.52 31.91 -20.12
C ILE C 474 10.03 31.82 -20.26
N LEU C 475 10.62 30.61 -20.13
CA LEU C 475 12.07 30.41 -20.19
C LEU C 475 12.67 30.70 -21.57
N PHE C 476 11.94 30.47 -22.66
CA PHE C 476 12.34 30.92 -23.99
C PHE C 476 12.24 32.45 -24.13
N LEU C 477 11.30 33.12 -23.47
CA LEU C 477 11.17 34.57 -23.52
C LEU C 477 12.31 35.21 -22.72
N LEU C 478 12.60 34.66 -21.54
CA LEU C 478 13.70 35.06 -20.70
C LEU C 478 15.07 34.85 -21.39
N GLN C 479 15.32 33.70 -22.00
CA GLN C 479 16.57 33.47 -22.75
C GLN C 479 16.71 34.45 -23.91
N ALA C 480 15.63 34.76 -24.62
CA ALA C 480 15.64 35.71 -25.71
C ALA C 480 15.86 37.16 -25.23
N LEU C 481 15.19 37.59 -24.15
CA LEU C 481 15.43 38.90 -23.54
C LEU C 481 16.89 39.06 -23.11
N LEU C 482 17.45 38.08 -22.39
CA LEU C 482 18.84 38.10 -21.94
C LEU C 482 19.84 38.00 -23.10
N THR C 483 19.49 37.36 -24.20
CA THR C 483 20.30 37.38 -25.42
C THR C 483 20.32 38.76 -26.06
N VAL C 484 19.18 39.43 -26.18
CA VAL C 484 19.13 40.80 -26.72
C VAL C 484 19.81 41.78 -25.77
N LEU C 485 19.54 41.72 -24.46
CA LEU C 485 20.21 42.56 -23.46
C LEU C 485 21.73 42.37 -23.47
N SER C 486 22.24 41.13 -23.52
CA SER C 486 23.69 40.91 -23.54
C SER C 486 24.34 41.46 -24.81
N GLN C 487 23.74 41.33 -26.00
CA GLN C 487 24.30 42.00 -27.17
C GLN C 487 24.20 43.53 -27.08
N VAL C 488 23.13 44.09 -26.50
CA VAL C 488 23.01 45.54 -26.23
C VAL C 488 24.10 46.02 -25.27
N LEU C 489 24.34 45.33 -24.15
CA LEU C 489 25.43 45.67 -23.24
C LEU C 489 26.81 45.51 -23.89
N ARG C 490 26.99 44.56 -24.82
CA ARG C 490 28.23 44.41 -25.60
C ARG C 490 28.43 45.54 -26.59
N PHE C 491 27.39 46.04 -27.26
CA PHE C 491 27.47 47.26 -28.07
C PHE C 491 27.74 48.52 -27.21
N MET C 492 27.22 48.58 -25.99
CA MET C 492 27.60 49.59 -24.98
C MET C 492 29.02 49.39 -24.41
N GLU C 493 29.67 48.27 -24.71
CA GLU C 493 30.98 47.85 -24.20
C GLU C 493 31.10 47.72 -22.66
N THR C 494 29.99 47.67 -21.92
CA THR C 494 30.02 47.42 -20.47
C THR C 494 30.24 45.95 -20.16
N GLU C 495 31.18 45.63 -19.27
CA GLU C 495 31.66 44.26 -19.05
C GLU C 495 30.60 43.34 -18.42
N TRP C 496 29.54 43.90 -17.86
CA TRP C 496 28.35 43.16 -17.42
C TRP C 496 27.58 42.48 -18.56
N TYR C 497 27.96 42.68 -19.84
CA TYR C 497 27.43 41.86 -20.92
C TYR C 497 27.79 40.37 -20.74
N LEU C 498 28.96 40.03 -20.21
CA LEU C 498 29.40 38.64 -20.15
C LEU C 498 28.58 37.76 -19.17
N PRO C 499 28.30 38.17 -17.93
CA PRO C 499 27.42 37.39 -17.07
C PRO C 499 25.97 37.27 -17.58
N LEU C 500 25.46 38.19 -18.40
CA LEU C 500 24.18 38.00 -19.10
C LEU C 500 24.28 37.03 -20.27
N LEU C 501 25.37 37.08 -21.05
CA LEU C 501 25.60 36.13 -22.14
C LEU C 501 25.72 34.71 -21.59
N VAL C 502 26.45 34.54 -20.50
CA VAL C 502 26.63 33.26 -19.83
C VAL C 502 25.34 32.75 -19.16
N LEU C 503 24.52 33.61 -18.56
CA LEU C 503 23.20 33.20 -18.06
C LEU C 503 22.27 32.73 -19.20
N SER C 504 22.23 33.47 -20.31
CA SER C 504 21.43 33.08 -21.48
C SER C 504 22.00 31.88 -22.23
N LEU C 505 23.29 31.55 -22.10
CA LEU C 505 23.86 30.28 -22.53
C LEU C 505 23.37 29.10 -21.66
N VAL C 506 23.34 29.25 -20.33
CA VAL C 506 22.81 28.21 -19.43
C VAL C 506 21.33 27.98 -19.72
N LEU C 507 20.50 29.02 -19.65
CA LEU C 507 19.09 28.92 -20.02
C LEU C 507 18.91 28.34 -21.41
N GLY C 508 19.76 28.70 -22.37
CA GLY C 508 19.74 28.17 -23.71
C GLY C 508 19.82 26.66 -23.77
N TRP C 509 20.72 26.03 -23.02
CA TRP C 509 20.83 24.57 -22.95
C TRP C 509 19.76 23.94 -22.07
N LEU C 510 19.34 24.57 -20.96
CA LEU C 510 18.22 24.07 -20.17
C LEU C 510 16.92 24.04 -20.99
N ASN C 511 16.68 25.06 -21.80
CA ASN C 511 15.57 25.12 -22.75
C ASN C 511 15.61 24.00 -23.79
N LEU C 512 16.75 23.39 -24.06
CA LEU C 512 16.87 22.25 -24.98
C LEU C 512 16.11 21.03 -24.45
N LEU C 513 15.85 20.96 -23.15
CA LEU C 513 15.02 19.92 -22.55
C LEU C 513 13.55 20.05 -22.92
N TYR C 514 13.07 21.16 -23.49
CA TYR C 514 11.70 21.24 -24.01
C TYR C 514 11.43 20.11 -25.00
N TYR C 515 12.35 19.89 -25.93
CA TYR C 515 12.17 18.97 -27.06
C TYR C 515 12.22 17.49 -26.68
N THR C 516 12.49 17.15 -25.41
CA THR C 516 12.42 15.76 -24.93
C THR C 516 11.01 15.16 -25.08
N ARG C 517 9.95 15.98 -25.18
CA ARG C 517 8.56 15.56 -25.43
C ARG C 517 8.30 15.01 -26.83
N GLY C 518 9.23 15.11 -27.76
CA GLY C 518 9.03 14.61 -29.13
C GLY C 518 9.01 13.08 -29.24
N PHE C 519 9.62 12.38 -28.29
CA PHE C 519 9.63 10.91 -28.23
C PHE C 519 8.94 10.43 -26.97
N GLN C 520 8.25 9.30 -27.05
CA GLN C 520 7.54 8.73 -25.91
C GLN C 520 8.46 8.46 -24.71
N HIS C 521 9.62 7.85 -24.92
CA HIS C 521 10.46 7.42 -23.81
C HIS C 521 11.07 8.58 -23.04
N THR C 522 11.73 9.53 -23.68
CA THR C 522 12.22 10.76 -23.02
C THR C 522 11.07 11.67 -22.56
N GLY C 523 9.97 11.74 -23.33
CA GLY C 523 8.85 12.66 -23.11
C GLY C 523 7.93 12.27 -21.96
N ILE C 524 7.75 10.97 -21.73
CA ILE C 524 7.11 10.45 -20.51
C ILE C 524 8.03 10.59 -19.30
N TYR C 525 9.35 10.41 -19.44
CA TYR C 525 10.24 10.57 -18.28
C TYR C 525 10.34 12.02 -17.81
N SER C 526 10.40 12.99 -18.72
CA SER C 526 10.27 14.41 -18.38
C SER C 526 8.98 14.75 -17.62
N VAL C 527 7.96 13.91 -17.69
CA VAL C 527 6.71 14.00 -16.94
C VAL C 527 6.72 13.18 -15.64
N MET C 528 7.41 12.05 -15.59
CA MET C 528 7.61 11.27 -14.35
C MET C 528 8.39 12.05 -13.29
N ILE C 529 9.46 12.72 -13.74
CA ILE C 529 10.43 13.36 -12.88
C ILE C 529 9.90 14.67 -12.27
N GLN C 530 9.40 15.63 -13.06
CA GLN C 530 8.91 16.91 -12.53
C GLN C 530 7.55 16.76 -11.84
N LYS C 531 7.43 17.16 -10.57
CA LYS C 531 6.21 16.93 -9.75
C LYS C 531 6.07 17.86 -8.53
N VAL C 532 5.18 17.47 -7.61
CA VAL C 532 4.83 18.09 -6.30
C VAL C 532 6.03 18.47 -5.42
N ILE C 533 7.20 17.89 -5.68
CA ILE C 533 8.48 18.29 -5.07
C ILE C 533 8.75 19.80 -5.25
N LEU C 534 8.39 20.42 -6.36
CA LEU C 534 8.58 21.86 -6.58
C LEU C 534 7.73 22.74 -5.64
N ARG C 535 6.59 22.18 -5.17
CA ARG C 535 5.65 22.88 -4.25
C ARG C 535 6.18 22.85 -2.82
N ASP C 536 6.64 21.68 -2.38
CA ASP C 536 7.09 21.47 -1.00
C ASP C 536 8.52 21.89 -0.72
N LEU C 537 9.44 21.82 -1.68
CA LEU C 537 10.77 22.38 -1.48
C LEU C 537 10.75 23.89 -1.26
N LEU C 538 9.84 24.62 -1.91
CA LEU C 538 9.64 26.05 -1.66
C LEU C 538 9.07 26.33 -0.26
N ARG C 539 8.51 25.30 0.40
CA ARG C 539 8.01 25.44 1.80
C ARG C 539 9.17 25.09 2.76
N PHE C 540 9.90 24.01 2.50
CA PHE C 540 11.09 23.60 3.25
C PHE C 540 12.18 24.68 3.21
N LEU C 541 12.33 25.39 2.10
CA LEU C 541 13.32 26.45 1.94
C LEU C 541 13.13 27.58 2.96
N LEU C 542 11.90 27.91 3.36
CA LEU C 542 11.67 28.88 4.44
C LEU C 542 12.22 28.39 5.78
N VAL C 543 12.00 27.12 6.12
CA VAL C 543 12.54 26.51 7.36
C VAL C 543 14.06 26.41 7.31
N TYR C 544 14.62 25.94 6.19
CA TYR C 544 16.05 25.84 5.98
C TYR C 544 16.76 27.19 6.01
N LEU C 545 16.20 28.25 5.44
CA LEU C 545 16.80 29.60 5.46
C LEU C 545 16.66 30.32 6.81
N VAL C 546 15.64 30.05 7.62
CA VAL C 546 15.61 30.57 9.00
C VAL C 546 16.65 29.87 9.87
N PHE C 547 16.85 28.56 9.70
CA PHE C 547 17.99 27.86 10.33
C PHE C 547 19.31 28.45 9.84
N LEU C 548 19.55 28.48 8.53
CA LEU C 548 20.82 28.89 7.96
C LEU C 548 21.20 30.32 8.34
N PHE C 549 20.30 31.30 8.18
CA PHE C 549 20.60 32.67 8.60
C PHE C 549 20.70 32.81 10.12
N GLY C 550 19.82 32.15 10.89
CA GLY C 550 19.84 32.22 12.36
C GLY C 550 21.15 31.73 12.98
N PHE C 551 21.71 30.64 12.44
CA PHE C 551 23.02 30.13 12.84
C PHE C 551 24.18 30.92 12.21
N ALA C 552 24.07 31.47 11.00
CA ALA C 552 25.13 32.26 10.38
C ALA C 552 25.43 33.56 11.14
N VAL C 553 24.41 34.36 11.50
CA VAL C 553 24.64 35.58 12.31
C VAL C 553 25.25 35.27 13.67
N ALA C 554 25.01 34.07 14.20
CA ALA C 554 25.49 33.61 15.49
C ALA C 554 26.95 33.17 15.46
N LEU C 555 27.32 32.31 14.51
CA LEU C 555 28.71 31.87 14.34
C LEU C 555 29.62 33.04 13.99
N VAL C 556 29.16 34.00 13.18
CA VAL C 556 29.90 35.24 12.89
C VAL C 556 30.12 36.09 14.15
N SER C 557 29.08 36.26 14.97
CA SER C 557 29.16 37.04 16.21
C SER C 557 30.11 36.43 17.24
N LEU C 558 30.16 35.10 17.33
CA LEU C 558 30.96 34.38 18.33
C LEU C 558 32.39 34.09 17.88
N SER C 559 32.62 33.89 16.57
CA SER C 559 33.96 33.67 16.00
C SER C 559 34.80 34.96 15.88
N ARG C 560 34.27 36.10 16.32
CA ARG C 560 34.95 37.40 16.28
C ARG C 560 36.08 37.54 17.32
N GLU C 561 36.07 36.76 18.40
CA GLU C 561 37.02 36.87 19.51
C GLU C 561 38.11 35.78 19.45
N ALA C 562 39.38 36.18 19.44
CA ALA C 562 40.55 35.29 19.52
C ALA C 562 40.94 34.97 20.98
N ARG C 563 41.58 33.81 21.20
CA ARG C 563 41.90 33.29 22.53
C ARG C 563 42.99 34.10 23.25
N PRO C 589 37.30 30.56 8.41
CA PRO C 589 35.86 30.50 8.44
C PRO C 589 35.18 31.62 9.25
N TYR C 590 33.87 31.79 9.01
CA TYR C 590 32.95 32.62 9.81
C TYR C 590 33.32 34.11 9.89
N ARG C 591 33.99 34.66 8.86
CA ARG C 591 34.41 36.06 8.81
C ARG C 591 33.28 37.05 8.50
N SER C 592 32.22 36.61 7.82
CA SER C 592 31.11 37.44 7.35
C SER C 592 29.82 36.63 7.23
N ILE C 593 28.66 37.28 7.12
CA ILE C 593 27.37 36.59 6.97
C ILE C 593 27.36 35.70 5.72
N LEU C 594 27.95 36.16 4.61
CA LEU C 594 28.09 35.39 3.38
C LEU C 594 28.98 34.16 3.59
N ASP C 595 30.17 34.34 4.15
CA ASP C 595 31.10 33.23 4.39
C ASP C 595 30.54 32.19 5.36
N ALA C 596 29.90 32.61 6.45
CA ALA C 596 29.25 31.69 7.38
C ALA C 596 28.03 30.99 6.76
N SER C 597 27.22 31.69 5.96
CA SER C 597 26.12 31.06 5.21
C SER C 597 26.66 30.03 4.22
N LEU C 598 27.82 30.27 3.59
CA LEU C 598 28.42 29.34 2.66
C LEU C 598 29.07 28.14 3.35
N GLU C 599 29.79 28.34 4.46
CA GLU C 599 30.34 27.23 5.27
C GLU C 599 29.24 26.37 5.88
N LEU C 600 28.17 26.96 6.40
CA LEU C 600 26.99 26.24 6.85
C LEU C 600 26.22 25.59 5.69
N PHE C 601 26.21 26.18 4.50
CA PHE C 601 25.56 25.52 3.36
C PHE C 601 26.37 24.30 2.91
N LYS C 602 27.71 24.36 2.95
CA LYS C 602 28.55 23.23 2.57
C LYS C 602 28.25 21.94 3.33
N PHE C 603 27.71 21.97 4.54
CA PHE C 603 27.26 20.77 5.26
C PHE C 603 26.16 19.96 4.55
N THR C 604 25.36 20.58 3.70
CA THR C 604 24.31 19.88 2.95
C THR C 604 24.82 19.22 1.67
N ILE C 605 25.93 19.70 1.10
CA ILE C 605 26.60 19.02 -0.03
C ILE C 605 27.65 17.98 0.43
N GLY C 606 27.77 17.73 1.73
CA GLY C 606 28.73 16.78 2.31
C GLY C 606 30.15 17.30 2.54
N MET C 607 30.39 18.63 2.47
CA MET C 607 31.72 19.26 2.57
C MET C 607 31.89 20.08 3.86
N GLY C 608 31.38 19.59 4.99
CA GLY C 608 31.13 20.36 6.20
C GLY C 608 32.29 21.10 6.87
N GLU C 609 33.52 20.56 6.87
CA GLU C 609 34.68 21.18 7.56
C GLU C 609 34.43 21.42 9.07
N LEU C 610 33.81 20.45 9.74
CA LEU C 610 33.48 20.44 11.18
C LEU C 610 34.73 20.21 12.06
N ALA C 611 35.13 21.19 12.87
CA ALA C 611 36.38 21.15 13.63
C ALA C 611 36.35 21.96 14.94
N PHE C 612 37.20 21.59 15.89
CA PHE C 612 37.47 22.33 17.12
C PHE C 612 38.53 23.42 16.86
N GLN C 613 38.10 24.61 16.42
CA GLN C 613 38.98 25.69 15.95
C GLN C 613 39.94 26.17 17.05
N GLU C 614 41.25 26.04 16.89
CA GLU C 614 42.19 26.26 18.01
C GLU C 614 42.31 27.72 18.47
N GLN C 615 42.19 28.69 17.56
CA GLN C 615 42.49 30.11 17.81
C GLN C 615 41.33 30.92 18.39
N LEU C 616 40.08 30.45 18.26
CA LEU C 616 38.89 31.16 18.73
C LEU C 616 38.77 31.07 20.26
N ARG C 617 38.32 32.15 20.93
CA ARG C 617 38.19 32.16 22.42
C ARG C 617 37.08 31.22 22.85
N PHE C 618 35.94 31.25 22.16
CA PHE C 618 34.75 30.44 22.43
C PHE C 618 34.68 29.18 21.56
N ARG C 619 35.81 28.58 21.20
CA ARG C 619 35.87 27.43 20.23
C ARG C 619 34.99 26.23 20.61
N GLY C 620 34.80 25.92 21.88
CA GLY C 620 33.87 24.86 22.29
C GLY C 620 32.41 25.22 22.03
N VAL C 621 32.04 26.49 22.20
CA VAL C 621 30.67 26.97 21.93
C VAL C 621 30.42 27.09 20.43
N VAL C 622 31.41 27.52 19.65
CA VAL C 622 31.36 27.49 18.17
C VAL C 622 31.19 26.06 17.66
N LEU C 623 31.91 25.07 18.19
CA LEU C 623 31.68 23.66 17.85
C LEU C 623 30.29 23.16 18.27
N LEU C 624 29.81 23.49 19.45
CA LEU C 624 28.43 23.17 19.86
C LEU C 624 27.37 23.84 18.96
N LEU C 625 27.59 25.07 18.47
CA LEU C 625 26.70 25.69 17.49
C LEU C 625 26.71 24.96 16.15
N LEU C 626 27.85 24.46 15.68
CA LEU C 626 27.90 23.62 14.48
C LEU C 626 27.20 22.28 14.70
N LEU C 627 27.42 21.61 15.83
CA LEU C 627 26.75 20.35 16.15
C LEU C 627 25.23 20.52 16.32
N ALA C 628 24.78 21.64 16.90
CA ALA C 628 23.37 22.01 16.90
C ALA C 628 22.83 22.24 15.49
N TYR C 629 23.51 23.00 14.63
CA TYR C 629 23.07 23.20 13.24
C TYR C 629 23.01 21.88 12.46
N VAL C 630 24.03 21.02 12.54
CA VAL C 630 24.08 19.73 11.84
C VAL C 630 22.93 18.84 12.27
N LEU C 631 22.73 18.64 13.57
CA LEU C 631 21.67 17.77 14.07
C LEU C 631 20.29 18.32 13.70
N LEU C 632 20.02 19.60 13.91
CA LEU C 632 18.74 20.20 13.52
C LEU C 632 18.49 20.13 12.01
N THR C 633 19.49 20.40 11.19
CA THR C 633 19.39 20.34 9.73
C THR C 633 19.21 18.92 9.21
N TYR C 634 19.85 17.91 9.79
CA TYR C 634 19.71 16.54 9.32
C TYR C 634 18.38 15.92 9.80
N VAL C 635 17.88 16.31 10.98
CA VAL C 635 16.48 16.05 11.40
C VAL C 635 15.49 16.72 10.45
N LEU C 636 15.71 17.97 10.04
CA LEU C 636 14.88 18.66 9.06
C LEU C 636 14.91 17.98 7.69
N LEU C 637 16.07 17.61 7.15
CA LEU C 637 16.17 16.90 5.87
C LEU C 637 15.49 15.52 5.94
N LEU C 638 15.60 14.82 7.05
CA LEU C 638 14.93 13.55 7.31
C LEU C 638 13.40 13.70 7.38
N ASN C 639 12.89 14.72 8.08
CA ASN C 639 11.48 15.13 8.04
C ASN C 639 11.02 15.50 6.63
N MET C 640 11.82 16.23 5.86
CA MET C 640 11.49 16.67 4.51
C MET C 640 11.40 15.51 3.52
N LEU C 641 12.37 14.59 3.50
CA LEU C 641 12.32 13.40 2.63
C LEU C 641 11.15 12.49 2.97
N ILE C 642 10.89 12.23 4.25
CA ILE C 642 9.77 11.39 4.68
C ILE C 642 8.41 12.06 4.40
N ALA C 643 8.27 13.37 4.57
CA ALA C 643 7.09 14.11 4.16
C ALA C 643 6.83 13.98 2.64
N LEU C 644 7.84 14.18 1.80
CA LEU C 644 7.76 13.99 0.35
C LEU C 644 7.38 12.55 -0.03
N MET C 645 8.01 11.52 0.55
CA MET C 645 7.61 10.13 0.30
C MET C 645 6.16 9.87 0.67
N SER C 646 5.70 10.38 1.82
CA SER C 646 4.33 10.16 2.27
C SER C 646 3.26 10.69 1.29
N GLU C 647 3.48 11.83 0.62
CA GLU C 647 2.54 12.34 -0.38
C GLU C 647 2.75 11.72 -1.78
N THR C 648 4.00 11.54 -2.22
CA THR C 648 4.32 11.14 -3.60
C THR C 648 4.40 9.64 -3.86
N VAL C 649 4.61 8.79 -2.84
CA VAL C 649 4.66 7.32 -3.01
C VAL C 649 3.29 6.81 -2.56
N ASN C 650 2.26 7.07 -3.36
CA ASN C 650 0.89 6.72 -2.91
C ASN C 650 0.32 5.51 -3.65
N HIS C 651 0.97 5.00 -4.69
CA HIS C 651 0.40 3.87 -5.50
C HIS C 651 -0.58 4.34 -6.58
N VAL C 652 -0.93 5.63 -6.65
CA VAL C 652 -1.75 6.13 -7.75
C VAL C 652 -1.13 5.64 -9.07
N ALA C 653 -1.95 5.10 -9.98
CA ALA C 653 -1.47 4.58 -11.26
C ALA C 653 -0.87 5.70 -12.12
N ASP C 654 0.23 5.45 -12.80
CA ASP C 654 1.06 6.50 -13.40
C ASP C 654 0.33 7.26 -14.53
N ASN C 655 0.12 8.58 -14.34
CA ASN C 655 -0.64 9.40 -15.34
C ASN C 655 0.33 10.19 -16.24
N SER C 656 1.54 9.70 -16.46
CA SER C 656 2.55 10.34 -17.30
C SER C 656 2.35 10.19 -18.81
N TRP C 657 1.85 9.06 -19.31
CA TRP C 657 1.54 8.91 -20.74
C TRP C 657 0.51 9.93 -21.23
N SER C 658 -0.51 10.19 -20.42
CA SER C 658 -1.58 11.14 -20.75
C SER C 658 -1.14 12.61 -20.58
N ILE C 659 -0.28 12.91 -19.60
CA ILE C 659 0.27 14.27 -19.47
C ILE C 659 1.24 14.53 -20.64
N TRP C 660 1.98 13.52 -21.11
CA TRP C 660 2.75 13.61 -22.33
C TRP C 660 1.89 13.79 -23.59
N LYS C 661 0.76 13.08 -23.73
CA LYS C 661 -0.21 13.32 -24.80
C LYS C 661 -0.76 14.75 -24.78
N LEU C 662 -0.98 15.37 -23.62
CA LEU C 662 -1.33 16.78 -23.53
C LEU C 662 -0.19 17.72 -23.94
N GLN C 663 1.06 17.43 -23.57
CA GLN C 663 2.21 18.19 -24.04
C GLN C 663 2.33 18.16 -25.57
N LYS C 664 2.13 16.99 -26.19
CA LYS C 664 2.04 16.87 -27.65
C LYS C 664 0.85 17.58 -28.26
N ALA C 665 -0.32 17.59 -27.61
CA ALA C 665 -1.47 18.39 -28.04
C ALA C 665 -1.20 19.89 -28.04
N ILE C 666 -0.63 20.44 -26.97
CA ILE C 666 -0.25 21.86 -26.88
C ILE C 666 0.78 22.23 -27.96
N SER C 667 1.76 21.35 -28.19
CA SER C 667 2.77 21.49 -29.23
C SER C 667 2.17 21.53 -30.63
N VAL C 668 1.28 20.59 -30.96
CA VAL C 668 0.53 20.54 -32.23
C VAL C 668 -0.26 21.81 -32.48
N LEU C 669 -1.07 22.23 -31.51
CA LEU C 669 -1.98 23.36 -31.70
C LEU C 669 -1.24 24.69 -31.85
N GLU C 670 -0.01 24.79 -31.35
CA GLU C 670 0.90 25.87 -31.67
C GLU C 670 1.54 25.75 -33.06
N MET C 671 2.07 24.59 -33.43
CA MET C 671 2.67 24.35 -34.75
C MET C 671 1.71 24.55 -35.92
N GLU C 672 0.42 24.27 -35.76
CA GLU C 672 -0.58 24.46 -36.82
C GLU C 672 -0.73 25.91 -37.29
N ASN C 673 -0.33 26.90 -36.48
CA ASN C 673 -0.34 28.31 -36.88
C ASN C 673 0.88 28.71 -37.71
N GLY C 674 1.86 27.83 -37.87
CA GLY C 674 3.15 28.18 -38.47
C GLY C 674 3.98 29.04 -37.53
N TYR C 675 4.54 30.12 -38.07
CA TYR C 675 5.44 31.02 -37.36
C TYR C 675 4.92 32.45 -37.39
N TRP C 676 5.36 33.31 -36.48
CA TRP C 676 4.90 34.71 -36.37
C TRP C 676 5.02 35.51 -37.69
N TRP C 677 6.00 35.17 -38.53
CA TRP C 677 6.29 35.76 -39.84
C TRP C 677 5.65 35.02 -41.04
N CYS C 678 5.12 33.81 -40.84
CA CYS C 678 4.60 32.92 -41.89
C CYS C 678 3.46 32.09 -41.31
N ARG C 679 2.28 32.71 -41.24
CA ARG C 679 1.10 32.19 -40.55
C ARG C 679 0.38 31.20 -41.46
N ARG C 680 0.52 29.91 -41.14
CA ARG C 680 0.12 28.74 -41.95
C ARG C 680 -1.40 28.68 -42.17
N LYS C 681 -1.82 28.35 -43.40
CA LYS C 681 -3.21 28.04 -43.70
C LYS C 681 -3.58 26.65 -43.18
N LYS C 682 -4.58 26.57 -42.29
CA LYS C 682 -4.95 25.31 -41.61
C LYS C 682 -5.68 24.34 -42.54
N HIS C 683 -5.17 23.11 -42.62
CA HIS C 683 -5.83 21.94 -43.21
C HIS C 683 -6.98 21.46 -42.31
N ARG C 684 -8.07 20.95 -42.91
CA ARG C 684 -9.29 20.50 -42.20
C ARG C 684 -9.33 18.98 -42.12
N GLU C 685 -9.50 18.43 -40.93
CA GLU C 685 -9.42 16.99 -40.67
C GLU C 685 -10.74 16.26 -41.00
N GLY C 686 -10.66 14.97 -41.28
CA GLY C 686 -11.82 14.17 -41.68
C GLY C 686 -12.30 14.45 -43.11
N ARG C 687 -13.50 13.94 -43.43
CA ARG C 687 -14.15 14.04 -44.74
C ARG C 687 -15.59 14.53 -44.57
N LEU C 688 -16.10 15.30 -45.52
CA LEU C 688 -17.52 15.63 -45.58
C LEU C 688 -18.33 14.41 -46.03
N LEU C 689 -19.08 13.79 -45.11
CA LEU C 689 -19.83 12.56 -45.35
C LEU C 689 -21.30 12.74 -44.98
N LYS C 690 -22.20 12.17 -45.77
CA LYS C 690 -23.63 12.01 -45.43
C LYS C 690 -23.78 10.92 -44.37
N VAL C 691 -24.23 11.28 -43.18
CA VAL C 691 -24.51 10.34 -42.08
C VAL C 691 -26.00 9.97 -41.97
N GLY C 692 -26.88 10.75 -42.60
CA GLY C 692 -28.33 10.52 -42.58
C GLY C 692 -29.12 11.67 -43.22
N THR C 693 -30.38 11.85 -42.80
CA THR C 693 -31.27 12.93 -43.24
C THR C 693 -31.52 13.92 -42.09
N ARG C 694 -31.33 15.23 -42.33
CA ARG C 694 -31.35 16.28 -41.29
C ARG C 694 -32.77 16.63 -40.82
N PRO C 699 -29.28 16.98 -46.94
CA PRO C 699 -29.16 15.90 -45.97
C PRO C 699 -28.32 16.27 -44.75
N ASP C 700 -28.11 15.29 -43.86
CA ASP C 700 -27.21 15.43 -42.71
C ASP C 700 -25.79 15.10 -43.15
N GLU C 701 -25.08 16.10 -43.69
CA GLU C 701 -23.71 15.99 -44.18
C GLU C 701 -22.76 16.71 -43.22
N ARG C 702 -21.75 15.96 -42.72
CA ARG C 702 -20.85 16.48 -41.66
C ARG C 702 -19.39 16.09 -41.86
N TRP C 703 -18.49 16.97 -41.43
CA TRP C 703 -17.07 16.65 -41.40
C TRP C 703 -16.81 15.59 -40.34
N CYS C 704 -16.83 14.33 -40.78
CA CYS C 704 -16.65 13.14 -39.98
C CYS C 704 -15.21 12.62 -40.06
N PHE C 705 -14.74 12.04 -38.97
CA PHE C 705 -13.43 11.45 -38.86
C PHE C 705 -13.53 9.98 -38.42
N ARG C 706 -12.95 9.09 -39.25
CA ARG C 706 -13.10 7.62 -39.05
C ARG C 706 -12.07 7.06 -38.07
N VAL C 707 -12.55 6.46 -36.99
CA VAL C 707 -11.73 5.77 -35.98
C VAL C 707 -12.04 4.29 -36.06
N GLU C 708 -11.01 3.44 -35.98
CA GLU C 708 -11.14 1.98 -35.95
C GLU C 708 -10.67 1.47 -34.58
N GLU C 709 -11.56 0.86 -33.80
CA GLU C 709 -11.26 0.31 -32.48
C GLU C 709 -11.24 -1.22 -32.54
N VAL C 710 -10.16 -1.85 -32.09
CA VAL C 710 -10.10 -3.29 -31.83
C VAL C 710 -10.11 -3.51 -30.33
N ASN C 711 -11.07 -4.28 -29.82
CA ASN C 711 -11.25 -4.44 -28.37
C ASN C 711 -11.81 -5.83 -28.02
N TRP C 712 -10.93 -6.84 -28.00
CA TRP C 712 -11.27 -8.20 -27.62
C TRP C 712 -11.85 -8.27 -26.20
N ALA C 713 -11.22 -7.61 -25.23
CA ALA C 713 -11.63 -7.67 -23.83
C ALA C 713 -13.08 -7.19 -23.61
N ALA C 714 -13.51 -6.11 -24.28
CA ALA C 714 -14.90 -5.65 -24.21
C ALA C 714 -15.84 -6.52 -25.07
N TRP C 715 -15.41 -6.95 -26.25
CA TRP C 715 -16.24 -7.73 -27.18
C TRP C 715 -16.58 -9.12 -26.64
N GLU C 716 -15.63 -9.84 -26.05
CA GLU C 716 -15.85 -11.19 -25.56
C GLU C 716 -16.93 -11.27 -24.47
N LYS C 717 -17.11 -10.20 -23.70
CA LYS C 717 -18.15 -10.07 -22.68
C LYS C 717 -19.57 -9.94 -23.25
N THR C 718 -19.70 -9.69 -24.56
CA THR C 718 -20.98 -9.62 -25.30
C THR C 718 -21.36 -10.94 -25.99
N LEU C 719 -20.48 -11.94 -26.04
CA LEU C 719 -20.73 -13.19 -26.74
C LEU C 719 -21.87 -14.01 -26.10
N ARG D 74 -34.62 -2.35 -64.33
CA ARG D 74 -33.22 -2.29 -64.82
C ARG D 74 -32.40 -3.42 -64.15
N PHE D 75 -32.49 -3.64 -62.84
CA PHE D 75 -31.63 -4.60 -62.10
C PHE D 75 -30.12 -4.37 -62.27
N ASP D 76 -29.77 -3.17 -62.16
CA ASP D 76 -28.39 -2.82 -61.86
C ASP D 76 -28.01 -3.18 -60.40
N ARG D 77 -26.73 -2.96 -60.07
CA ARG D 77 -26.20 -3.29 -58.72
C ARG D 77 -26.91 -2.48 -57.62
N ASP D 78 -27.17 -1.20 -57.87
CA ASP D 78 -27.71 -0.32 -56.83
C ASP D 78 -29.19 -0.62 -56.53
N ARG D 79 -29.99 -1.08 -57.51
CA ARG D 79 -31.29 -1.73 -57.21
C ARG D 79 -31.08 -3.00 -56.40
N LEU D 80 -30.27 -3.94 -56.86
CA LEU D 80 -30.15 -5.23 -56.19
C LEU D 80 -29.65 -5.10 -54.74
N PHE D 81 -28.62 -4.29 -54.50
CA PHE D 81 -28.06 -4.07 -53.16
C PHE D 81 -29.06 -3.38 -52.22
N SER D 82 -29.92 -2.50 -52.72
CA SER D 82 -30.99 -1.90 -51.91
C SER D 82 -32.17 -2.88 -51.71
N VAL D 83 -32.49 -3.75 -52.68
CA VAL D 83 -33.50 -4.82 -52.54
C VAL D 83 -33.13 -5.84 -51.47
N VAL D 84 -31.95 -6.47 -51.54
CA VAL D 84 -31.55 -7.50 -50.56
C VAL D 84 -31.34 -6.94 -49.15
N SER D 85 -31.11 -5.63 -49.01
CA SER D 85 -31.01 -4.97 -47.69
C SER D 85 -32.36 -4.84 -46.97
N ARG D 86 -33.47 -4.84 -47.73
CA ARG D 86 -34.83 -4.66 -47.13
C ARG D 86 -35.37 -6.01 -46.60
N GLY D 87 -34.88 -7.13 -47.10
CA GLY D 87 -35.33 -8.47 -46.71
C GLY D 87 -36.62 -8.93 -47.39
N VAL D 88 -37.11 -8.22 -48.41
CA VAL D 88 -38.30 -8.59 -49.20
C VAL D 88 -37.87 -9.36 -50.46
N PRO D 89 -38.19 -10.65 -50.60
CA PRO D 89 -37.70 -11.47 -51.72
C PRO D 89 -38.41 -11.16 -53.04
N GLU D 90 -39.66 -10.68 -52.99
CA GLU D 90 -40.52 -10.54 -54.18
C GLU D 90 -40.02 -9.45 -55.16
N GLU D 91 -39.30 -8.44 -54.67
CA GLU D 91 -38.73 -7.37 -55.49
C GLU D 91 -37.58 -7.83 -56.41
N LEU D 92 -37.11 -9.08 -56.27
CA LEU D 92 -36.17 -9.72 -57.20
C LEU D 92 -36.85 -10.18 -58.52
N THR D 93 -38.18 -10.07 -58.63
CA THR D 93 -38.94 -10.53 -59.81
C THR D 93 -38.45 -9.88 -61.11
N GLY D 94 -37.92 -10.68 -62.04
CA GLY D 94 -37.32 -10.23 -63.30
C GLY D 94 -35.80 -10.17 -63.33
N LEU D 95 -35.11 -10.37 -62.20
CA LEU D 95 -33.64 -10.41 -62.17
C LEU D 95 -33.07 -11.55 -63.03
N LEU D 96 -33.75 -12.71 -63.06
CA LEU D 96 -33.37 -13.84 -63.92
C LEU D 96 -33.36 -13.42 -65.40
N GLU D 97 -34.42 -12.76 -65.87
CA GLU D 97 -34.54 -12.34 -67.26
C GLU D 97 -33.47 -11.32 -67.65
N TYR D 98 -33.18 -10.34 -66.77
CA TYR D 98 -32.15 -9.34 -67.05
C TYR D 98 -30.75 -9.96 -67.13
N LEU D 99 -30.39 -10.84 -66.18
CA LEU D 99 -29.10 -11.53 -66.18
C LEU D 99 -28.92 -12.39 -67.44
N ARG D 100 -29.94 -13.20 -67.79
CA ARG D 100 -29.92 -14.04 -68.99
C ARG D 100 -29.87 -13.22 -70.28
N TRP D 101 -30.65 -12.14 -70.40
CA TRP D 101 -30.69 -11.31 -71.61
C TRP D 101 -29.37 -10.56 -71.86
N ASN D 102 -28.71 -10.09 -70.80
CA ASN D 102 -27.37 -9.49 -70.89
C ASN D 102 -26.22 -10.54 -70.92
N SER D 103 -26.49 -11.82 -70.62
CA SER D 103 -25.53 -12.92 -70.42
C SER D 103 -24.55 -12.70 -69.25
N LYS D 104 -24.94 -11.94 -68.22
CA LYS D 104 -24.11 -11.57 -67.06
C LYS D 104 -24.41 -12.43 -65.83
N TYR D 105 -23.50 -12.39 -64.85
CA TYR D 105 -23.57 -13.15 -63.61
C TYR D 105 -23.46 -12.26 -62.36
N LEU D 106 -24.10 -12.65 -61.25
CA LEU D 106 -24.06 -11.91 -59.98
C LEU D 106 -22.66 -11.82 -59.33
N THR D 107 -21.69 -12.60 -59.79
CA THR D 107 -20.28 -12.55 -59.36
C THR D 107 -19.35 -11.83 -60.34
N ASP D 108 -19.87 -11.25 -61.44
CA ASP D 108 -19.10 -10.35 -62.29
C ASP D 108 -18.92 -8.97 -61.63
N SER D 109 -17.87 -8.23 -62.00
CA SER D 109 -17.48 -6.96 -61.37
C SER D 109 -18.62 -5.93 -61.29
N ALA D 110 -19.49 -5.89 -62.30
CA ALA D 110 -20.66 -5.02 -62.37
C ALA D 110 -21.64 -5.15 -61.18
N TYR D 111 -21.64 -6.27 -60.44
CA TYR D 111 -22.49 -6.53 -59.28
C TYR D 111 -21.71 -6.52 -57.95
N THR D 112 -20.59 -5.80 -57.86
CA THR D 112 -19.74 -5.73 -56.65
C THR D 112 -19.59 -4.32 -56.10
N GLU D 113 -19.46 -4.19 -54.78
CA GLU D 113 -19.22 -2.89 -54.12
C GLU D 113 -17.84 -2.31 -54.47
N GLY D 114 -17.70 -0.98 -54.43
CA GLY D 114 -16.50 -0.27 -54.88
C GLY D 114 -15.25 -0.54 -54.02
N SER D 115 -14.08 -0.57 -54.68
CA SER D 115 -12.76 -0.79 -54.06
C SER D 115 -12.60 -2.12 -53.30
N THR D 116 -13.42 -3.12 -53.64
CA THR D 116 -13.40 -4.48 -53.08
C THR D 116 -14.02 -5.48 -54.06
N GLY D 117 -14.36 -6.71 -53.63
CA GLY D 117 -15.07 -7.73 -54.42
C GLY D 117 -16.46 -8.09 -53.88
N LYS D 118 -16.91 -7.37 -52.85
CA LYS D 118 -18.09 -7.66 -52.02
C LYS D 118 -19.37 -7.76 -52.85
N THR D 119 -20.04 -8.90 -52.79
CA THR D 119 -21.19 -9.24 -53.65
C THR D 119 -22.54 -8.93 -53.00
N CYS D 120 -23.61 -9.03 -53.78
CA CYS D 120 -24.99 -8.96 -53.30
C CYS D 120 -25.32 -9.97 -52.19
N LEU D 121 -24.72 -11.17 -52.19
CA LEU D 121 -24.91 -12.14 -51.11
C LEU D 121 -24.28 -11.65 -49.80
N MET D 122 -23.11 -11.03 -49.83
CA MET D 122 -22.54 -10.41 -48.63
C MET D 122 -23.43 -9.27 -48.12
N LYS D 123 -23.95 -8.42 -49.02
CA LYS D 123 -24.93 -7.36 -48.70
C LYS D 123 -26.22 -7.92 -48.07
N ALA D 124 -26.69 -9.09 -48.51
CA ALA D 124 -27.83 -9.80 -47.94
C ALA D 124 -27.53 -10.35 -46.54
N VAL D 125 -26.40 -11.04 -46.35
CA VAL D 125 -26.02 -11.66 -45.06
C VAL D 125 -25.62 -10.61 -44.01
N LEU D 126 -25.16 -9.42 -44.38
CA LEU D 126 -24.97 -8.30 -43.44
C LEU D 126 -26.28 -7.74 -42.87
N ASN D 127 -27.44 -8.07 -43.46
CA ASN D 127 -28.76 -7.50 -43.15
C ASN D 127 -29.77 -8.57 -42.70
N LEU D 128 -29.37 -9.51 -41.83
CA LEU D 128 -30.27 -10.50 -41.23
C LEU D 128 -31.30 -9.83 -40.31
N GLN D 129 -32.55 -10.31 -40.33
CA GLN D 129 -33.66 -9.85 -39.51
C GLN D 129 -34.12 -11.00 -38.61
N ASP D 130 -34.07 -10.82 -37.28
CA ASP D 130 -34.37 -11.89 -36.32
C ASP D 130 -33.59 -13.21 -36.55
N GLY D 131 -32.36 -13.10 -37.09
CA GLY D 131 -31.47 -14.23 -37.37
C GLY D 131 -31.47 -14.77 -38.80
N VAL D 132 -32.33 -14.28 -39.73
CA VAL D 132 -32.38 -14.76 -41.14
C VAL D 132 -32.75 -13.64 -42.13
N ASN D 133 -32.33 -13.74 -43.39
CA ASN D 133 -32.78 -12.87 -44.49
C ASN D 133 -33.51 -13.71 -45.55
N ALA D 134 -34.79 -13.42 -45.79
CA ALA D 134 -35.63 -14.17 -46.73
C ALA D 134 -35.18 -14.10 -48.20
N CYS D 135 -34.32 -13.14 -48.57
CA CYS D 135 -33.80 -13.00 -49.93
C CYS D 135 -32.72 -14.04 -50.29
N ILE D 136 -32.03 -14.64 -49.32
CA ILE D 136 -30.85 -15.49 -49.61
C ILE D 136 -31.24 -16.72 -50.43
N MET D 137 -32.28 -17.46 -50.02
CA MET D 137 -32.73 -18.65 -50.75
C MET D 137 -33.09 -18.35 -52.23
N PRO D 138 -33.95 -17.37 -52.56
CA PRO D 138 -34.21 -17.02 -53.95
C PRO D 138 -33.00 -16.39 -54.66
N LEU D 139 -32.16 -15.59 -54.00
CA LEU D 139 -30.94 -15.04 -54.63
C LEU D 139 -29.97 -16.15 -55.06
N LEU D 140 -29.81 -17.19 -54.23
CA LEU D 140 -29.03 -18.37 -54.56
C LEU D 140 -29.68 -19.20 -55.68
N GLN D 141 -31.00 -19.29 -55.70
CA GLN D 141 -31.59 -19.99 -56.86
C GLN D 141 -31.28 -19.15 -58.11
N ILE D 142 -31.54 -17.84 -58.05
CA ILE D 142 -31.33 -16.97 -59.22
C ILE D 142 -29.90 -17.13 -59.77
N ASP D 143 -28.87 -17.20 -58.93
CA ASP D 143 -27.50 -17.52 -59.38
C ASP D 143 -27.41 -18.91 -60.02
N LYS D 144 -28.02 -19.91 -59.38
CA LYS D 144 -28.07 -21.31 -59.84
C LYS D 144 -28.80 -21.47 -61.17
N ASP D 145 -29.88 -20.72 -61.37
CA ASP D 145 -30.62 -20.64 -62.65
C ASP D 145 -29.93 -19.77 -63.70
N SER D 146 -29.06 -18.84 -63.32
CA SER D 146 -28.27 -18.05 -64.28
C SER D 146 -27.12 -18.83 -64.93
N GLY D 147 -26.74 -20.00 -64.40
CA GLY D 147 -25.71 -20.86 -65.02
C GLY D 147 -24.27 -20.36 -64.81
N ASN D 148 -24.03 -19.71 -63.67
CA ASN D 148 -22.77 -19.06 -63.32
C ASN D 148 -21.61 -20.09 -63.17
N PRO D 149 -20.46 -19.90 -63.85
CA PRO D 149 -19.28 -20.76 -63.68
C PRO D 149 -18.50 -20.51 -62.36
N LYS D 150 -18.77 -19.42 -61.65
CA LYS D 150 -18.09 -19.00 -60.40
C LYS D 150 -19.15 -18.67 -59.33
N LEU D 151 -19.67 -19.71 -58.68
CA LEU D 151 -20.87 -19.69 -57.83
C LEU D 151 -20.85 -18.59 -56.76
N LEU D 152 -22.01 -17.97 -56.51
CA LEU D 152 -22.16 -16.80 -55.63
C LEU D 152 -21.77 -17.06 -54.16
N VAL D 153 -21.96 -18.28 -53.67
CA VAL D 153 -21.52 -18.68 -52.32
C VAL D 153 -19.99 -18.77 -52.16
N ASN D 154 -19.26 -19.03 -53.25
CA ASN D 154 -17.80 -19.22 -53.24
C ASN D 154 -17.03 -17.98 -53.71
N ALA D 155 -17.69 -16.94 -54.20
CA ALA D 155 -17.09 -15.65 -54.50
C ALA D 155 -16.62 -14.95 -53.21
N GLN D 156 -15.53 -14.20 -53.31
CA GLN D 156 -14.81 -13.63 -52.17
C GLN D 156 -14.41 -12.17 -52.46
N CYS D 157 -14.16 -11.38 -51.41
CA CYS D 157 -13.51 -10.09 -51.55
C CYS D 157 -12.07 -10.24 -52.08
N THR D 158 -11.54 -9.22 -52.76
CA THR D 158 -10.33 -9.31 -53.60
C THR D 158 -9.27 -8.25 -53.31
N ASP D 159 -9.58 -7.22 -52.51
CA ASP D 159 -8.64 -6.14 -52.17
C ASP D 159 -7.62 -6.58 -51.10
N GLU D 160 -6.52 -5.85 -50.95
CA GLU D 160 -5.41 -6.24 -50.08
C GLU D 160 -5.77 -6.37 -48.59
N PHE D 161 -6.86 -5.76 -48.11
CA PHE D 161 -7.29 -5.90 -46.73
C PHE D 161 -8.26 -7.05 -46.53
N TYR D 162 -9.29 -7.19 -47.37
CA TYR D 162 -10.35 -8.18 -47.17
C TYR D 162 -10.24 -9.42 -48.07
N GLN D 163 -9.11 -9.66 -48.74
CA GLN D 163 -8.95 -10.78 -49.66
C GLN D 163 -9.42 -12.12 -49.07
N GLY D 164 -10.22 -12.87 -49.82
CA GLY D 164 -10.71 -14.19 -49.42
C GLY D 164 -11.88 -14.19 -48.43
N HIS D 165 -12.28 -13.03 -47.91
CA HIS D 165 -13.48 -12.90 -47.09
C HIS D 165 -14.73 -13.29 -47.88
N SER D 166 -15.66 -14.02 -47.26
CA SER D 166 -16.80 -14.61 -47.94
C SER D 166 -18.08 -14.48 -47.13
N ALA D 167 -19.22 -14.67 -47.79
CA ALA D 167 -20.53 -14.63 -47.13
C ALA D 167 -20.63 -15.59 -45.94
N LEU D 168 -19.96 -16.75 -45.98
CA LEU D 168 -19.93 -17.70 -44.86
C LEU D 168 -19.17 -17.15 -43.65
N HIS D 169 -18.05 -16.45 -43.83
CA HIS D 169 -17.39 -15.75 -42.74
C HIS D 169 -18.25 -14.61 -42.16
N ILE D 170 -19.08 -13.95 -42.96
CA ILE D 170 -20.05 -12.97 -42.46
C ILE D 170 -21.13 -13.66 -41.64
N ALA D 171 -21.70 -14.76 -42.15
CA ALA D 171 -22.75 -15.52 -41.47
C ALA D 171 -22.30 -16.02 -40.09
N ILE D 172 -21.05 -16.49 -39.97
CA ILE D 172 -20.50 -16.97 -38.71
C ILE D 172 -20.24 -15.79 -37.76
N GLU D 173 -19.66 -14.67 -38.21
CA GLU D 173 -19.42 -13.54 -37.30
C GLU D 173 -20.72 -12.90 -36.81
N LYS D 174 -21.74 -12.81 -37.65
CA LYS D 174 -23.11 -12.41 -37.30
C LYS D 174 -23.87 -13.45 -36.44
N ARG D 175 -23.24 -14.57 -36.09
CA ARG D 175 -23.74 -15.64 -35.20
C ARG D 175 -25.00 -16.37 -35.66
N SER D 176 -25.32 -16.38 -36.95
CA SER D 176 -26.53 -17.05 -37.45
C SER D 176 -26.25 -18.48 -37.89
N LEU D 177 -26.53 -19.46 -37.02
CA LEU D 177 -26.51 -20.87 -37.40
C LEU D 177 -27.49 -21.15 -38.55
N GLN D 178 -28.65 -20.48 -38.56
CA GLN D 178 -29.65 -20.62 -39.63
C GLN D 178 -29.09 -20.20 -40.99
N CYS D 179 -28.30 -19.13 -41.04
CA CYS D 179 -27.67 -18.68 -42.27
C CYS D 179 -26.46 -19.56 -42.66
N VAL D 180 -25.66 -20.02 -41.70
CA VAL D 180 -24.57 -20.99 -41.96
C VAL D 180 -25.11 -22.26 -42.60
N LYS D 181 -26.17 -22.84 -42.03
CA LYS D 181 -26.89 -23.98 -42.62
C LYS D 181 -27.35 -23.68 -44.04
N LEU D 182 -28.07 -22.57 -44.27
CA LEU D 182 -28.58 -22.22 -45.59
C LEU D 182 -27.48 -22.08 -46.65
N LEU D 183 -26.34 -21.48 -46.30
CA LEU D 183 -25.19 -21.35 -47.18
C LEU D 183 -24.50 -22.69 -47.48
N VAL D 184 -24.22 -23.48 -46.46
CA VAL D 184 -23.55 -24.79 -46.61
C VAL D 184 -24.44 -25.81 -47.33
N GLU D 185 -25.74 -25.82 -47.08
CA GLU D 185 -26.72 -26.63 -47.84
C GLU D 185 -26.73 -26.28 -49.34
N ASN D 186 -26.49 -25.03 -49.70
CA ASN D 186 -26.34 -24.58 -51.09
C ASN D 186 -24.90 -24.68 -51.64
N GLY D 187 -23.99 -25.34 -50.91
CA GLY D 187 -22.64 -25.66 -51.39
C GLY D 187 -21.57 -24.61 -51.13
N ALA D 188 -21.76 -23.72 -50.15
CA ALA D 188 -20.71 -22.79 -49.73
C ALA D 188 -19.47 -23.53 -49.22
N ASP D 189 -18.31 -23.28 -49.81
CA ASP D 189 -17.08 -23.98 -49.48
C ASP D 189 -16.62 -23.64 -48.05
N VAL D 190 -16.65 -24.64 -47.17
CA VAL D 190 -16.28 -24.54 -45.76
C VAL D 190 -14.78 -24.29 -45.56
N HIS D 191 -13.93 -24.42 -46.59
CA HIS D 191 -12.48 -24.25 -46.48
C HIS D 191 -11.94 -22.98 -47.15
N LEU D 192 -12.78 -21.99 -47.43
CA LEU D 192 -12.35 -20.67 -47.93
C LEU D 192 -11.52 -19.93 -46.89
N ARG D 193 -10.38 -19.37 -47.28
CA ARG D 193 -9.47 -18.65 -46.37
C ARG D 193 -9.63 -17.13 -46.50
N ALA D 194 -10.15 -16.49 -45.47
CA ALA D 194 -10.12 -15.03 -45.32
C ALA D 194 -8.70 -14.59 -44.96
N CYS D 195 -7.89 -14.24 -45.96
CA CYS D 195 -6.43 -14.18 -45.86
C CYS D 195 -5.82 -12.79 -46.11
N GLY D 196 -6.61 -11.80 -46.52
CA GLY D 196 -6.18 -10.41 -46.67
C GLY D 196 -5.70 -9.76 -45.38
N ARG D 197 -4.97 -8.65 -45.46
CA ARG D 197 -4.27 -8.04 -44.28
C ARG D 197 -5.15 -7.75 -43.08
N PHE D 198 -6.43 -7.52 -43.26
CA PHE D 198 -7.28 -7.33 -42.08
C PHE D 198 -7.34 -8.58 -41.19
N PHE D 199 -7.20 -9.77 -41.77
CA PHE D 199 -7.30 -11.06 -41.10
C PHE D 199 -5.95 -11.64 -40.66
N GLN D 200 -4.85 -11.04 -41.06
CA GLN D 200 -3.51 -11.39 -40.60
C GLN D 200 -3.26 -10.81 -39.20
N LYS D 201 -2.24 -11.31 -38.47
CA LYS D 201 -1.89 -10.79 -37.14
C LYS D 201 -0.76 -9.76 -37.26
N HIS D 202 -1.04 -8.51 -36.85
CA HIS D 202 -0.13 -7.36 -36.89
C HIS D 202 -0.55 -6.27 -35.89
N GLN D 203 0.29 -5.25 -35.70
CA GLN D 203 0.11 -4.20 -34.71
C GLN D 203 -1.00 -3.16 -35.02
N GLY D 204 -1.55 -3.16 -36.23
CA GLY D 204 -2.62 -2.25 -36.67
C GLY D 204 -4.04 -2.73 -36.35
N THR D 205 -5.00 -2.21 -37.10
CA THR D 205 -6.38 -2.69 -37.08
C THR D 205 -6.49 -4.03 -37.81
N CYS D 206 -6.74 -5.10 -37.06
CA CYS D 206 -6.88 -6.46 -37.58
C CYS D 206 -7.74 -7.32 -36.65
N PHE D 207 -8.16 -8.48 -37.17
CA PHE D 207 -8.88 -9.53 -36.45
C PHE D 207 -8.41 -10.90 -36.95
N TYR D 208 -7.37 -11.45 -36.34
CA TYR D 208 -6.93 -12.82 -36.60
C TYR D 208 -7.85 -13.82 -35.88
N PHE D 209 -8.37 -14.80 -36.62
CA PHE D 209 -9.20 -15.90 -36.12
C PHE D 209 -8.72 -17.25 -36.69
N GLY D 210 -7.48 -17.34 -37.13
CA GLY D 210 -7.11 -18.26 -38.20
C GLY D 210 -7.55 -17.62 -39.52
N GLU D 211 -7.91 -18.41 -40.52
CA GLU D 211 -8.51 -17.87 -41.77
C GLU D 211 -9.78 -18.60 -42.21
N LEU D 212 -10.11 -19.72 -41.59
CA LEU D 212 -11.15 -20.64 -42.04
C LEU D 212 -12.46 -20.42 -41.27
N PRO D 213 -13.62 -20.73 -41.87
CA PRO D 213 -14.90 -20.80 -41.20
C PRO D 213 -14.90 -21.57 -39.87
N LEU D 214 -14.27 -22.75 -39.79
CA LEU D 214 -14.19 -23.51 -38.55
C LEU D 214 -13.40 -22.79 -37.44
N SER D 215 -12.29 -22.15 -37.80
CA SER D 215 -11.48 -21.40 -36.85
C SER D 215 -12.20 -20.12 -36.39
N LEU D 216 -12.95 -19.45 -37.26
CA LEU D 216 -13.82 -18.34 -36.89
C LEU D 216 -14.90 -18.78 -35.90
N ALA D 217 -15.60 -19.88 -36.17
CA ALA D 217 -16.64 -20.41 -35.29
C ALA D 217 -16.10 -20.78 -33.90
N ALA D 218 -14.90 -21.38 -33.83
CA ALA D 218 -14.22 -21.65 -32.57
C ALA D 218 -13.82 -20.37 -31.82
N CYS D 219 -13.21 -19.39 -32.48
CA CYS D 219 -12.73 -18.18 -31.82
C CYS D 219 -13.86 -17.23 -31.36
N THR D 220 -15.00 -17.23 -32.08
CA THR D 220 -16.26 -16.59 -31.67
C THR D 220 -17.11 -17.43 -30.70
N LYS D 221 -16.61 -18.59 -30.25
CA LYS D 221 -17.20 -19.43 -29.18
C LYS D 221 -18.55 -20.04 -29.50
N GLN D 222 -18.75 -20.51 -30.74
CA GLN D 222 -20.04 -21.02 -31.22
C GLN D 222 -20.06 -22.55 -31.32
N TRP D 223 -20.33 -23.23 -30.23
CA TRP D 223 -20.27 -24.70 -30.37
C TRP D 223 -21.24 -25.17 -31.46
N ASP D 224 -22.50 -24.76 -31.43
CA ASP D 224 -23.50 -25.26 -32.37
C ASP D 224 -23.05 -25.09 -33.83
N VAL D 225 -22.45 -23.94 -34.18
CA VAL D 225 -21.84 -23.72 -35.50
C VAL D 225 -20.61 -24.59 -35.68
N VAL D 226 -19.74 -24.73 -34.69
CA VAL D 226 -18.56 -25.63 -34.75
C VAL D 226 -19.00 -27.07 -34.97
N THR D 227 -19.99 -27.55 -34.22
CA THR D 227 -20.56 -28.88 -34.41
C THR D 227 -21.14 -29.02 -35.82
N TYR D 228 -21.92 -28.05 -36.29
CA TYR D 228 -22.49 -28.12 -37.63
C TYR D 228 -21.40 -28.15 -38.71
N LEU D 229 -20.44 -27.23 -38.67
CA LEU D 229 -19.35 -27.22 -39.65
C LEU D 229 -18.56 -28.53 -39.63
N LEU D 230 -18.27 -29.11 -38.46
CA LEU D 230 -17.52 -30.35 -38.32
C LEU D 230 -18.26 -31.60 -38.82
N GLU D 231 -19.58 -31.72 -38.60
CA GLU D 231 -20.31 -32.97 -38.84
C GLU D 231 -21.62 -32.86 -39.63
N ASN D 232 -21.83 -31.78 -40.40
CA ASN D 232 -22.84 -31.75 -41.47
C ASN D 232 -22.51 -32.73 -42.61
N PRO D 233 -23.51 -33.25 -43.34
CA PRO D 233 -23.30 -34.22 -44.42
C PRO D 233 -22.88 -33.60 -45.77
N HIS D 234 -22.97 -32.28 -45.94
CA HIS D 234 -22.75 -31.60 -47.23
C HIS D 234 -21.27 -31.38 -47.52
N GLN D 235 -20.58 -30.83 -46.52
CA GLN D 235 -19.13 -30.59 -46.60
C GLN D 235 -18.62 -30.45 -45.16
N PRO D 236 -18.11 -31.53 -44.50
CA PRO D 236 -17.55 -31.44 -43.16
C PRO D 236 -16.22 -30.67 -43.18
N ALA D 237 -16.06 -29.75 -42.22
CA ALA D 237 -14.82 -29.04 -41.99
C ALA D 237 -13.73 -30.03 -41.55
N SER D 238 -12.59 -30.06 -42.23
CA SER D 238 -11.46 -30.87 -41.79
C SER D 238 -10.77 -30.21 -40.61
N LEU D 239 -10.63 -30.93 -39.49
CA LEU D 239 -9.80 -30.49 -38.36
C LEU D 239 -8.32 -30.42 -38.73
N GLU D 240 -7.89 -31.05 -39.82
CA GLU D 240 -6.53 -30.97 -40.34
C GLU D 240 -6.27 -29.72 -41.21
N ALA D 241 -7.30 -28.93 -41.55
CA ALA D 241 -7.17 -27.78 -42.45
C ALA D 241 -6.37 -26.63 -41.81
N THR D 242 -5.61 -25.92 -42.63
CA THR D 242 -4.65 -24.90 -42.19
C THR D 242 -4.81 -23.56 -42.91
N ASP D 243 -4.56 -22.47 -42.20
CA ASP D 243 -4.47 -21.12 -42.78
C ASP D 243 -3.16 -20.86 -43.55
N SER D 244 -2.93 -19.62 -44.01
CA SER D 244 -1.70 -19.22 -44.74
C SER D 244 -0.40 -19.32 -43.93
N LEU D 245 -0.46 -19.33 -42.60
CA LEU D 245 0.69 -19.56 -41.70
C LEU D 245 0.86 -21.05 -41.38
N GLY D 246 -0.01 -21.91 -41.89
CA GLY D 246 -0.08 -23.32 -41.56
C GLY D 246 -0.80 -23.60 -40.23
N ASN D 247 -1.40 -22.61 -39.58
CA ASN D 247 -2.09 -22.79 -38.32
C ASN D 247 -3.38 -23.57 -38.51
N THR D 248 -3.54 -24.66 -37.75
CA THR D 248 -4.79 -25.40 -37.56
C THR D 248 -5.69 -24.66 -36.56
N VAL D 249 -6.95 -25.04 -36.36
CA VAL D 249 -7.84 -24.39 -35.37
C VAL D 249 -7.26 -24.37 -33.95
N LEU D 250 -6.42 -25.34 -33.59
CA LEU D 250 -5.76 -25.41 -32.28
C LEU D 250 -4.60 -24.42 -32.15
N HIS D 251 -3.88 -24.15 -33.23
CA HIS D 251 -2.94 -23.02 -33.27
C HIS D 251 -3.68 -21.69 -33.23
N ALA D 252 -4.82 -21.58 -33.92
CA ALA D 252 -5.64 -20.36 -33.90
C ALA D 252 -6.14 -20.04 -32.50
N LEU D 253 -6.69 -21.02 -31.76
CA LEU D 253 -7.09 -20.85 -30.37
C LEU D 253 -5.93 -20.49 -29.45
N VAL D 254 -4.72 -21.04 -29.65
CA VAL D 254 -3.53 -20.62 -28.91
C VAL D 254 -3.12 -19.18 -29.25
N MET D 255 -3.23 -18.75 -30.50
CA MET D 255 -2.95 -17.37 -30.90
C MET D 255 -3.90 -16.36 -30.24
N ILE D 256 -5.15 -16.76 -30.00
CA ILE D 256 -6.25 -15.93 -29.51
C ILE D 256 -6.44 -15.98 -27.99
N ALA D 257 -5.78 -16.91 -27.31
CA ALA D 257 -5.73 -16.94 -25.86
C ALA D 257 -5.12 -15.64 -25.30
N ASP D 258 -5.76 -15.05 -24.31
CA ASP D 258 -5.22 -14.01 -23.43
C ASP D 258 -5.19 -14.59 -22.01
N ASN D 259 -4.24 -14.16 -21.19
CA ASN D 259 -4.00 -14.77 -19.88
C ASN D 259 -5.01 -14.33 -18.79
N SER D 260 -6.12 -13.69 -19.16
CA SER D 260 -7.22 -13.35 -18.27
C SER D 260 -8.08 -14.57 -17.96
N PRO D 261 -8.75 -14.64 -16.79
CA PRO D 261 -9.48 -15.84 -16.39
C PRO D 261 -10.73 -16.10 -17.25
N GLU D 262 -11.35 -15.06 -17.79
CA GLU D 262 -12.55 -15.19 -18.63
C GLU D 262 -12.22 -15.70 -20.04
N ASN D 263 -11.20 -15.15 -20.70
CA ASN D 263 -10.76 -15.64 -22.01
C ASN D 263 -10.19 -17.05 -21.89
N SER D 264 -9.18 -17.24 -21.03
CA SER D 264 -8.45 -18.50 -20.97
C SER D 264 -9.33 -19.69 -20.59
N ALA D 265 -10.26 -19.57 -19.63
CA ALA D 265 -11.17 -20.66 -19.29
C ALA D 265 -12.06 -21.07 -20.48
N LEU D 266 -12.55 -20.11 -21.26
CA LEU D 266 -13.40 -20.38 -22.42
C LEU D 266 -12.61 -20.91 -23.62
N VAL D 267 -11.37 -20.45 -23.85
CA VAL D 267 -10.46 -21.02 -24.85
C VAL D 267 -10.07 -22.46 -24.49
N ILE D 268 -9.83 -22.76 -23.22
CA ILE D 268 -9.53 -24.11 -22.73
C ILE D 268 -10.71 -25.06 -23.00
N HIS D 269 -11.95 -24.64 -22.76
CA HIS D 269 -13.12 -25.45 -23.11
C HIS D 269 -13.26 -25.65 -24.62
N MET D 270 -13.09 -24.58 -25.41
CA MET D 270 -13.16 -24.65 -26.87
C MET D 270 -12.08 -25.57 -27.45
N TYR D 271 -10.86 -25.49 -26.93
CA TYR D 271 -9.73 -26.35 -27.32
C TYR D 271 -10.00 -27.82 -26.99
N ASP D 272 -10.40 -28.13 -25.75
CA ASP D 272 -10.70 -29.49 -25.32
C ASP D 272 -11.82 -30.14 -26.12
N GLY D 273 -12.94 -29.46 -26.35
CA GLY D 273 -14.03 -30.05 -27.13
C GLY D 273 -13.65 -30.29 -28.59
N LEU D 274 -12.84 -29.44 -29.22
CA LEU D 274 -12.32 -29.69 -30.56
C LEU D 274 -11.34 -30.87 -30.59
N LEU D 275 -10.49 -31.01 -29.58
CA LEU D 275 -9.59 -32.15 -29.44
C LEU D 275 -10.36 -33.46 -29.19
N GLN D 276 -11.36 -33.46 -28.31
CA GLN D 276 -12.28 -34.58 -28.11
C GLN D 276 -13.09 -34.91 -29.36
N MET D 277 -13.51 -33.92 -30.17
CA MET D 277 -14.16 -34.17 -31.46
C MET D 277 -13.18 -34.72 -32.51
N GLY D 278 -11.92 -34.31 -32.51
CA GLY D 278 -10.88 -34.94 -33.33
C GLY D 278 -10.74 -36.44 -33.09
N ALA D 279 -10.94 -36.92 -31.85
CA ALA D 279 -10.94 -38.35 -31.56
C ALA D 279 -12.15 -39.11 -32.15
N ARG D 280 -13.26 -38.44 -32.48
CA ARG D 280 -14.38 -39.03 -33.24
C ARG D 280 -14.19 -38.93 -34.75
N LEU D 281 -13.87 -37.73 -35.22
CA LEU D 281 -13.90 -37.33 -36.64
C LEU D 281 -12.61 -37.65 -37.39
N CYS D 282 -11.47 -37.65 -36.69
CA CYS D 282 -10.13 -37.85 -37.23
C CYS D 282 -9.35 -38.86 -36.36
N PRO D 283 -9.86 -40.08 -36.09
CA PRO D 283 -9.41 -40.90 -34.96
C PRO D 283 -7.95 -41.34 -35.05
N THR D 284 -7.42 -41.50 -36.26
CA THR D 284 -6.01 -41.85 -36.53
C THR D 284 -5.06 -40.65 -36.52
N VAL D 285 -5.55 -39.41 -36.39
CA VAL D 285 -4.75 -38.19 -36.56
C VAL D 285 -4.41 -37.56 -35.21
N GLN D 286 -3.13 -37.31 -34.98
CA GLN D 286 -2.62 -36.60 -33.81
C GLN D 286 -2.66 -35.08 -34.07
N LEU D 287 -3.78 -34.43 -33.79
CA LEU D 287 -4.01 -33.01 -34.14
C LEU D 287 -3.00 -32.04 -33.50
N GLU D 288 -2.48 -32.41 -32.34
CA GLU D 288 -1.44 -31.68 -31.64
C GLU D 288 -0.02 -32.04 -32.08
N GLU D 289 0.16 -32.93 -33.04
CA GLU D 289 1.43 -33.18 -33.72
C GLU D 289 1.50 -32.52 -35.10
N ILE D 290 0.42 -31.84 -35.53
CA ILE D 290 0.39 -31.03 -36.75
C ILE D 290 1.21 -29.77 -36.52
N SER D 291 2.15 -29.48 -37.41
CA SER D 291 3.07 -28.35 -37.32
C SER D 291 2.69 -27.23 -38.28
N ASN D 292 2.68 -25.98 -37.83
CA ASN D 292 2.52 -24.83 -38.72
C ASN D 292 3.80 -24.56 -39.54
N HIS D 293 3.85 -23.50 -40.36
CA HIS D 293 5.02 -23.22 -41.20
C HIS D 293 6.27 -22.81 -40.42
N GLN D 294 6.17 -22.47 -39.14
CA GLN D 294 7.31 -22.29 -38.24
C GLN D 294 7.77 -23.60 -37.57
N GLY D 295 7.15 -24.74 -37.89
CA GLY D 295 7.44 -26.03 -37.29
C GLY D 295 6.84 -26.24 -35.90
N LEU D 296 5.92 -25.37 -35.47
CA LEU D 296 5.36 -25.39 -34.12
C LEU D 296 4.05 -26.19 -34.09
N THR D 297 3.94 -27.11 -33.14
CA THR D 297 2.67 -27.69 -32.71
C THR D 297 1.92 -26.70 -31.81
N PRO D 298 0.63 -26.90 -31.48
CA PRO D 298 -0.09 -26.03 -30.57
C PRO D 298 0.58 -25.82 -29.19
N LEU D 299 1.17 -26.85 -28.58
CA LEU D 299 1.89 -26.73 -27.30
C LEU D 299 3.16 -25.88 -27.45
N LYS D 300 3.95 -26.09 -28.52
CA LYS D 300 5.16 -25.31 -28.80
C LYS D 300 4.82 -23.85 -29.14
N LEU D 301 3.72 -23.60 -29.84
CA LEU D 301 3.23 -22.25 -30.11
C LEU D 301 2.77 -21.54 -28.84
N ALA D 302 2.14 -22.23 -27.88
CA ALA D 302 1.76 -21.63 -26.62
C ALA D 302 2.97 -21.18 -25.77
N ALA D 303 4.10 -21.88 -25.87
CA ALA D 303 5.38 -21.50 -25.28
C ALA D 303 6.05 -20.32 -25.98
N LYS D 304 6.09 -20.29 -27.32
CA LYS D 304 6.69 -19.20 -28.08
C LYS D 304 5.93 -17.89 -27.93
N GLU D 305 4.60 -17.95 -27.94
CA GLU D 305 3.71 -16.81 -27.73
C GLU D 305 3.51 -16.48 -26.23
N GLY D 306 4.03 -17.29 -25.31
CA GLY D 306 4.02 -17.01 -23.87
C GLY D 306 2.65 -17.10 -23.21
N LYS D 307 1.73 -17.92 -23.74
CA LYS D 307 0.35 -18.00 -23.28
C LYS D 307 0.22 -18.95 -22.08
N ILE D 308 0.57 -18.53 -20.88
CA ILE D 308 0.75 -19.45 -19.74
C ILE D 308 -0.50 -20.29 -19.45
N GLU D 309 -1.70 -19.74 -19.54
CA GLU D 309 -2.91 -20.45 -19.12
C GLU D 309 -3.27 -21.63 -20.03
N ILE D 310 -3.29 -21.42 -21.34
CA ILE D 310 -3.48 -22.52 -22.30
C ILE D 310 -2.26 -23.44 -22.37
N PHE D 311 -1.04 -22.93 -22.17
CA PHE D 311 0.18 -23.74 -22.09
C PHE D 311 0.11 -24.72 -20.91
N ARG D 312 -0.12 -24.22 -19.70
CA ARG D 312 -0.33 -25.01 -18.48
C ARG D 312 -1.43 -26.04 -18.66
N HIS D 313 -2.56 -25.66 -19.25
CA HIS D 313 -3.65 -26.60 -19.47
C HIS D 313 -3.25 -27.74 -20.39
N ILE D 314 -2.69 -27.48 -21.57
CA ILE D 314 -2.27 -28.55 -22.50
C ILE D 314 -1.24 -29.46 -21.82
N LEU D 315 -0.22 -28.86 -21.20
CA LEU D 315 0.92 -29.53 -20.59
C LEU D 315 0.53 -30.51 -19.47
N GLN D 316 -0.47 -30.17 -18.66
CA GLN D 316 -0.92 -30.91 -17.49
C GLN D 316 -2.25 -31.65 -17.69
N ARG D 317 -2.77 -31.73 -18.92
CA ARG D 317 -4.13 -32.21 -19.23
C ARG D 317 -4.36 -33.65 -18.84
N GLU D 318 -5.46 -33.94 -18.15
CA GLU D 318 -5.86 -35.29 -17.73
C GLU D 318 -7.35 -35.52 -18.00
N PHE D 319 -7.71 -36.68 -18.55
CA PHE D 319 -9.08 -37.10 -18.82
C PHE D 319 -9.33 -38.54 -18.35
N SER D 320 -10.60 -38.89 -18.17
CA SER D 320 -11.07 -40.24 -17.80
C SER D 320 -12.06 -40.79 -18.84
N GLY D 321 -12.15 -42.10 -18.96
CA GLY D 321 -13.06 -42.75 -19.90
C GLY D 321 -12.56 -42.68 -21.36
N PRO D 322 -13.42 -42.40 -22.36
CA PRO D 322 -13.08 -42.48 -23.78
C PRO D 322 -11.87 -41.66 -24.21
N TYR D 323 -11.63 -40.54 -23.53
CA TYR D 323 -10.65 -39.53 -23.87
C TYR D 323 -9.31 -39.66 -23.14
N GLN D 324 -9.06 -40.72 -22.38
CA GLN D 324 -7.80 -40.87 -21.64
C GLN D 324 -6.52 -40.71 -22.51
N PRO D 325 -6.41 -41.23 -23.74
CA PRO D 325 -5.25 -41.02 -24.62
C PRO D 325 -4.98 -39.57 -25.03
N LEU D 326 -5.97 -38.68 -24.89
CA LEU D 326 -5.80 -37.24 -25.08
C LEU D 326 -5.14 -36.57 -23.87
N SER D 327 -4.92 -37.28 -22.76
CA SER D 327 -4.17 -36.76 -21.61
C SER D 327 -2.68 -36.60 -21.94
N ARG D 328 -2.05 -35.62 -21.28
CA ARG D 328 -0.60 -35.56 -21.11
C ARG D 328 -0.16 -35.94 -19.70
N LYS D 329 -1.04 -35.89 -18.71
CA LYS D 329 -0.82 -36.29 -17.31
C LYS D 329 -1.65 -37.52 -16.99
N PHE D 330 -1.06 -38.53 -16.39
CA PHE D 330 -1.75 -39.74 -15.91
C PHE D 330 -1.49 -39.92 -14.42
N THR D 331 -2.49 -39.83 -13.56
CA THR D 331 -2.33 -40.15 -12.14
C THR D 331 -2.04 -41.64 -11.96
N GLU D 332 -0.89 -41.99 -11.39
CA GLU D 332 -0.47 -43.36 -11.14
C GLU D 332 -1.11 -43.91 -9.86
N TRP D 333 -0.99 -43.17 -8.76
CA TRP D 333 -1.70 -43.42 -7.50
C TRP D 333 -1.90 -42.13 -6.73
N CYS D 334 -2.87 -42.13 -5.84
CA CYS D 334 -3.17 -41.04 -4.91
C CYS D 334 -3.46 -41.64 -3.53
N TYR D 335 -2.86 -41.05 -2.49
CA TYR D 335 -3.00 -41.52 -1.11
C TYR D 335 -2.83 -40.35 -0.14
N GLY D 336 -3.92 -39.95 0.52
CA GLY D 336 -3.94 -38.79 1.38
C GLY D 336 -3.59 -37.53 0.58
N PRO D 337 -2.73 -36.64 1.09
CA PRO D 337 -2.34 -35.42 0.41
C PRO D 337 -1.38 -35.65 -0.78
N VAL D 338 -1.01 -36.90 -1.06
CA VAL D 338 0.04 -37.24 -2.03
C VAL D 338 -0.57 -37.76 -3.32
N ARG D 339 -0.24 -37.13 -4.45
CA ARG D 339 -0.52 -37.63 -5.80
C ARG D 339 0.77 -37.97 -6.50
N VAL D 340 0.85 -39.14 -7.13
CA VAL D 340 1.95 -39.48 -8.04
C VAL D 340 1.41 -39.52 -9.46
N SER D 341 2.01 -38.77 -10.38
CA SER D 341 1.55 -38.61 -11.76
C SER D 341 2.68 -38.84 -12.75
N LEU D 342 2.40 -39.53 -13.84
CA LEU D 342 3.25 -39.59 -15.02
C LEU D 342 2.90 -38.45 -15.96
N TYR D 343 3.85 -37.61 -16.35
CA TYR D 343 3.68 -36.56 -17.34
C TYR D 343 4.40 -36.93 -18.64
N ASP D 344 3.73 -36.76 -19.78
CA ASP D 344 4.23 -37.04 -21.12
C ASP D 344 5.20 -35.95 -21.63
N LEU D 345 6.46 -36.31 -21.89
CA LEU D 345 7.53 -35.37 -22.27
C LEU D 345 7.76 -35.22 -23.78
N SER D 346 6.87 -35.70 -24.65
CA SER D 346 7.11 -35.82 -26.10
C SER D 346 7.73 -34.60 -26.80
N SER D 347 7.07 -33.43 -26.76
CA SER D 347 7.58 -32.15 -27.27
C SER D 347 8.45 -31.38 -26.29
N VAL D 348 8.66 -31.89 -25.06
CA VAL D 348 9.09 -31.11 -23.90
C VAL D 348 10.57 -31.27 -23.57
N ASP D 349 11.07 -32.51 -23.56
CA ASP D 349 12.45 -32.79 -23.19
C ASP D 349 13.42 -32.24 -24.25
N SER D 350 14.48 -31.60 -23.78
CA SER D 350 15.52 -30.93 -24.56
C SER D 350 16.40 -31.87 -25.38
N TRP D 351 16.20 -33.18 -25.26
CA TRP D 351 16.72 -34.20 -26.18
C TRP D 351 16.24 -33.98 -27.62
N GLU D 352 15.01 -33.51 -27.81
CA GLU D 352 14.49 -33.08 -29.10
C GLU D 352 14.94 -31.65 -29.48
N LYS D 353 15.38 -31.45 -30.73
CA LYS D 353 15.67 -30.12 -31.29
C LYS D 353 14.38 -29.31 -31.46
N ASN D 354 14.40 -28.01 -31.16
CA ASN D 354 13.20 -27.16 -31.18
C ASN D 354 12.10 -27.67 -30.23
N SER D 355 12.46 -28.10 -29.02
CA SER D 355 11.55 -28.52 -27.95
C SER D 355 11.04 -27.34 -27.12
N VAL D 356 10.02 -27.56 -26.31
CA VAL D 356 9.37 -26.55 -25.46
C VAL D 356 10.33 -25.86 -24.50
N LEU D 357 11.31 -26.58 -23.95
CA LEU D 357 12.31 -25.98 -23.07
C LEU D 357 13.24 -25.04 -23.83
N GLU D 358 13.71 -25.42 -25.02
CA GLU D 358 14.50 -24.55 -25.90
C GLU D 358 13.72 -23.30 -26.31
N ILE D 359 12.44 -23.44 -26.63
CA ILE D 359 11.52 -22.37 -26.99
C ILE D 359 11.33 -21.36 -25.87
N ILE D 360 11.02 -21.77 -24.64
CA ILE D 360 10.84 -20.84 -23.51
C ILE D 360 12.13 -20.08 -23.23
N ALA D 361 13.26 -20.78 -23.24
CA ALA D 361 14.55 -20.18 -22.98
C ALA D 361 14.93 -19.18 -24.09
N PHE D 362 14.86 -19.59 -25.36
CA PHE D 362 15.56 -18.90 -26.45
C PHE D 362 14.68 -18.33 -27.57
N HIS D 363 13.43 -18.78 -27.76
CA HIS D 363 12.57 -18.32 -28.85
C HIS D 363 11.37 -17.47 -28.40
N CYS D 364 10.98 -17.57 -27.14
CA CYS D 364 9.90 -16.79 -26.55
C CYS D 364 10.35 -15.36 -26.25
N LYS D 365 9.59 -14.32 -26.66
CA LYS D 365 9.88 -12.90 -26.37
C LYS D 365 9.30 -12.36 -25.07
N SER D 366 8.35 -13.07 -24.47
CA SER D 366 7.39 -12.49 -23.52
C SER D 366 7.92 -12.29 -22.09
N PRO D 367 7.32 -11.39 -21.28
CA PRO D 367 7.56 -11.30 -19.84
C PRO D 367 7.28 -12.60 -19.08
N ASN D 368 6.43 -13.48 -19.64
CA ASN D 368 5.88 -14.67 -18.99
C ASN D 368 6.86 -15.85 -18.86
N ARG D 369 8.05 -15.83 -19.48
CA ARG D 369 8.97 -16.98 -19.53
C ARG D 369 9.33 -17.53 -18.17
N HIS D 370 9.56 -16.66 -17.20
CA HIS D 370 9.92 -17.09 -15.85
C HIS D 370 8.77 -17.79 -15.11
N ARG D 371 7.51 -17.50 -15.45
CA ARG D 371 6.33 -18.20 -14.93
C ARG D 371 6.11 -19.57 -15.58
N MET D 372 6.58 -19.76 -16.82
CA MET D 372 6.47 -21.03 -17.54
C MET D 372 7.46 -22.10 -17.08
N VAL D 373 8.69 -21.75 -16.71
CA VAL D 373 9.66 -22.77 -16.26
C VAL D 373 9.37 -23.33 -14.86
N VAL D 374 8.53 -22.67 -14.07
CA VAL D 374 8.15 -23.11 -12.72
C VAL D 374 6.85 -23.95 -12.70
N LEU D 375 6.26 -24.29 -13.84
CA LEU D 375 5.15 -25.27 -13.93
C LEU D 375 5.63 -26.72 -13.86
N GLU D 376 4.84 -27.67 -13.36
CA GLU D 376 5.13 -29.09 -13.56
C GLU D 376 4.69 -29.57 -14.95
N PRO D 377 5.41 -30.51 -15.60
CA PRO D 377 6.61 -31.20 -15.13
C PRO D 377 7.92 -30.39 -15.27
N LEU D 378 7.91 -29.22 -15.91
CA LEU D 378 9.11 -28.44 -16.27
C LEU D 378 9.99 -28.10 -15.08
N ASN D 379 9.42 -27.72 -13.95
CA ASN D 379 10.11 -27.43 -12.70
C ASN D 379 10.93 -28.62 -12.19
N LYS D 380 10.31 -29.80 -11.96
CA LYS D 380 11.06 -31.00 -11.56
C LYS D 380 12.00 -31.50 -12.66
N LEU D 381 11.62 -31.40 -13.93
CA LEU D 381 12.47 -31.79 -15.06
C LEU D 381 13.75 -30.93 -15.20
N LEU D 382 13.67 -29.62 -14.96
CA LEU D 382 14.81 -28.73 -14.95
C LEU D 382 15.63 -28.86 -13.67
N GLN D 383 15.02 -29.20 -12.52
CA GLN D 383 15.76 -29.55 -11.31
C GLN D 383 16.56 -30.84 -11.49
N GLU D 384 15.97 -31.87 -12.07
CA GLU D 384 16.64 -33.13 -12.41
C GLU D 384 17.82 -32.92 -13.36
N LYS D 385 17.67 -32.10 -14.40
CA LYS D 385 18.78 -31.73 -15.29
C LYS D 385 19.84 -30.91 -14.57
N TRP D 386 19.46 -29.93 -13.75
CA TRP D 386 20.37 -29.11 -12.97
C TRP D 386 21.22 -29.95 -12.01
N ASP D 387 20.62 -30.88 -11.28
CA ASP D 387 21.32 -31.80 -10.38
C ASP D 387 22.35 -32.68 -11.11
N ARG D 388 22.07 -33.10 -12.35
CA ARG D 388 23.03 -33.81 -13.20
C ARG D 388 24.16 -32.94 -13.75
N LEU D 389 24.03 -31.61 -13.71
CA LEU D 389 24.95 -30.66 -14.34
C LEU D 389 25.59 -29.64 -13.38
N VAL D 390 25.18 -29.56 -12.12
CA VAL D 390 25.70 -28.60 -11.13
C VAL D 390 27.21 -28.75 -10.91
N SER D 391 27.76 -29.96 -11.00
CA SER D 391 29.21 -30.22 -10.97
C SER D 391 29.93 -29.74 -12.23
N ARG D 392 29.27 -29.71 -13.39
CA ARG D 392 29.79 -29.12 -14.63
C ARG D 392 29.74 -27.59 -14.57
N PHE D 393 28.69 -27.03 -13.98
CA PHE D 393 28.56 -25.59 -13.73
C PHE D 393 29.68 -25.08 -12.84
N PHE D 394 29.98 -25.75 -11.72
CA PHE D 394 31.04 -25.33 -10.82
C PHE D 394 32.46 -25.69 -11.30
N PHE D 395 32.63 -26.73 -12.12
CA PHE D 395 33.87 -26.94 -12.86
C PHE D 395 34.14 -25.78 -13.84
N ASN D 396 33.14 -25.37 -14.62
CA ASN D 396 33.24 -24.24 -15.53
C ASN D 396 33.58 -22.91 -14.81
N PHE D 397 33.02 -22.69 -13.63
CA PHE D 397 33.36 -21.61 -12.71
C PHE D 397 34.80 -21.67 -12.19
N ALA D 398 35.27 -22.84 -11.77
CA ALA D 398 36.65 -23.03 -11.28
C ALA D 398 37.70 -22.83 -12.38
N CYS D 399 37.46 -23.28 -13.62
CA CYS D 399 38.31 -22.94 -14.76
C CYS D 399 38.38 -21.43 -14.99
N TYR D 400 37.24 -20.75 -14.89
CA TYR D 400 37.18 -19.31 -15.08
C TYR D 400 37.82 -18.54 -13.92
N LEU D 401 37.73 -19.02 -12.67
CA LEU D 401 38.52 -18.50 -11.55
C LEU D 401 40.02 -18.64 -11.79
N VAL D 402 40.50 -19.80 -12.23
CA VAL D 402 41.92 -20.05 -12.53
C VAL D 402 42.40 -19.18 -13.69
N TYR D 403 41.61 -19.03 -14.74
CA TYR D 403 41.88 -18.09 -15.83
C TYR D 403 41.94 -16.64 -15.31
N MET D 404 40.99 -16.21 -14.47
CA MET D 404 41.02 -14.87 -13.88
C MET D 404 42.11 -14.64 -12.82
N PHE D 405 42.56 -15.68 -12.11
CA PHE D 405 43.74 -15.62 -11.26
C PHE D 405 45.00 -15.38 -12.09
N ILE D 406 45.25 -16.19 -13.13
CA ILE D 406 46.36 -16.04 -14.08
C ILE D 406 46.28 -14.67 -14.76
N PHE D 407 45.10 -14.23 -15.22
CA PHE D 407 44.91 -12.90 -15.80
C PHE D 407 45.37 -11.80 -14.83
N THR D 408 45.01 -11.92 -13.56
CA THR D 408 45.33 -10.92 -12.54
C THR D 408 46.82 -10.89 -12.17
N VAL D 409 47.44 -12.05 -11.98
CA VAL D 409 48.86 -12.28 -11.68
C VAL D 409 49.77 -11.89 -12.84
N VAL D 410 49.25 -11.78 -14.06
CA VAL D 410 49.95 -11.31 -15.28
C VAL D 410 49.67 -9.83 -15.59
N ALA D 411 48.51 -9.29 -15.22
CA ALA D 411 48.22 -7.86 -15.36
C ALA D 411 48.87 -7.03 -14.23
N TYR D 412 48.78 -7.50 -12.99
CA TYR D 412 49.79 -7.21 -11.98
C TYR D 412 51.11 -7.91 -12.42
N HIS D 413 52.28 -7.48 -11.97
CA HIS D 413 53.57 -7.97 -12.47
C HIS D 413 53.86 -7.75 -13.98
N GLN D 414 53.16 -6.84 -14.67
CA GLN D 414 53.63 -6.34 -15.97
C GLN D 414 54.97 -5.60 -15.82
N PRO D 415 55.87 -5.69 -16.80
CA PRO D 415 57.12 -4.94 -16.83
C PRO D 415 56.88 -3.45 -17.15
N SER D 416 57.89 -2.62 -16.92
CA SER D 416 57.89 -1.21 -17.33
C SER D 416 57.75 -1.05 -18.85
N LEU D 417 57.09 0.01 -19.30
CA LEU D 417 56.58 0.15 -20.68
C LEU D 417 56.75 1.60 -21.16
N PHE D 429 63.65 -16.93 -14.06
CA PHE D 429 62.46 -17.78 -14.01
C PHE D 429 61.17 -16.93 -14.08
N GLY D 430 61.15 -15.77 -13.43
CA GLY D 430 59.97 -14.90 -13.43
C GLY D 430 59.57 -14.41 -14.82
N GLU D 431 60.52 -14.17 -15.71
CA GLU D 431 60.27 -13.73 -17.09
C GLU D 431 59.69 -14.83 -17.98
N SER D 432 60.14 -16.08 -17.86
CA SER D 432 59.55 -17.20 -18.62
C SER D 432 58.19 -17.62 -18.07
N MET D 433 57.96 -17.54 -16.75
CA MET D 433 56.63 -17.70 -16.17
C MET D 433 55.67 -16.57 -16.55
N LEU D 434 56.14 -15.34 -16.71
CA LEU D 434 55.33 -14.25 -17.28
C LEU D 434 54.96 -14.54 -18.74
N LEU D 435 55.89 -15.00 -19.57
CA LEU D 435 55.59 -15.39 -20.95
C LEU D 435 54.57 -16.53 -21.02
N LEU D 436 54.72 -17.58 -20.19
CA LEU D 436 53.73 -18.65 -20.05
C LEU D 436 52.36 -18.08 -19.69
N GLY D 437 52.28 -17.17 -18.72
CA GLY D 437 51.05 -16.50 -18.34
C GLY D 437 50.38 -15.78 -19.50
N HIS D 438 51.14 -15.06 -20.33
CA HIS D 438 50.60 -14.43 -21.54
C HIS D 438 50.06 -15.43 -22.56
N ILE D 439 50.73 -16.57 -22.77
CA ILE D 439 50.24 -17.62 -23.67
C ILE D 439 48.98 -18.29 -23.10
N LEU D 440 48.92 -18.60 -21.81
CA LEU D 440 47.69 -19.11 -21.19
C LEU D 440 46.53 -18.12 -21.29
N ILE D 441 46.76 -16.81 -21.16
CA ILE D 441 45.73 -15.78 -21.38
C ILE D 441 45.32 -15.70 -22.84
N LEU D 442 46.24 -15.80 -23.80
CA LEU D 442 45.90 -15.86 -25.22
C LEU D 442 45.02 -17.08 -25.53
N LEU D 443 45.39 -18.26 -25.06
CA LEU D 443 44.64 -19.49 -25.28
C LEU D 443 43.27 -19.48 -24.57
N GLY D 444 43.19 -19.01 -23.32
CA GLY D 444 41.92 -18.80 -22.65
C GLY D 444 41.03 -17.75 -23.33
N GLY D 445 41.63 -16.70 -23.90
CA GLY D 445 40.91 -15.68 -24.66
C GLY D 445 40.41 -16.18 -26.01
N ILE D 446 41.19 -16.96 -26.75
CA ILE D 446 40.74 -17.62 -27.98
C ILE D 446 39.68 -18.68 -27.66
N TYR D 447 39.85 -19.49 -26.63
CA TYR D 447 38.84 -20.48 -26.22
C TYR D 447 37.49 -19.83 -25.93
N LEU D 448 37.47 -18.78 -25.10
CA LEU D 448 36.24 -18.03 -24.81
C LEU D 448 35.71 -17.29 -26.04
N LEU D 449 36.56 -16.74 -26.91
CA LEU D 449 36.11 -16.11 -28.15
C LEU D 449 35.41 -17.13 -29.04
N LEU D 450 35.96 -18.33 -29.25
CA LEU D 450 35.32 -19.39 -30.02
C LEU D 450 34.03 -19.93 -29.37
N GLY D 451 34.03 -20.14 -28.06
CA GLY D 451 32.84 -20.56 -27.33
C GLY D 451 31.66 -19.58 -27.42
N GLN D 452 31.91 -18.27 -27.37
CA GLN D 452 30.85 -17.27 -27.53
C GLN D 452 30.43 -17.03 -28.99
N LEU D 453 31.35 -17.13 -29.96
CA LEU D 453 30.96 -17.10 -31.37
C LEU D 453 30.11 -18.33 -31.74
N TRP D 454 30.38 -19.50 -31.16
CA TRP D 454 29.51 -20.67 -31.30
C TRP D 454 28.12 -20.45 -30.68
N TYR D 455 28.03 -19.82 -29.50
CA TYR D 455 26.74 -19.45 -28.91
C TYR D 455 25.91 -18.56 -29.85
N PHE D 456 26.46 -17.45 -30.34
CA PHE D 456 25.73 -16.56 -31.24
C PHE D 456 25.50 -17.16 -32.63
N TRP D 457 26.32 -18.10 -33.09
CA TRP D 457 26.02 -18.87 -34.30
C TRP D 457 24.82 -19.80 -34.11
N ARG D 458 24.76 -20.50 -32.97
CA ARG D 458 23.61 -21.42 -32.68
C ARG D 458 22.32 -20.63 -32.48
N ARG D 459 22.40 -19.47 -31.84
CA ARG D 459 21.27 -18.59 -31.52
C ARG D 459 20.90 -17.56 -32.59
N ARG D 460 21.59 -17.64 -33.75
CA ARG D 460 21.45 -16.69 -34.91
C ARG D 460 20.01 -16.26 -35.24
N LEU D 461 19.08 -17.19 -35.33
CA LEU D 461 17.70 -16.89 -35.77
C LEU D 461 16.89 -16.05 -34.76
N PHE D 462 17.28 -16.07 -33.49
CA PHE D 462 16.57 -15.44 -32.37
C PHE D 462 17.59 -14.69 -31.49
N ILE D 463 18.53 -14.01 -32.14
CA ILE D 463 19.77 -13.57 -31.49
C ILE D 463 19.51 -12.54 -30.38
N TRP D 464 18.60 -11.58 -30.61
CA TRP D 464 18.20 -10.59 -29.60
C TRP D 464 17.48 -11.24 -28.41
N ILE D 465 16.61 -12.22 -28.66
CA ILE D 465 15.94 -13.02 -27.61
C ILE D 465 16.97 -13.79 -26.78
N SER D 466 18.04 -14.23 -27.42
CA SER D 466 19.13 -14.97 -26.78
C SER D 466 20.16 -14.09 -26.06
N PHE D 467 19.95 -12.76 -25.95
CA PHE D 467 20.75 -11.89 -25.10
C PHE D 467 19.96 -10.83 -24.30
N MET D 468 18.66 -10.61 -24.55
CA MET D 468 17.86 -9.55 -23.90
C MET D 468 17.91 -9.58 -22.37
N ASP D 469 17.76 -10.76 -21.76
CA ASP D 469 17.98 -11.00 -20.34
C ASP D 469 19.42 -11.50 -20.05
N SER D 470 19.99 -12.23 -21.00
CA SER D 470 21.26 -12.94 -20.93
C SER D 470 22.43 -12.06 -21.39
N TYR D 471 22.56 -10.88 -20.80
CA TYR D 471 23.57 -9.89 -21.15
C TYR D 471 25.01 -10.37 -20.95
N PHE D 472 25.27 -11.32 -20.06
CA PHE D 472 26.60 -11.91 -19.90
C PHE D 472 27.10 -12.60 -21.16
N GLU D 473 26.25 -13.09 -22.06
CA GLU D 473 26.75 -13.74 -23.29
C GLU D 473 27.45 -12.75 -24.23
N ILE D 474 27.10 -11.46 -24.16
CA ILE D 474 27.80 -10.35 -24.82
C ILE D 474 29.07 -9.98 -24.06
N LEU D 475 29.01 -9.87 -22.72
CA LEU D 475 30.16 -9.47 -21.89
C LEU D 475 31.29 -10.49 -21.89
N PHE D 476 31.00 -11.79 -22.00
CA PHE D 476 32.02 -12.81 -22.23
C PHE D 476 32.63 -12.71 -23.65
N LEU D 477 31.87 -12.30 -24.66
CA LEU D 477 32.38 -12.14 -26.02
C LEU D 477 33.28 -10.91 -26.09
N LEU D 478 32.85 -9.82 -25.46
CA LEU D 478 33.61 -8.60 -25.33
C LEU D 478 34.92 -8.81 -24.54
N GLN D 479 34.88 -9.49 -23.40
CA GLN D 479 36.11 -9.80 -22.64
C GLN D 479 37.07 -10.66 -23.46
N ALA D 480 36.57 -11.63 -24.21
CA ALA D 480 37.39 -12.48 -25.06
C ALA D 480 37.98 -11.71 -26.26
N LEU D 481 37.20 -10.87 -26.94
CA LEU D 481 37.70 -9.99 -28.00
C LEU D 481 38.82 -9.08 -27.50
N LEU D 482 38.60 -8.39 -26.37
CA LEU D 482 39.59 -7.50 -25.77
C LEU D 482 40.82 -8.24 -25.24
N THR D 483 40.69 -9.50 -24.82
CA THR D 483 41.82 -10.35 -24.47
C THR D 483 42.65 -10.70 -25.71
N VAL D 484 42.02 -11.09 -26.82
CA VAL D 484 42.75 -11.37 -28.07
C VAL D 484 43.36 -10.09 -28.64
N LEU D 485 42.62 -8.97 -28.71
CA LEU D 485 43.14 -7.69 -29.15
C LEU D 485 44.32 -7.21 -28.31
N SER D 486 44.26 -7.30 -26.97
CA SER D 486 45.38 -6.86 -26.13
C SER D 486 46.62 -7.73 -26.33
N GLN D 487 46.53 -9.05 -26.49
CA GLN D 487 47.71 -9.84 -26.84
C GLN D 487 48.22 -9.53 -28.26
N VAL D 488 47.34 -9.26 -29.23
CA VAL D 488 47.73 -8.80 -30.58
C VAL D 488 48.48 -7.46 -30.52
N LEU D 489 47.97 -6.46 -29.80
CA LEU D 489 48.66 -5.19 -29.62
C LEU D 489 49.99 -5.36 -28.86
N ARG D 490 50.09 -6.32 -27.93
CA ARG D 490 51.35 -6.64 -27.25
C ARG D 490 52.37 -7.30 -28.17
N PHE D 491 51.96 -8.18 -29.09
CA PHE D 491 52.83 -8.71 -30.14
C PHE D 491 53.25 -7.61 -31.15
N MET D 492 52.39 -6.64 -31.43
CA MET D 492 52.74 -5.40 -32.17
C MET D 492 53.62 -4.43 -31.35
N GLU D 493 53.81 -4.68 -30.06
CA GLU D 493 54.53 -3.83 -29.11
C GLU D 493 53.99 -2.40 -28.93
N THR D 494 52.77 -2.09 -29.38
CA THR D 494 52.14 -0.78 -29.15
C THR D 494 51.61 -0.67 -27.72
N GLU D 495 51.92 0.42 -27.02
CA GLU D 495 51.67 0.56 -25.58
C GLU D 495 50.17 0.63 -25.22
N TRP D 496 49.31 0.88 -26.20
CA TRP D 496 47.85 0.75 -26.07
C TRP D 496 47.37 -0.68 -25.80
N TYR D 497 48.25 -1.70 -25.82
CA TYR D 497 47.88 -3.02 -25.31
C TYR D 497 47.50 -2.98 -23.82
N LEU D 498 48.13 -2.15 -22.99
CA LEU D 498 47.90 -2.18 -21.55
C LEU D 498 46.49 -1.70 -21.13
N PRO D 499 45.95 -0.58 -21.62
CA PRO D 499 44.57 -0.21 -21.31
C PRO D 499 43.51 -1.19 -21.85
N LEU D 500 43.79 -1.97 -22.90
CA LEU D 500 42.91 -3.08 -23.30
C LEU D 500 43.04 -4.30 -22.38
N LEU D 501 44.25 -4.64 -21.94
CA LEU D 501 44.46 -5.73 -21.00
C LEU D 501 43.78 -5.42 -19.67
N VAL D 502 43.89 -4.19 -19.20
CA VAL D 502 43.26 -3.73 -17.96
C VAL D 502 41.73 -3.64 -18.09
N LEU D 503 41.18 -3.21 -19.22
CA LEU D 503 39.73 -3.26 -19.44
C LEU D 503 39.20 -4.71 -19.43
N SER D 504 39.88 -5.62 -20.11
CA SER D 504 39.50 -7.04 -20.13
C SER D 504 39.76 -7.75 -18.79
N LEU D 505 40.64 -7.25 -17.92
CA LEU D 505 40.76 -7.67 -16.53
C LEU D 505 39.55 -7.23 -15.69
N VAL D 506 39.08 -5.99 -15.83
CA VAL D 506 37.87 -5.50 -15.15
C VAL D 506 36.66 -6.31 -15.59
N LEU D 507 36.37 -6.36 -16.90
CA LEU D 507 35.29 -7.19 -17.44
C LEU D 507 35.44 -8.64 -16.99
N GLY D 508 36.65 -9.17 -16.95
CA GLY D 508 36.92 -10.51 -16.48
C GLY D 508 36.39 -10.79 -15.09
N TRP D 509 36.59 -9.90 -14.12
CA TRP D 509 36.06 -10.05 -12.77
C TRP D 509 34.58 -9.70 -12.68
N LEU D 510 34.07 -8.71 -13.42
CA LEU D 510 32.64 -8.44 -13.48
C LEU D 510 31.85 -9.65 -14.03
N ASN D 511 32.38 -10.31 -15.05
CA ASN D 511 31.84 -11.55 -15.60
C ASN D 511 31.81 -12.69 -14.59
N LEU D 512 32.61 -12.66 -13.53
CA LEU D 512 32.59 -13.65 -12.46
C LEU D 512 31.25 -13.63 -11.70
N LEU D 513 30.51 -12.53 -11.75
CA LEU D 513 29.17 -12.43 -11.19
C LEU D 513 28.15 -13.25 -11.96
N TYR D 514 28.42 -13.75 -13.17
CA TYR D 514 27.52 -14.68 -13.85
C TYR D 514 27.20 -15.88 -12.95
N TYR D 515 28.22 -16.47 -12.35
CA TYR D 515 28.13 -17.73 -11.61
C TYR D 515 27.41 -17.61 -10.26
N THR D 516 27.02 -16.41 -9.84
CA THR D 516 26.20 -16.22 -8.62
C THR D 516 24.85 -16.93 -8.71
N ARG D 517 24.35 -17.24 -9.92
CA ARG D 517 23.12 -18.02 -10.17
C ARG D 517 23.19 -19.49 -9.79
N GLY D 518 24.37 -20.03 -9.46
CA GLY D 518 24.51 -21.44 -9.10
C GLY D 518 23.90 -21.81 -7.75
N PHE D 519 23.76 -20.85 -6.84
CA PHE D 519 23.15 -21.04 -5.52
C PHE D 519 21.90 -20.18 -5.40
N GLN D 520 20.89 -20.68 -4.69
CA GLN D 520 19.63 -19.96 -4.50
C GLN D 520 19.83 -18.59 -3.85
N HIS D 521 20.63 -18.50 -2.79
CA HIS D 521 20.73 -17.25 -2.03
C HIS D 521 21.42 -16.14 -2.79
N THR D 522 22.60 -16.35 -3.35
CA THR D 522 23.26 -15.36 -4.23
C THR D 522 22.51 -15.17 -5.56
N GLY D 523 21.92 -16.24 -6.11
CA GLY D 523 21.29 -16.26 -7.43
C GLY D 523 19.93 -15.58 -7.49
N ILE D 524 19.15 -15.64 -6.40
CA ILE D 524 17.95 -14.82 -6.22
C ILE D 524 18.31 -13.36 -5.94
N TYR D 525 19.38 -13.07 -5.19
CA TYR D 525 19.75 -11.68 -4.94
C TYR D 525 20.25 -10.96 -6.19
N SER D 526 21.04 -11.62 -7.03
CA SER D 526 21.39 -11.11 -8.36
C SER D 526 20.18 -10.78 -9.24
N VAL D 527 19.01 -11.34 -8.94
CA VAL D 527 17.72 -11.05 -9.58
C VAL D 527 16.90 -9.98 -8.84
N MET D 528 16.99 -9.89 -7.51
CA MET D 528 16.38 -8.81 -6.72
C MET D 528 16.94 -7.43 -7.08
N ILE D 529 18.27 -7.37 -7.20
CA ILE D 529 19.02 -6.14 -7.35
C ILE D 529 18.89 -5.53 -8.75
N GLN D 530 19.17 -6.27 -9.84
CA GLN D 530 19.09 -5.73 -11.20
C GLN D 530 17.63 -5.58 -11.67
N LYS D 531 17.21 -4.37 -12.08
CA LYS D 531 15.80 -4.06 -12.41
C LYS D 531 15.61 -2.82 -13.30
N VAL D 532 14.36 -2.34 -13.35
CA VAL D 532 13.83 -1.13 -14.06
C VAL D 532 14.65 0.15 -13.86
N ILE D 533 15.48 0.21 -12.83
CA ILE D 533 16.47 1.28 -12.62
C ILE D 533 17.39 1.45 -13.84
N LEU D 534 17.76 0.40 -14.56
CA LEU D 534 18.59 0.51 -15.77
C LEU D 534 17.90 1.23 -16.93
N ARG D 535 16.54 1.19 -16.94
CA ARG D 535 15.71 1.85 -17.99
C ARG D 535 15.59 3.35 -17.72
N ASP D 536 15.33 3.71 -16.46
CA ASP D 536 15.09 5.11 -16.08
C ASP D 536 16.35 5.92 -15.82
N LEU D 537 17.44 5.33 -15.34
CA LEU D 537 18.70 6.06 -15.25
C LEU D 537 19.22 6.51 -16.61
N LEU D 538 19.02 5.73 -17.68
CA LEU D 538 19.34 6.13 -19.05
C LEU D 538 18.45 7.28 -19.55
N ARG D 539 17.32 7.53 -18.87
CA ARG D 539 16.42 8.68 -19.21
C ARG D 539 16.89 9.90 -18.39
N PHE D 540 17.14 9.72 -17.09
CA PHE D 540 17.69 10.75 -16.20
C PHE D 540 19.04 11.27 -16.68
N LEU D 541 19.88 10.41 -17.25
CA LEU D 541 21.20 10.78 -17.76
C LEU D 541 21.12 11.84 -18.86
N LEU D 542 20.08 11.86 -19.69
CA LEU D 542 19.89 12.94 -20.66
C LEU D 542 19.63 14.29 -19.98
N VAL D 543 18.80 14.31 -18.94
CA VAL D 543 18.52 15.54 -18.15
C VAL D 543 19.76 15.99 -17.38
N TYR D 544 20.46 15.06 -16.72
CA TYR D 544 21.68 15.33 -15.99
C TYR D 544 22.82 15.83 -16.88
N LEU D 545 23.00 15.29 -18.09
CA LEU D 545 24.05 15.74 -19.02
C LEU D 545 23.72 17.06 -19.73
N VAL D 546 22.45 17.42 -19.95
CA VAL D 546 22.12 18.78 -20.42
C VAL D 546 22.37 19.82 -19.33
N PHE D 547 22.06 19.51 -18.06
CA PHE D 547 22.48 20.36 -16.94
C PHE D 547 24.00 20.45 -16.88
N LEU D 548 24.71 19.33 -16.79
CA LEU D 548 26.15 19.29 -16.60
C LEU D 548 26.90 20.01 -17.71
N PHE D 549 26.62 19.73 -18.99
CA PHE D 549 27.28 20.45 -20.09
C PHE D 549 26.84 21.92 -20.16
N GLY D 550 25.56 22.22 -19.96
CA GLY D 550 25.05 23.60 -20.02
C GLY D 550 25.69 24.53 -18.99
N PHE D 551 25.91 24.04 -17.76
CA PHE D 551 26.64 24.76 -16.73
C PHE D 551 28.16 24.71 -16.91
N ALA D 552 28.76 23.64 -17.46
CA ALA D 552 30.19 23.57 -17.70
C ALA D 552 30.69 24.59 -18.73
N VAL D 553 30.04 24.71 -19.90
CA VAL D 553 30.43 25.74 -20.88
C VAL D 553 30.28 27.16 -20.33
N ALA D 554 29.39 27.37 -19.36
CA ALA D 554 29.12 28.64 -18.74
C ALA D 554 30.15 29.03 -17.69
N LEU D 555 30.46 28.14 -16.76
CA LEU D 555 31.50 28.37 -15.75
C LEU D 555 32.88 28.55 -16.40
N VAL D 556 33.19 27.81 -17.46
CA VAL D 556 34.43 28.01 -18.24
C VAL D 556 34.48 29.38 -18.90
N SER D 557 33.38 29.83 -19.51
CA SER D 557 33.30 31.13 -20.17
C SER D 557 33.45 32.30 -19.20
N LEU D 558 32.91 32.18 -18.00
CA LEU D 558 32.90 33.25 -17.00
C LEU D 558 34.13 33.27 -16.09
N SER D 559 34.74 32.10 -15.82
CA SER D 559 35.98 31.99 -15.03
C SER D 559 37.24 32.38 -15.80
N ARG D 560 37.11 32.80 -17.06
CA ARG D 560 38.22 33.22 -17.93
C ARG D 560 38.82 34.57 -17.54
N GLU D 561 38.08 35.44 -16.85
CA GLU D 561 38.51 36.81 -16.52
C GLU D 561 38.98 36.94 -15.06
N ALA D 562 40.20 37.43 -14.85
CA ALA D 562 40.77 37.75 -13.54
C ALA D 562 40.42 39.17 -13.07
N ARG D 563 40.38 39.39 -11.75
CA ARG D 563 39.94 40.65 -11.14
C ARG D 563 40.90 41.83 -11.38
N PRO D 589 40.33 25.57 -10.76
CA PRO D 589 39.10 25.09 -11.35
C PRO D 589 38.69 25.80 -12.65
N TYR D 590 37.76 25.17 -13.39
CA TYR D 590 37.05 25.74 -14.54
C TYR D 590 37.94 26.19 -15.71
N ARG D 591 39.11 25.56 -15.90
CA ARG D 591 40.04 25.88 -16.98
C ARG D 591 39.64 25.38 -18.37
N SER D 592 38.83 24.32 -18.44
CA SER D 592 38.43 23.66 -19.69
C SER D 592 37.07 22.97 -19.53
N ILE D 593 36.42 22.58 -20.63
CA ILE D 593 35.12 21.89 -20.58
C ILE D 593 35.22 20.58 -19.80
N LEU D 594 36.32 19.84 -19.94
CA LEU D 594 36.58 18.61 -19.19
C LEU D 594 36.73 18.90 -17.70
N ASP D 595 37.58 19.85 -17.33
CA ASP D 595 37.81 20.20 -15.92
C ASP D 595 36.55 20.73 -15.24
N ALA D 596 35.78 21.60 -15.89
CA ALA D 596 34.50 22.08 -15.36
C ALA D 596 33.44 20.97 -15.28
N SER D 597 33.36 20.08 -16.27
CA SER D 597 32.48 18.91 -16.19
C SER D 597 32.87 18.00 -15.02
N LEU D 598 34.17 17.85 -14.73
CA LEU D 598 34.64 17.03 -13.63
C LEU D 598 34.42 17.69 -12.26
N GLU D 599 34.68 18.99 -12.12
CA GLU D 599 34.38 19.74 -10.88
C GLU D 599 32.88 19.79 -10.60
N LEU D 600 32.04 20.01 -11.61
CA LEU D 600 30.59 19.90 -11.48
C LEU D 600 30.12 18.46 -11.25
N PHE D 601 30.81 17.45 -11.78
CA PHE D 601 30.43 16.07 -11.48
C PHE D 601 30.77 15.72 -10.03
N LYS D 602 31.89 16.22 -9.48
CA LYS D 602 32.27 15.95 -8.10
C LYS D 602 31.20 16.34 -7.07
N PHE D 603 30.31 17.28 -7.35
CA PHE D 603 29.17 17.60 -6.46
C PHE D 603 28.19 16.43 -6.23
N THR D 604 28.11 15.47 -7.14
CA THR D 604 27.22 14.31 -6.99
C THR D 604 27.86 13.19 -6.17
N ILE D 605 29.20 13.11 -6.10
CA ILE D 605 29.90 12.19 -5.20
C ILE D 605 30.17 12.78 -3.80
N GLY D 606 29.68 13.99 -3.52
CA GLY D 606 29.86 14.69 -2.25
C GLY D 606 31.17 15.47 -2.08
N MET D 607 31.94 15.70 -3.15
CA MET D 607 33.26 16.36 -3.13
C MET D 607 33.25 17.75 -3.79
N GLY D 608 32.20 18.54 -3.57
CA GLY D 608 31.85 19.70 -4.38
C GLY D 608 32.87 20.85 -4.52
N GLU D 609 33.66 21.17 -3.49
CA GLU D 609 34.62 22.30 -3.53
C GLU D 609 33.94 23.66 -3.86
N LEU D 610 32.77 23.91 -3.26
CA LEU D 610 31.96 25.12 -3.39
C LEU D 610 32.56 26.32 -2.64
N ALA D 611 32.99 27.37 -3.34
CA ALA D 611 33.72 28.49 -2.73
C ALA D 611 33.54 29.83 -3.48
N PHE D 612 33.73 30.94 -2.76
CA PHE D 612 33.80 32.29 -3.31
C PHE D 612 35.22 32.59 -3.81
N GLN D 613 35.52 32.24 -5.07
CA GLN D 613 36.87 32.30 -5.65
C GLN D 613 37.44 33.72 -5.65
N GLU D 614 38.55 33.99 -4.95
CA GLU D 614 38.98 35.37 -4.72
C GLU D 614 39.52 36.09 -5.98
N GLN D 615 40.16 35.37 -6.90
CA GLN D 615 40.89 35.94 -8.04
C GLN D 615 40.05 36.23 -9.28
N LEU D 616 38.87 35.60 -9.42
CA LEU D 616 37.99 35.76 -10.58
C LEU D 616 37.28 37.12 -10.56
N ARG D 617 37.10 37.76 -11.72
CA ARG D 617 36.43 39.10 -11.78
C ARG D 617 34.96 38.97 -11.44
N PHE D 618 34.29 37.95 -11.96
CA PHE D 618 32.87 37.66 -11.77
C PHE D 618 32.62 36.62 -10.67
N ARG D 619 33.45 36.56 -9.63
CA ARG D 619 33.39 35.49 -8.58
C ARG D 619 32.02 35.35 -7.90
N GLY D 620 31.26 36.40 -7.70
CA GLY D 620 29.90 36.29 -7.16
C GLY D 620 28.93 35.61 -8.14
N VAL D 621 29.08 35.86 -9.44
CA VAL D 621 28.25 35.23 -10.48
C VAL D 621 28.66 33.78 -10.70
N VAL D 622 29.95 33.46 -10.64
CA VAL D 622 30.46 32.08 -10.64
C VAL D 622 29.92 31.30 -9.44
N LEU D 623 29.91 31.86 -8.23
CA LEU D 623 29.27 31.23 -7.07
C LEU D 623 27.75 31.07 -7.24
N LEU D 624 27.03 32.06 -7.75
CA LEU D 624 25.61 31.91 -8.07
C LEU D 624 25.34 30.84 -9.15
N LEU D 625 26.21 30.67 -10.15
CA LEU D 625 26.11 29.56 -11.11
C LEU D 625 26.32 28.20 -10.45
N LEU D 626 27.24 28.06 -9.49
CA LEU D 626 27.38 26.83 -8.72
C LEU D 626 26.17 26.57 -7.83
N LEU D 627 25.65 27.58 -7.13
CA LEU D 627 24.45 27.44 -6.30
C LEU D 627 23.21 27.11 -7.13
N ALA D 628 23.07 27.68 -8.33
CA ALA D 628 22.05 27.27 -9.29
C ALA D 628 22.24 25.82 -9.74
N TYR D 629 23.44 25.38 -10.12
CA TYR D 629 23.68 23.98 -10.49
C TYR D 629 23.38 23.01 -9.34
N VAL D 630 23.84 23.29 -8.12
CA VAL D 630 23.62 22.44 -6.94
C VAL D 630 22.13 22.30 -6.65
N LEU D 631 21.39 23.40 -6.56
CA LEU D 631 19.97 23.35 -6.25
C LEU D 631 19.19 22.64 -7.36
N LEU D 632 19.42 22.96 -8.63
CA LEU D 632 18.75 22.26 -9.74
C LEU D 632 19.08 20.78 -9.79
N THR D 633 20.33 20.40 -9.58
CA THR D 633 20.77 19.00 -9.57
C THR D 633 20.23 18.22 -8.39
N TYR D 634 20.13 18.80 -7.20
CA TYR D 634 19.63 18.09 -6.03
C TYR D 634 18.09 17.98 -6.07
N VAL D 635 17.39 18.97 -6.63
CA VAL D 635 15.97 18.84 -7.03
C VAL D 635 15.78 17.74 -8.07
N LEU D 636 16.63 17.65 -9.09
CA LEU D 636 16.60 16.58 -10.08
C LEU D 636 16.86 15.20 -9.46
N LEU D 637 17.87 15.03 -8.61
CA LEU D 637 18.15 13.75 -7.93
C LEU D 637 16.99 13.36 -7.00
N LEU D 638 16.37 14.31 -6.32
CA LEU D 638 15.20 14.11 -5.48
C LEU D 638 13.96 13.68 -6.30
N ASN D 639 13.70 14.33 -7.44
CA ASN D 639 12.71 13.88 -8.43
C ASN D 639 13.01 12.48 -8.97
N MET D 640 14.26 12.16 -9.27
CA MET D 640 14.69 10.88 -9.81
C MET D 640 14.51 9.73 -8.81
N LEU D 641 14.94 9.89 -7.56
CA LEU D 641 14.74 8.87 -6.51
C LEU D 641 13.27 8.63 -6.22
N ILE D 642 12.46 9.68 -6.10
CA ILE D 642 11.02 9.56 -5.85
C ILE D 642 10.27 8.96 -7.05
N ALA D 643 10.64 9.29 -8.29
CA ALA D 643 10.11 8.63 -9.48
C ALA D 643 10.42 7.12 -9.48
N LEU D 644 11.66 6.71 -9.21
CA LEU D 644 12.06 5.31 -9.08
C LEU D 644 11.30 4.59 -7.96
N MET D 645 11.17 5.16 -6.76
CA MET D 645 10.37 4.57 -5.69
C MET D 645 8.91 4.38 -6.10
N SER D 646 8.31 5.36 -6.76
CA SER D 646 6.91 5.29 -7.17
C SER D 646 6.61 4.10 -8.12
N GLU D 647 7.53 3.75 -9.05
CA GLU D 647 7.33 2.59 -9.92
C GLU D 647 7.78 1.27 -9.28
N THR D 648 8.90 1.25 -8.56
CA THR D 648 9.53 0.01 -8.07
C THR D 648 9.08 -0.45 -6.68
N VAL D 649 8.52 0.42 -5.83
CA VAL D 649 8.01 0.03 -4.49
C VAL D 649 6.50 -0.10 -4.64
N ASN D 650 6.05 -1.15 -5.33
CA ASN D 650 4.61 -1.25 -5.63
C ASN D 650 3.91 -2.34 -4.80
N HIS D 651 4.63 -3.17 -4.05
CA HIS D 651 4.00 -4.30 -3.30
C HIS D 651 3.79 -5.55 -4.15
N VAL D 652 4.06 -5.51 -5.47
CA VAL D 652 4.00 -6.73 -6.28
C VAL D 652 4.81 -7.82 -5.56
N ALA D 653 4.25 -9.04 -5.45
CA ALA D 653 4.92 -10.15 -4.77
C ALA D 653 6.20 -10.56 -5.51
N ASP D 654 7.27 -10.85 -4.79
CA ASP D 654 8.61 -10.95 -5.36
C ASP D 654 8.75 -12.11 -6.38
N ASN D 655 9.05 -11.79 -7.64
CA ASN D 655 9.14 -12.82 -8.72
C ASN D 655 10.60 -13.20 -9.01
N SER D 656 11.49 -13.08 -8.03
CA SER D 656 12.91 -13.41 -8.15
C SER D 656 13.25 -14.90 -8.11
N TRP D 657 12.56 -15.72 -7.32
CA TRP D 657 12.78 -17.18 -7.32
C TRP D 657 12.54 -17.81 -8.69
N SER D 658 11.49 -17.37 -9.37
CA SER D 658 11.12 -17.86 -10.71
C SER D 658 12.02 -17.31 -11.82
N ILE D 659 12.49 -16.06 -11.72
CA ILE D 659 13.46 -15.52 -12.68
C ILE D 659 14.80 -16.23 -12.49
N TRP D 660 15.18 -16.58 -11.25
CA TRP D 660 16.32 -17.44 -10.99
C TRP D 660 16.15 -18.87 -11.54
N LYS D 661 14.98 -19.49 -11.40
CA LYS D 661 14.68 -20.78 -12.06
C LYS D 661 14.80 -20.71 -13.58
N LEU D 662 14.44 -19.60 -14.23
CA LEU D 662 14.69 -19.40 -15.66
C LEU D 662 16.18 -19.23 -15.99
N GLN D 663 16.95 -18.52 -15.17
CA GLN D 663 18.40 -18.43 -15.34
C GLN D 663 19.07 -19.81 -15.26
N LYS D 664 18.65 -20.66 -14.30
CA LYS D 664 19.08 -22.05 -14.23
C LYS D 664 18.61 -22.90 -15.41
N ALA D 665 17.41 -22.69 -15.94
CA ALA D 665 16.94 -23.35 -17.16
C ALA D 665 17.79 -23.01 -18.38
N ILE D 666 18.08 -21.72 -18.62
CA ILE D 666 18.94 -21.27 -19.72
C ILE D 666 20.36 -21.86 -19.60
N SER D 667 20.90 -21.89 -18.37
CA SER D 667 22.19 -22.49 -18.05
C SER D 667 22.23 -23.98 -18.36
N VAL D 668 21.23 -24.75 -17.91
CA VAL D 668 21.07 -26.18 -18.20
C VAL D 668 21.03 -26.46 -19.69
N LEU D 669 20.17 -25.77 -20.43
CA LEU D 669 19.95 -26.06 -21.84
C LEU D 669 21.16 -25.72 -22.71
N GLU D 670 22.04 -24.83 -22.25
CA GLU D 670 23.36 -24.64 -22.81
C GLU D 670 24.37 -25.73 -22.42
N MET D 671 24.47 -26.09 -21.15
CA MET D 671 25.37 -27.15 -20.67
C MET D 671 25.09 -28.52 -21.27
N GLU D 672 23.85 -28.86 -21.59
CA GLU D 672 23.50 -30.14 -22.21
C GLU D 672 24.15 -30.38 -23.58
N ASN D 673 24.58 -29.33 -24.29
CA ASN D 673 25.30 -29.46 -25.56
C ASN D 673 26.79 -29.76 -25.37
N GLY D 674 27.31 -29.72 -24.15
CA GLY D 674 28.74 -29.78 -23.89
C GLY D 674 29.43 -28.49 -24.29
N TYR D 675 30.54 -28.61 -25.00
CA TYR D 675 31.40 -27.50 -25.41
C TYR D 675 31.56 -27.46 -26.93
N TRP D 676 31.94 -26.33 -27.50
CA TRP D 676 32.09 -26.15 -28.95
C TRP D 676 33.02 -27.19 -29.62
N TRP D 677 34.01 -27.70 -28.88
CA TRP D 677 34.99 -28.72 -29.27
C TRP D 677 34.60 -30.15 -28.91
N CYS D 678 33.59 -30.36 -28.05
CA CYS D 678 33.19 -31.66 -27.50
C CYS D 678 31.69 -31.65 -27.25
N ARG D 679 30.93 -31.88 -28.33
CA ARG D 679 29.48 -31.73 -28.40
C ARG D 679 28.82 -32.97 -27.83
N ARG D 680 28.28 -32.85 -26.61
CA ARG D 680 27.78 -33.93 -25.74
C ARG D 680 26.58 -34.66 -26.36
N LYS D 681 26.56 -35.99 -26.26
CA LYS D 681 25.39 -36.80 -26.60
C LYS D 681 24.31 -36.68 -25.52
N LYS D 682 23.11 -36.20 -25.89
CA LYS D 682 22.03 -35.91 -24.93
C LYS D 682 21.38 -37.18 -24.39
N HIS D 683 21.33 -37.29 -23.05
CA HIS D 683 20.52 -38.27 -22.30
C HIS D 683 19.03 -37.90 -22.39
N ARG D 684 18.14 -38.91 -22.41
CA ARG D 684 16.68 -38.74 -22.55
C ARG D 684 15.99 -38.94 -21.21
N GLU D 685 15.17 -37.98 -20.79
CA GLU D 685 14.54 -37.96 -19.46
C GLU D 685 13.28 -38.83 -19.40
N GLY D 686 12.92 -39.29 -18.20
CA GLY D 686 11.78 -40.18 -18.01
C GLY D 686 12.03 -41.62 -18.47
N ARG D 687 10.95 -42.41 -18.54
CA ARG D 687 10.95 -43.83 -18.93
C ARG D 687 9.90 -44.07 -20.01
N LEU D 688 10.15 -44.99 -20.93
CA LEU D 688 9.13 -45.47 -21.85
C LEU D 688 8.12 -46.37 -21.12
N LEU D 689 6.90 -45.88 -20.90
CA LEU D 689 5.86 -46.56 -20.13
C LEU D 689 4.58 -46.68 -20.95
N LYS D 690 3.89 -47.82 -20.83
CA LYS D 690 2.52 -48.02 -21.33
C LYS D 690 1.54 -47.27 -20.42
N VAL D 691 0.86 -46.26 -20.94
CA VAL D 691 -0.17 -45.49 -20.22
C VAL D 691 -1.60 -45.96 -20.55
N GLY D 692 -1.78 -46.70 -21.64
CA GLY D 692 -3.07 -47.22 -22.09
C GLY D 692 -3.02 -47.88 -23.46
N THR D 693 -4.15 -47.89 -24.18
CA THR D 693 -4.27 -48.40 -25.56
C THR D 693 -4.51 -47.26 -26.55
N ARG D 694 -3.73 -47.20 -27.64
CA ARG D 694 -3.69 -46.07 -28.59
C ARG D 694 -4.91 -46.06 -29.52
N PRO D 699 0.44 -50.48 -28.30
CA PRO D 699 -0.27 -49.72 -27.28
C PRO D 699 0.11 -48.24 -27.23
N ASP D 700 -0.45 -47.52 -26.26
CA ASP D 700 -0.08 -46.13 -25.98
C ASP D 700 1.14 -46.11 -25.06
N GLU D 701 2.33 -46.20 -25.64
CA GLU D 701 3.61 -46.21 -24.92
C GLU D 701 4.33 -44.88 -25.15
N ARG D 702 4.67 -44.20 -24.02
CA ARG D 702 5.24 -42.84 -24.09
C ARG D 702 6.36 -42.59 -23.10
N TRP D 703 7.31 -41.73 -23.48
CA TRP D 703 8.34 -41.27 -22.56
C TRP D 703 7.72 -40.38 -21.49
N CYS D 704 7.35 -41.02 -20.38
CA CYS D 704 6.71 -40.41 -19.23
C CYS D 704 7.71 -40.09 -18.12
N PHE D 705 7.45 -39.03 -17.39
CA PHE D 705 8.26 -38.57 -16.28
C PHE D 705 7.41 -38.46 -15.01
N ARG D 706 7.83 -39.18 -13.96
CA ARG D 706 7.03 -39.29 -12.70
C ARG D 706 7.28 -38.13 -11.75
N VAL D 707 6.23 -37.39 -11.42
CA VAL D 707 6.24 -36.30 -10.44
C VAL D 707 5.41 -36.73 -9.24
N GLU D 708 5.88 -36.45 -8.03
CA GLU D 708 5.16 -36.71 -6.78
C GLU D 708 4.82 -35.37 -6.12
N GLU D 709 3.54 -35.06 -5.96
CA GLU D 709 3.07 -33.83 -5.33
C GLU D 709 2.47 -34.13 -3.96
N VAL D 710 2.94 -33.46 -2.91
CA VAL D 710 2.30 -33.44 -1.59
C VAL D 710 1.63 -32.09 -1.40
N ASN D 711 0.32 -32.06 -1.14
CA ASN D 711 -0.44 -30.82 -1.07
C ASN D 711 -1.61 -30.92 -0.07
N TRP D 712 -1.30 -30.78 1.22
CA TRP D 712 -2.29 -30.76 2.30
C TRP D 712 -3.33 -29.66 2.10
N ALA D 713 -2.90 -28.44 1.79
CA ALA D 713 -3.80 -27.29 1.66
C ALA D 713 -4.88 -27.49 0.59
N ALA D 714 -4.55 -28.08 -0.57
CA ALA D 714 -5.53 -28.41 -1.60
C ALA D 714 -6.34 -29.66 -1.24
N TRP D 715 -5.72 -30.69 -0.67
CA TRP D 715 -6.38 -31.95 -0.34
C TRP D 715 -7.43 -31.81 0.76
N GLU D 716 -7.16 -31.06 1.82
CA GLU D 716 -8.09 -30.91 2.94
C GLU D 716 -9.43 -30.28 2.54
N LYS D 717 -9.43 -29.45 1.49
CA LYS D 717 -10.63 -28.83 0.91
C LYS D 717 -11.53 -29.82 0.17
N THR D 718 -11.04 -31.04 -0.12
CA THR D 718 -11.80 -32.14 -0.75
C THR D 718 -12.39 -33.13 0.26
N LEU D 719 -12.05 -33.05 1.55
CA LEU D 719 -12.51 -34.00 2.56
C LEU D 719 -14.04 -33.92 2.78
O1 PEX E . 22.75 -10.93 33.45
O2 PEX E . 24.46 -12.64 33.39
P1 PEX E . 24.09 -11.28 32.93
O3 PEX E . 25.16 -10.18 33.38
C1 PEX E . 26.50 -10.56 33.73
C2 PEX E . 27.13 -9.42 34.55
C3 PEX E . 26.43 -9.24 35.91
O4 PEX E . 26.84 -10.28 36.81
C4 PEX E . 26.60 -10.13 38.14
O5 PEX E . 26.14 -9.11 38.62
C5 PEX E . 27.35 -11.17 38.94
C6 PEX E . 27.87 -10.68 40.31
C7 PEX E . 29.00 -11.61 40.82
C8 PEX E . 29.51 -11.22 42.23
C9 PEX E . 30.82 -11.94 42.63
C10 PEX E . 30.71 -13.48 42.69
C11 PEX E . 31.99 -14.13 43.26
C12 PEX E . 31.95 -15.67 43.27
C13 PEX E . 32.21 -16.29 41.87
O6 PEX E . 28.53 -9.71 34.78
C14 PEX E . 29.34 -8.69 35.19
O7 PEX E . 29.00 -7.53 35.24
C15 PEX E . 30.73 -9.15 35.57
C16 PEX E . 30.84 -9.43 37.09
C17 PEX E . 32.15 -8.89 37.70
C18 PEX E . 32.11 -7.38 37.98
C19 PEX E . 31.39 -7.03 39.32
C20 PEX E . 31.33 -5.51 39.57
C21 PEX E . 30.58 -5.19 40.88
C22 PEX E . 30.24 -3.69 41.03
C23 PEX E . 29.26 -3.42 42.19
O8 PEX E . 24.12 -11.12 31.33
C24 PEX E . 25.17 -11.67 30.52
C25 PEX E . 24.65 -11.70 29.05
N1 PEX E . 23.68 -12.84 28.73
C13 RTO F . -3.79 -45.35 -4.21
C15 RTO F . -3.21 -47.07 -5.79
C17 RTO F . -4.79 -45.26 -6.45
C01 RTO F . 1.25 -45.94 0.67
C02 RTO F . 1.35 -45.41 -0.76
C03 RTO F . 0.03 -45.65 -1.46
C05 RTO F . 1.05 -46.91 -3.34
C06 RTO F . 2.16 -47.92 -3.07
C07 RTO F . 3.18 -47.81 -4.20
C11 RTO F . -2.28 -47.08 -3.59
C12 RTO F . -2.98 -45.94 -3.27
C14 RTO F . -3.91 -45.91 -5.47
C16 RTO F . -2.40 -47.65 -4.85
N04 RTO F . 0.11 -46.89 -2.24
O09 RTO F . -1.99 -47.54 -1.17
O10 RTO F . -0.91 -49.09 -2.77
O18 RTO F . -5.35 -44.23 -6.16
O19 RTO F . -4.96 -45.81 -7.66
S08 RTO F . -1.27 -47.79 -2.35
O1 PEX G . 1.73 36.80 19.95
O2 PEX G . 2.47 37.04 22.25
P1 PEX G . 2.90 36.72 20.86
O3 PEX G . 4.06 37.69 20.36
C1 PEX G . 4.89 38.40 21.29
C2 PEX G . 5.57 39.56 20.55
C3 PEX G . 4.54 40.61 20.08
O4 PEX G . 4.11 41.41 21.20
C4 PEX G . 3.48 42.59 20.96
O5 PEX G . 3.34 43.05 19.84
C5 PEX G . 3.37 43.41 22.22
C6 PEX G . 3.49 44.93 22.02
C7 PEX G . 3.85 45.63 23.35
C8 PEX G . 3.90 47.17 23.24
C9 PEX G . 4.54 47.86 24.47
C10 PEX G . 3.79 47.62 25.79
C11 PEX G . 4.37 48.47 26.94
C12 PEX G . 3.70 48.20 28.31
C13 PEX G . 4.19 46.89 28.97
O6 PEX G . 6.52 40.20 21.44
C14 PEX G . 7.46 41.02 20.88
O7 PEX G . 7.63 41.15 19.69
C15 PEX G . 8.28 41.77 21.91
C16 PEX G . 7.69 43.16 22.22
C17 PEX G . 8.76 44.26 22.32
C18 PEX G . 9.24 44.77 20.94
C19 PEX G . 8.29 45.82 20.31
C20 PEX G . 8.76 46.29 18.93
C21 PEX G . 7.77 47.30 18.31
C22 PEX G . 8.06 47.58 16.82
C23 PEX G . 6.92 48.37 16.14
O8 PEX G . 3.59 35.28 20.73
C24 PEX G . 4.54 34.79 21.69
C25 PEX G . 4.65 33.25 21.49
N1 PEX G . 3.50 32.43 22.07
C13 RTO H . -20.21 -12.86 38.92
C15 RTO H . -19.84 -14.41 40.72
C17 RTO H . -20.15 -15.25 38.39
C01 RTO H . -18.12 -6.73 41.70
C02 RTO H . -17.27 -7.93 41.27
C03 RTO H . -18.20 -9.07 40.89
C05 RTO H . -17.17 -10.68 42.48
C06 RTO H . -16.76 -10.22 43.88
C07 RTO H . -15.45 -10.91 44.22
C11 RTO H . -19.90 -12.07 41.15
C12 RTO H . -20.14 -11.81 39.82
C14 RTO H . -20.06 -14.15 39.37
C16 RTO H . -19.76 -13.36 41.60
N04 RTO H . -18.36 -9.97 42.04
O09 RTO H . -20.77 -9.80 41.69
O10 RTO H . -19.90 -11.18 43.56
O18 RTO H . -20.31 -15.00 37.22
O19 RTO H . -20.06 -16.53 38.81
S08 RTO H . -19.83 -10.70 42.23
O1 PEX I . 9.04 25.29 -32.16
O2 PEX I . 8.88 27.70 -32.05
P1 PEX I . 9.63 26.51 -31.57
O3 PEX I . 11.18 26.60 -31.92
C1 PEX I . 11.81 27.86 -32.19
C2 PEX I . 13.13 27.60 -32.92
C3 PEX I . 12.89 27.00 -34.32
O4 PEX I . 12.44 28.03 -35.23
C4 PEX I . 12.49 27.79 -36.57
O5 PEX I . 12.99 26.78 -37.04
C5 PEX I . 12.26 29.06 -37.34
C6 PEX I . 13.06 29.18 -38.66
C7 PEX I . 13.14 30.64 -39.12
C8 PEX I . 13.86 30.82 -40.48
C9 PEX I . 14.21 32.29 -40.81
C10 PEX I . 12.99 33.22 -40.92
C11 PEX I . 13.38 34.63 -41.43
C12 PEX I . 12.20 35.62 -41.48
C13 PEX I . 11.82 36.18 -40.09
O6 PEX I . 13.85 28.85 -33.07
C14 PEX I . 15.17 28.80 -33.39
O7 PEX I . 15.82 27.78 -33.43
C15 PEX I . 15.77 30.16 -33.69
C16 PEX I . 15.74 30.47 -35.20
C17 PEX I . 17.04 31.12 -35.71
C18 PEX I . 18.17 30.09 -35.96
C19 PEX I . 18.05 29.36 -37.32
C20 PEX I . 19.16 28.32 -37.54
C21 PEX I . 18.99 27.58 -38.88
C22 PEX I . 19.91 26.35 -39.01
C23 PEX I . 19.54 25.47 -40.22
O8 PEX I . 9.66 26.37 -29.97
C24 PEX I . 9.89 27.49 -29.10
C25 PEX I . 9.42 27.09 -27.68
N1 PEX I . 7.91 27.11 -27.46
C13 RTO J . -36.76 27.03 2.57
C15 RTO J . -37.77 28.56 4.14
C17 RTO J . -37.50 26.15 4.75
C01 RTO J . -33.56 31.34 -1.98
C02 RTO J . -33.19 31.03 -0.53
C03 RTO J . -34.28 30.17 0.08
C05 RTO J . -34.69 31.72 1.98
C06 RTO J . -34.69 33.23 1.76
C07 RTO J . -34.01 33.88 2.95
C11 RTO J . -37.02 29.33 2.01
C12 RTO J . -36.61 28.06 1.67
C14 RTO J . -37.34 27.27 3.80
C16 RTO J . -37.61 29.58 3.23
N04 RTO J . -35.22 31.03 0.82
O09 RTO J . -37.02 29.92 -0.41
O10 RTO J . -37.57 31.71 1.22
O18 RTO J . -37.08 25.06 4.45
O19 RTO J . -38.11 26.35 5.93
S08 RTO J . -36.81 30.59 0.82
O1 PEX K . 30.06 -22.44 -18.67
O2 PEX K . 30.87 -21.98 -20.90
P1 PEX K . 30.82 -21.49 -19.50
O3 PEX K . 32.28 -21.27 -18.89
C1 PEX K . 33.42 -21.09 -19.75
C2 PEX K . 34.69 -21.37 -18.92
C3 PEX K . 34.77 -22.85 -18.50
O4 PEX K . 35.16 -23.67 -19.61
C4 PEX K . 35.61 -24.93 -19.38
O5 PEX K . 35.79 -25.38 -18.26
C5 PEX K . 36.23 -25.52 -20.62
C6 PEX K . 37.45 -26.44 -20.37
C7 PEX K . 38.29 -26.59 -21.65
C8 PEX K . 39.47 -27.57 -21.49
C9 PEX K . 40.49 -27.52 -22.65
C10 PEX K . 39.91 -27.87 -24.03
C11 PEX K . 41.01 -27.98 -25.12
C12 PEX K . 40.46 -28.25 -26.53
C13 PEX K . 39.84 -27.00 -27.19
O6 PEX K . 35.85 -21.06 -19.73
C14 PEX K . 37.05 -20.91 -19.09
O7 PEX K . 37.18 -20.91 -17.88
C15 PEX K . 38.22 -20.76 -20.04
C16 PEX K . 38.89 -22.12 -20.34
C17 PEX K . 40.43 -22.05 -20.33
C18 PEX K . 41.04 -22.05 -18.91
C19 PEX K . 41.15 -23.48 -18.32
C20 PEX K . 41.73 -23.47 -16.89
C21 PEX K . 41.79 -24.91 -16.30
C22 PEX K . 42.09 -24.93 -14.79
C23 PEX K . 41.88 -26.32 -14.17
O8 PEX K . 30.19 -20.02 -19.36
C24 PEX K . 30.51 -18.95 -20.26
C25 PEX K . 29.42 -17.86 -20.11
N1 PEX K . 28.09 -18.16 -20.80
C13 RTO L . -20.34 -5.47 -40.56
C15 RTO L . -21.14 -4.10 -42.37
C17 RTO L . -22.13 -3.85 -40.09
C01 RTO L . -14.19 -7.86 -43.00
C02 RTO L . -14.56 -6.45 -42.56
C03 RTO L . -16.05 -6.40 -42.28
C05 RTO L . -16.47 -4.52 -43.84
C06 RTO L . -15.76 -4.47 -45.19
C07 RTO L . -15.38 -3.02 -45.47
C11 RTO L . -19.40 -5.69 -42.73
C12 RTO L . -19.45 -6.08 -41.42
C14 RTO L . -21.19 -4.48 -41.03
C16 RTO L . -20.25 -4.71 -43.22
N04 RTO L . -16.75 -5.89 -43.46
O09 RTO L . -18.24 -7.82 -43.27
O10 RTO L . -18.58 -6.20 -45.11
O18 RTO L . -22.13 -4.17 -38.93
O19 RTO L . -23.01 -2.93 -40.55
S08 RTO L . -18.25 -6.50 -43.77
#